data_1WIM
#
_entry.id   1WIM
#
_cell.length_a   1.000
_cell.length_b   1.000
_cell.length_c   1.000
_cell.angle_alpha   90.00
_cell.angle_beta   90.00
_cell.angle_gamma   90.00
#
_symmetry.space_group_name_H-M   'P 1'
#
loop_
_entity.id
_entity.type
_entity.pdbx_description
1 polymer 'KIAA0161 protein'
2 non-polymer 'ZINC ION'
#
_entity_poly.entity_id   1
_entity_poly.type   'polypeptide(L)'
_entity_poly.pdbx_seq_one_letter_code
;GSSGSSGCKLCLGEYPVEQMTTIAQCQCIFCTLCLKQYVELLIKEGLETAISCPDAACPKQGHLQENEIECMVAAEIMQR
YKKLQFERSGPSSG
;
_entity_poly.pdbx_strand_id   A
#
# COMPACT_ATOMS: atom_id res chain seq x y z
N GLY A 1 25.91 -5.31 -15.95
CA GLY A 1 24.62 -4.84 -16.40
C GLY A 1 24.07 -3.73 -15.51
N SER A 2 23.14 -2.96 -16.04
CA SER A 2 22.54 -1.86 -15.30
C SER A 2 21.47 -2.37 -14.33
N SER A 3 21.56 -1.94 -13.08
CA SER A 3 20.61 -2.37 -12.05
C SER A 3 20.64 -1.42 -10.87
N GLY A 4 19.64 -1.55 -9.99
CA GLY A 4 19.57 -0.70 -8.82
C GLY A 4 18.26 0.07 -8.74
N SER A 5 17.98 0.89 -9.74
CA SER A 5 16.76 1.67 -9.78
C SER A 5 15.59 0.83 -10.27
N SER A 6 14.46 0.90 -9.56
CA SER A 6 13.28 0.15 -9.93
C SER A 6 12.22 1.05 -10.55
N GLY A 7 12.41 2.37 -10.40
CA GLY A 7 11.47 3.32 -10.95
C GLY A 7 10.11 3.26 -10.26
N CYS A 8 9.30 4.28 -10.48
CA CYS A 8 7.97 4.34 -9.88
C CYS A 8 6.91 4.62 -10.95
N LYS A 9 5.74 4.00 -10.78
CA LYS A 9 4.65 4.18 -11.74
C LYS A 9 3.58 5.10 -11.15
N LEU A 10 3.86 5.68 -9.99
CA LEU A 10 2.93 6.58 -9.32
C LEU A 10 3.37 8.04 -9.49
N CYS A 11 4.56 8.35 -9.00
CA CYS A 11 5.09 9.70 -9.09
C CYS A 11 6.07 9.82 -10.26
N LEU A 12 6.20 8.75 -11.03
CA LEU A 12 7.09 8.74 -12.18
C LEU A 12 8.48 9.25 -11.79
N GLY A 13 8.94 8.83 -10.62
CA GLY A 13 10.26 9.27 -10.16
C GLY A 13 11.17 8.09 -9.87
N GLU A 14 12.48 8.31 -10.03
CA GLU A 14 13.47 7.27 -9.79
C GLU A 14 13.95 7.29 -8.35
N TYR A 15 14.06 6.11 -7.75
CA TYR A 15 14.51 5.99 -6.37
C TYR A 15 15.19 4.64 -6.13
N PRO A 16 16.15 4.63 -5.20
CA PRO A 16 16.90 3.41 -4.86
C PRO A 16 16.03 2.39 -4.12
N VAL A 17 16.37 1.11 -4.29
CA VAL A 17 15.61 0.03 -3.65
C VAL A 17 15.51 0.26 -2.14
N GLU A 18 16.35 1.16 -1.62
CA GLU A 18 16.36 1.46 -0.20
C GLU A 18 15.06 2.15 0.21
N GLN A 19 14.59 3.07 -0.62
CA GLN A 19 13.35 3.79 -0.33
C GLN A 19 12.20 3.26 -1.20
N MET A 20 12.15 1.94 -1.35
CA MET A 20 11.10 1.32 -2.15
C MET A 20 10.53 0.10 -1.43
N THR A 21 9.36 -0.35 -1.89
CA THR A 21 8.70 -1.51 -1.28
C THR A 21 8.12 -2.42 -2.36
N THR A 22 8.63 -3.64 -2.44
CA THR A 22 8.16 -4.61 -3.42
C THR A 22 7.00 -5.44 -2.86
N ILE A 23 5.82 -5.27 -3.45
CA ILE A 23 4.64 -5.99 -3.01
C ILE A 23 4.75 -7.48 -3.35
N ALA A 24 4.61 -8.31 -2.32
CA ALA A 24 4.70 -9.75 -2.49
C ALA A 24 3.35 -10.33 -2.95
N GLN A 25 2.54 -9.49 -3.58
CA GLN A 25 1.22 -9.91 -4.06
C GLN A 25 1.14 -9.82 -5.58
N CYS A 26 1.67 -8.72 -6.12
CA CYS A 26 1.65 -8.51 -7.56
C CYS A 26 3.01 -8.02 -8.05
N GLN A 27 4.07 -8.48 -7.40
CA GLN A 27 5.42 -8.09 -7.77
C GLN A 27 5.46 -6.64 -8.22
N CYS A 28 4.78 -5.77 -7.48
CA CYS A 28 4.74 -4.35 -7.79
C CYS A 28 5.56 -3.55 -6.79
N ILE A 29 6.57 -2.84 -7.29
CA ILE A 29 7.44 -2.03 -6.45
C ILE A 29 7.07 -0.55 -6.54
N PHE A 30 7.16 0.15 -5.41
CA PHE A 30 6.83 1.56 -5.35
C PHE A 30 7.62 2.26 -4.25
N CYS A 31 7.85 3.56 -4.43
CA CYS A 31 8.59 4.35 -3.45
C CYS A 31 7.76 4.57 -2.20
N THR A 32 8.32 4.21 -1.04
CA THR A 32 7.64 4.36 0.23
C THR A 32 6.72 5.58 0.22
N LEU A 33 7.30 6.75 -0.03
CA LEU A 33 6.54 7.99 -0.07
C LEU A 33 5.16 7.76 -0.68
N CYS A 34 5.13 7.48 -1.98
CA CYS A 34 3.88 7.23 -2.68
C CYS A 34 3.02 6.24 -1.92
N LEU A 35 3.46 4.99 -1.87
CA LEU A 35 2.72 3.94 -1.18
C LEU A 35 2.11 4.47 0.12
N LYS A 36 2.87 5.30 0.82
CA LYS A 36 2.39 5.89 2.08
C LYS A 36 1.19 6.78 1.84
N GLN A 37 1.32 7.72 0.91
CA GLN A 37 0.24 8.63 0.59
C GLN A 37 -0.95 7.89 0.01
N TYR A 38 -0.68 6.77 -0.66
CA TYR A 38 -1.74 5.96 -1.27
C TYR A 38 -2.59 5.29 -0.20
N VAL A 39 -1.97 4.41 0.58
CA VAL A 39 -2.67 3.70 1.63
C VAL A 39 -3.31 4.67 2.63
N GLU A 40 -2.63 5.79 2.87
CA GLU A 40 -3.13 6.80 3.79
C GLU A 40 -4.40 7.45 3.25
N LEU A 41 -4.30 8.08 2.09
CA LEU A 41 -5.44 8.75 1.47
C LEU A 41 -6.67 7.85 1.51
N LEU A 42 -6.47 6.57 1.25
CA LEU A 42 -7.57 5.60 1.25
C LEU A 42 -8.16 5.46 2.65
N ILE A 43 -7.34 5.01 3.59
CA ILE A 43 -7.78 4.84 4.96
C ILE A 43 -8.44 6.10 5.50
N LYS A 44 -7.71 7.21 5.44
CA LYS A 44 -8.22 8.49 5.91
C LYS A 44 -9.71 8.62 5.62
N GLU A 45 -10.11 8.26 4.39
CA GLU A 45 -11.50 8.33 3.99
C GLU A 45 -12.40 7.62 4.98
N GLY A 46 -12.22 6.30 5.10
CA GLY A 46 -13.03 5.52 6.02
C GLY A 46 -14.21 4.86 5.33
N LEU A 47 -13.99 4.37 4.12
CA LEU A 47 -15.05 3.71 3.36
C LEU A 47 -14.65 2.29 3.00
N GLU A 48 -13.36 2.07 2.78
CA GLU A 48 -12.85 0.76 2.43
C GLU A 48 -11.55 0.46 3.17
N THR A 49 -11.44 -0.75 3.72
CA THR A 49 -10.26 -1.17 4.45
C THR A 49 -9.23 -1.82 3.53
N ALA A 50 -9.72 -2.68 2.64
CA ALA A 50 -8.84 -3.36 1.70
C ALA A 50 -8.00 -2.37 0.90
N ILE A 51 -6.68 -2.49 1.03
CA ILE A 51 -5.77 -1.60 0.31
C ILE A 51 -5.29 -2.23 -1.00
N SER A 52 -6.10 -2.08 -2.04
CA SER A 52 -5.77 -2.64 -3.35
C SER A 52 -4.44 -2.07 -3.86
N CYS A 53 -4.00 -2.55 -5.01
CA CYS A 53 -2.76 -2.09 -5.61
C CYS A 53 -2.90 -0.67 -6.13
N PRO A 54 -1.88 0.17 -5.86
CA PRO A 54 -1.87 1.58 -6.29
C PRO A 54 -1.71 1.71 -7.79
N ASP A 55 -1.68 0.58 -8.50
CA ASP A 55 -1.53 0.58 -9.94
C ASP A 55 -2.84 0.20 -10.63
N ALA A 56 -3.36 1.12 -11.44
CA ALA A 56 -4.60 0.88 -12.16
C ALA A 56 -4.41 -0.12 -13.30
N ALA A 57 -3.18 -0.23 -13.78
CA ALA A 57 -2.85 -1.14 -14.86
C ALA A 57 -2.23 -2.43 -14.33
N CYS A 58 -2.80 -2.96 -13.25
CA CYS A 58 -2.29 -4.18 -12.64
C CYS A 58 -3.10 -5.38 -13.10
N PRO A 59 -2.46 -6.28 -13.86
CA PRO A 59 -3.11 -7.49 -14.37
C PRO A 59 -3.41 -8.50 -13.27
N LYS A 60 -2.75 -8.33 -12.13
CA LYS A 60 -2.95 -9.23 -10.99
C LYS A 60 -3.84 -8.59 -9.94
N GLN A 61 -3.94 -7.26 -9.99
CA GLN A 61 -4.77 -6.53 -9.04
C GLN A 61 -4.54 -7.03 -7.61
N GLY A 62 -3.28 -7.08 -7.20
CA GLY A 62 -2.95 -7.55 -5.87
C GLY A 62 -3.39 -6.57 -4.80
N HIS A 63 -3.31 -7.01 -3.54
CA HIS A 63 -3.71 -6.16 -2.42
C HIS A 63 -2.55 -5.97 -1.45
N LEU A 64 -2.66 -4.98 -0.57
CA LEU A 64 -1.62 -4.69 0.41
C LEU A 64 -1.98 -5.29 1.77
N GLN A 65 -1.25 -6.32 2.17
CA GLN A 65 -1.49 -6.98 3.45
C GLN A 65 -1.38 -5.97 4.59
N GLU A 66 -1.81 -6.41 5.78
CA GLU A 66 -1.77 -5.55 6.96
C GLU A 66 -0.34 -5.23 7.35
N ASN A 67 0.48 -6.27 7.47
CA ASN A 67 1.89 -6.11 7.85
C ASN A 67 2.51 -4.94 7.10
N GLU A 68 2.27 -4.88 5.79
CA GLU A 68 2.81 -3.81 4.96
C GLU A 68 2.34 -2.45 5.46
N ILE A 69 1.03 -2.28 5.53
CA ILE A 69 0.44 -1.02 5.99
C ILE A 69 0.99 -0.63 7.36
N GLU A 70 0.86 -1.55 8.32
CA GLU A 70 1.34 -1.30 9.67
C GLU A 70 2.61 -0.44 9.65
N CYS A 71 3.60 -0.89 8.91
CA CYS A 71 4.87 -0.16 8.81
C CYS A 71 4.72 1.08 7.94
N MET A 72 4.09 0.91 6.78
CA MET A 72 3.87 2.01 5.86
C MET A 72 3.42 3.26 6.60
N VAL A 73 2.35 3.12 7.38
CA VAL A 73 1.81 4.25 8.13
C VAL A 73 2.21 4.16 9.61
N ALA A 74 1.92 5.21 10.36
CA ALA A 74 2.26 5.25 11.78
C ALA A 74 1.09 4.75 12.63
N ALA A 75 1.39 4.33 13.86
CA ALA A 75 0.37 3.83 14.76
C ALA A 75 -0.89 4.67 14.69
N GLU A 76 -0.74 5.97 14.95
CA GLU A 76 -1.88 6.89 14.92
C GLU A 76 -2.78 6.61 13.71
N ILE A 77 -2.15 6.46 12.54
CA ILE A 77 -2.90 6.19 11.32
C ILE A 77 -3.43 4.76 11.31
N MET A 78 -2.51 3.79 11.42
CA MET A 78 -2.90 2.38 11.43
C MET A 78 -4.25 2.18 12.12
N GLN A 79 -4.36 2.70 13.34
CA GLN A 79 -5.60 2.57 14.10
C GLN A 79 -6.82 2.75 13.20
N ARG A 80 -6.81 3.82 12.41
CA ARG A 80 -7.92 4.10 11.50
C ARG A 80 -8.23 2.88 10.63
N TYR A 81 -7.19 2.27 10.08
CA TYR A 81 -7.35 1.10 9.22
C TYR A 81 -7.77 -0.12 10.04
N LYS A 82 -7.21 -0.24 11.24
CA LYS A 82 -7.52 -1.35 12.13
C LYS A 82 -9.02 -1.41 12.41
N LYS A 83 -9.60 -0.26 12.73
CA LYS A 83 -11.02 -0.18 13.03
C LYS A 83 -11.86 -0.42 11.77
N LEU A 84 -11.31 -0.03 10.62
CA LEU A 84 -12.00 -0.21 9.35
C LEU A 84 -12.18 -1.69 9.02
N GLN A 85 -11.18 -2.49 9.39
CA GLN A 85 -11.22 -3.92 9.14
C GLN A 85 -12.45 -4.55 9.80
N PHE A 86 -12.60 -4.34 11.09
CA PHE A 86 -13.73 -4.88 11.83
C PHE A 86 -15.05 -4.52 11.17
N GLU A 87 -15.24 -3.23 10.92
CA GLU A 87 -16.47 -2.75 10.28
C GLU A 87 -16.91 -3.71 9.18
N ARG A 88 -15.96 -4.18 8.39
CA ARG A 88 -16.27 -5.11 7.30
C ARG A 88 -15.76 -6.51 7.62
N SER A 89 -16.56 -7.24 8.40
CA SER A 89 -16.20 -8.60 8.79
C SER A 89 -17.42 -9.51 8.80
N GLY A 90 -17.30 -10.67 8.15
CA GLY A 90 -18.41 -11.60 8.11
C GLY A 90 -19.72 -10.94 7.75
N PRO A 91 -19.85 -10.49 6.50
CA PRO A 91 -21.05 -9.81 6.01
C PRO A 91 -22.23 -10.77 5.88
N SER A 92 -21.97 -12.05 6.12
CA SER A 92 -23.02 -13.07 6.03
C SER A 92 -23.11 -13.87 7.33
N SER A 93 -21.96 -14.29 7.84
CA SER A 93 -21.91 -15.07 9.07
C SER A 93 -21.88 -14.16 10.28
N GLY A 94 -22.81 -14.40 11.22
CA GLY A 94 -22.87 -13.58 12.42
C GLY A 94 -22.34 -14.32 13.64
N GLY A 1 19.01 -1.88 -19.86
CA GLY A 1 19.96 -2.40 -18.88
C GLY A 1 20.37 -1.36 -17.86
N SER A 2 21.62 -1.44 -17.41
CA SER A 2 22.14 -0.51 -16.43
C SER A 2 21.18 -0.36 -15.25
N SER A 3 20.75 -1.50 -14.71
CA SER A 3 19.82 -1.50 -13.58
C SER A 3 20.35 -0.62 -12.45
N GLY A 4 19.52 -0.44 -11.42
CA GLY A 4 19.91 0.38 -10.29
C GLY A 4 18.82 1.32 -9.85
N SER A 5 18.47 2.28 -10.70
CA SER A 5 17.43 3.25 -10.39
C SER A 5 16.05 2.70 -10.73
N SER A 6 15.27 2.41 -9.69
CA SER A 6 13.93 1.86 -9.87
C SER A 6 13.02 2.89 -10.54
N GLY A 7 11.74 2.54 -10.68
CA GLY A 7 10.78 3.44 -11.30
C GLY A 7 9.42 3.38 -10.64
N CYS A 8 8.72 4.51 -10.64
CA CYS A 8 7.40 4.58 -10.03
C CYS A 8 6.31 4.65 -11.11
N LYS A 9 5.07 4.42 -10.69
CA LYS A 9 3.94 4.45 -11.61
C LYS A 9 3.11 5.71 -11.42
N LEU A 10 3.08 6.22 -10.18
CA LEU A 10 2.33 7.42 -9.86
C LEU A 10 3.12 8.67 -10.21
N CYS A 11 4.14 8.95 -9.41
CA CYS A 11 4.99 10.12 -9.63
C CYS A 11 5.95 9.89 -10.78
N LEU A 12 6.07 8.63 -11.20
CA LEU A 12 6.96 8.27 -12.29
C LEU A 12 8.35 8.86 -12.08
N GLY A 13 8.89 8.68 -10.88
CA GLY A 13 10.21 9.20 -10.58
C GLY A 13 11.25 8.11 -10.48
N GLU A 14 12.51 8.46 -10.76
CA GLU A 14 13.60 7.51 -10.72
C GLU A 14 14.26 7.50 -9.33
N TYR A 15 13.96 6.46 -8.55
CA TYR A 15 14.52 6.33 -7.21
C TYR A 15 15.17 4.96 -7.02
N PRO A 16 16.17 4.91 -6.13
CA PRO A 16 16.90 3.66 -5.83
C PRO A 16 16.04 2.66 -5.08
N VAL A 17 16.21 1.38 -5.40
CA VAL A 17 15.45 0.32 -4.75
C VAL A 17 15.47 0.48 -3.23
N GLU A 18 16.45 1.23 -2.73
CA GLU A 18 16.57 1.46 -1.29
C GLU A 18 15.37 2.24 -0.77
N GLN A 19 14.87 3.17 -1.57
CA GLN A 19 13.73 3.98 -1.18
C GLN A 19 12.47 3.53 -1.90
N MET A 20 12.27 2.21 -1.97
CA MET A 20 11.10 1.64 -2.63
C MET A 20 10.54 0.47 -1.83
N THR A 21 9.30 0.10 -2.13
CA THR A 21 8.64 -1.00 -1.43
C THR A 21 8.05 -2.00 -2.42
N THR A 22 8.64 -3.19 -2.49
CA THR A 22 8.17 -4.23 -3.39
C THR A 22 7.07 -5.06 -2.74
N ILE A 23 5.89 -5.07 -3.34
CA ILE A 23 4.77 -5.83 -2.83
C ILE A 23 4.91 -7.31 -3.16
N ALA A 24 4.69 -8.16 -2.16
CA ALA A 24 4.80 -9.60 -2.34
C ALA A 24 3.45 -10.20 -2.75
N GLN A 25 2.57 -9.35 -3.28
CA GLN A 25 1.26 -9.80 -3.71
C GLN A 25 1.13 -9.75 -5.24
N CYS A 26 1.59 -8.65 -5.83
CA CYS A 26 1.53 -8.47 -7.28
C CYS A 26 2.88 -8.02 -7.83
N GLN A 27 3.94 -8.29 -7.08
CA GLN A 27 5.29 -7.91 -7.48
C GLN A 27 5.31 -6.49 -8.03
N CYS A 28 4.65 -5.58 -7.32
CA CYS A 28 4.59 -4.18 -7.73
C CYS A 28 5.40 -3.30 -6.79
N ILE A 29 6.39 -2.60 -7.35
CA ILE A 29 7.24 -1.72 -6.56
C ILE A 29 6.75 -0.29 -6.62
N PHE A 30 6.94 0.44 -5.52
CA PHE A 30 6.51 1.83 -5.44
C PHE A 30 7.35 2.61 -4.43
N CYS A 31 7.62 3.87 -4.74
CA CYS A 31 8.42 4.72 -3.87
C CYS A 31 7.70 4.97 -2.55
N THR A 32 8.41 4.74 -1.44
CA THR A 32 7.84 4.94 -0.12
C THR A 32 6.83 6.09 -0.12
N LEU A 33 7.32 7.29 -0.42
CA LEU A 33 6.47 8.47 -0.46
C LEU A 33 5.07 8.11 -0.96
N CYS A 34 4.96 7.76 -2.22
CA CYS A 34 3.68 7.40 -2.82
C CYS A 34 3.05 6.22 -2.08
N LEU A 35 3.65 5.05 -2.25
CA LEU A 35 3.14 3.84 -1.59
C LEU A 35 2.65 4.15 -0.19
N LYS A 36 3.21 5.18 0.42
CA LYS A 36 2.82 5.59 1.76
C LYS A 36 1.57 6.47 1.72
N GLN A 37 1.66 7.60 1.03
CA GLN A 37 0.54 8.52 0.92
C GLN A 37 -0.68 7.82 0.36
N TYR A 38 -0.46 6.76 -0.40
CA TYR A 38 -1.55 5.99 -1.00
C TYR A 38 -2.39 5.31 0.07
N VAL A 39 -1.81 4.30 0.71
CA VAL A 39 -2.50 3.56 1.76
C VAL A 39 -3.02 4.50 2.85
N GLU A 40 -2.26 5.57 3.10
CA GLU A 40 -2.63 6.54 4.12
C GLU A 40 -3.92 7.26 3.74
N LEU A 41 -3.88 7.98 2.62
CA LEU A 41 -5.05 8.73 2.15
C LEU A 41 -6.28 7.81 2.08
N LEU A 42 -6.08 6.60 1.59
CA LEU A 42 -7.16 5.62 1.48
C LEU A 42 -7.81 5.37 2.83
N ILE A 43 -6.99 5.29 3.88
CA ILE A 43 -7.49 5.05 5.23
C ILE A 43 -8.17 6.30 5.79
N LYS A 44 -7.60 7.46 5.48
CA LYS A 44 -8.16 8.73 5.95
C LYS A 44 -9.57 8.94 5.41
N GLU A 45 -9.77 8.57 4.14
CA GLU A 45 -11.07 8.72 3.51
C GLU A 45 -12.18 8.11 4.37
N GLY A 46 -12.01 6.83 4.71
CA GLY A 46 -13.00 6.16 5.53
C GLY A 46 -13.75 5.09 4.76
N LEU A 47 -14.55 5.50 3.79
CA LEU A 47 -15.31 4.56 2.98
C LEU A 47 -14.52 3.28 2.73
N GLU A 48 -13.47 3.39 1.92
CA GLU A 48 -12.63 2.24 1.61
C GLU A 48 -12.34 1.41 2.86
N THR A 49 -12.25 0.09 2.69
CA THR A 49 -11.98 -0.80 3.80
C THR A 49 -10.74 -1.65 3.54
N ALA A 50 -10.40 -1.81 2.26
CA ALA A 50 -9.24 -2.59 1.88
C ALA A 50 -8.18 -1.72 1.18
N ILE A 51 -6.95 -2.21 1.13
CA ILE A 51 -5.87 -1.47 0.50
C ILE A 51 -5.40 -2.17 -0.77
N SER A 52 -6.12 -1.95 -1.86
CA SER A 52 -5.77 -2.57 -3.13
C SER A 52 -4.48 -1.98 -3.69
N CYS A 53 -4.08 -2.45 -4.87
CA CYS A 53 -2.86 -1.97 -5.51
C CYS A 53 -3.05 -0.57 -6.08
N PRO A 54 -2.06 0.31 -5.86
CA PRO A 54 -2.11 1.69 -6.34
C PRO A 54 -1.96 1.77 -7.85
N ASP A 55 -1.90 0.62 -8.50
CA ASP A 55 -1.77 0.56 -9.95
C ASP A 55 -3.11 0.22 -10.61
N ALA A 56 -3.38 0.86 -11.75
CA ALA A 56 -4.61 0.62 -12.48
C ALA A 56 -4.45 -0.49 -13.51
N ALA A 57 -3.25 -0.58 -14.08
CA ALA A 57 -2.96 -1.60 -15.08
C ALA A 57 -2.31 -2.83 -14.45
N CYS A 58 -2.82 -3.22 -13.29
CA CYS A 58 -2.29 -4.38 -12.58
C CYS A 58 -3.05 -5.65 -12.96
N PRO A 59 -2.39 -6.52 -13.73
CA PRO A 59 -2.98 -7.78 -14.19
C PRO A 59 -3.16 -8.78 -13.05
N LYS A 60 -2.63 -8.44 -11.88
CA LYS A 60 -2.73 -9.30 -10.71
C LYS A 60 -3.72 -8.73 -9.69
N GLN A 61 -4.02 -7.44 -9.83
CA GLN A 61 -4.95 -6.78 -8.93
C GLN A 61 -4.74 -7.25 -7.50
N GLY A 62 -3.51 -7.16 -7.01
CA GLY A 62 -3.21 -7.58 -5.65
C GLY A 62 -3.56 -6.53 -4.63
N HIS A 63 -3.08 -6.73 -3.40
CA HIS A 63 -3.36 -5.78 -2.32
C HIS A 63 -2.19 -5.73 -1.34
N LEU A 64 -2.30 -4.89 -0.33
CA LEU A 64 -1.26 -4.75 0.69
C LEU A 64 -1.65 -5.46 1.97
N GLN A 65 -0.86 -6.45 2.36
CA GLN A 65 -1.12 -7.21 3.57
C GLN A 65 -0.93 -6.35 4.81
N GLU A 66 -1.79 -6.54 5.80
CA GLU A 66 -1.72 -5.77 7.04
C GLU A 66 -0.29 -5.73 7.56
N ASN A 67 0.50 -6.73 7.19
CA ASN A 67 1.90 -6.82 7.62
C ASN A 67 2.68 -5.59 7.16
N GLU A 68 2.46 -5.18 5.91
CA GLU A 68 3.14 -4.03 5.35
C GLU A 68 2.64 -2.73 5.98
N ILE A 69 1.37 -2.42 5.74
CA ILE A 69 0.76 -1.21 6.27
C ILE A 69 1.17 -1.00 7.73
N GLU A 70 1.13 -2.07 8.51
CA GLU A 70 1.49 -2.01 9.92
C GLU A 70 2.64 -1.03 10.14
N CYS A 71 3.81 -1.38 9.60
CA CYS A 71 4.99 -0.54 9.74
C CYS A 71 4.91 0.67 8.80
N MET A 72 4.40 0.44 7.60
CA MET A 72 4.28 1.50 6.60
C MET A 72 3.77 2.78 7.25
N VAL A 73 2.70 2.66 8.02
CA VAL A 73 2.11 3.81 8.70
C VAL A 73 2.25 3.70 10.20
N ALA A 74 2.01 4.81 10.90
CA ALA A 74 2.11 4.83 12.35
C ALA A 74 0.85 4.25 13.00
N ALA A 75 0.81 4.26 14.33
CA ALA A 75 -0.33 3.74 15.06
C ALA A 75 -1.57 4.61 14.85
N GLU A 76 -1.44 5.90 15.19
CA GLU A 76 -2.54 6.84 15.04
C GLU A 76 -3.24 6.64 13.70
N ILE A 77 -2.51 6.13 12.72
CA ILE A 77 -3.06 5.89 11.39
C ILE A 77 -3.59 4.46 11.26
N MET A 78 -2.73 3.49 11.58
CA MET A 78 -3.10 2.09 11.50
C MET A 78 -4.47 1.86 12.12
N GLN A 79 -4.71 2.46 13.28
CA GLN A 79 -5.99 2.31 13.96
C GLN A 79 -7.15 2.54 13.01
N ARG A 80 -7.13 3.66 12.31
CA ARG A 80 -8.19 3.99 11.36
C ARG A 80 -8.51 2.79 10.47
N TYR A 81 -7.50 2.31 9.76
CA TYR A 81 -7.68 1.17 8.86
C TYR A 81 -8.36 0.02 9.58
N LYS A 82 -7.77 -0.41 10.69
CA LYS A 82 -8.31 -1.51 11.48
C LYS A 82 -9.76 -1.23 11.87
N LYS A 83 -10.06 0.03 12.17
CA LYS A 83 -11.40 0.43 12.56
C LYS A 83 -12.38 0.21 11.41
N LEU A 84 -11.95 0.50 10.20
CA LEU A 84 -12.79 0.34 9.01
C LEU A 84 -13.03 -1.13 8.73
N GLN A 85 -11.95 -1.90 8.60
CA GLN A 85 -12.05 -3.33 8.32
C GLN A 85 -12.91 -4.02 9.38
N PHE A 86 -12.58 -3.79 10.64
CA PHE A 86 -13.32 -4.41 11.74
C PHE A 86 -14.83 -4.38 11.47
N GLU A 87 -15.35 -3.18 11.20
CA GLU A 87 -16.76 -3.01 10.93
C GLU A 87 -17.31 -4.19 10.11
N ARG A 88 -16.64 -4.48 9.01
CA ARG A 88 -17.05 -5.59 8.14
C ARG A 88 -16.22 -6.84 8.42
N SER A 89 -16.57 -7.54 9.49
CA SER A 89 -15.85 -8.76 9.87
C SER A 89 -16.51 -9.43 11.06
N GLY A 90 -17.16 -10.57 10.80
CA GLY A 90 -17.83 -11.31 11.86
C GLY A 90 -16.99 -11.40 13.12
N PRO A 91 -17.65 -11.31 14.28
CA PRO A 91 -16.97 -11.39 15.58
C PRO A 91 -16.44 -12.79 15.89
N SER A 92 -15.33 -12.85 16.59
CA SER A 92 -14.72 -14.14 16.93
C SER A 92 -14.37 -14.18 18.42
N SER A 93 -14.66 -15.32 19.05
CA SER A 93 -14.38 -15.50 20.47
C SER A 93 -13.41 -16.65 20.70
N GLY A 94 -13.03 -16.85 21.96
CA GLY A 94 -12.11 -17.92 22.28
C GLY A 94 -12.28 -18.42 23.70
N GLY A 1 19.52 6.81 -16.47
CA GLY A 1 20.48 7.76 -15.96
C GLY A 1 21.06 7.35 -14.62
N SER A 2 20.36 7.69 -13.54
CA SER A 2 20.82 7.35 -12.21
C SER A 2 21.09 5.86 -12.08
N SER A 3 22.32 5.52 -11.71
CA SER A 3 22.70 4.12 -11.56
C SER A 3 21.68 3.36 -10.71
N GLY A 4 21.51 3.78 -9.47
CA GLY A 4 20.56 3.14 -8.58
C GLY A 4 19.19 3.78 -8.64
N SER A 5 18.27 3.15 -9.36
CA SER A 5 16.91 3.68 -9.49
C SER A 5 15.98 2.62 -10.06
N SER A 6 14.97 2.24 -9.27
CA SER A 6 14.01 1.23 -9.70
C SER A 6 12.94 1.85 -10.62
N GLY A 7 12.78 3.17 -10.52
CA GLY A 7 11.79 3.85 -11.33
C GLY A 7 10.38 3.61 -10.85
N CYS A 8 9.69 4.69 -10.50
CA CYS A 8 8.31 4.59 -10.03
C CYS A 8 7.33 4.69 -11.19
N LYS A 9 6.08 4.33 -10.92
CA LYS A 9 5.03 4.38 -11.95
C LYS A 9 4.03 5.48 -11.64
N LEU A 10 3.96 5.90 -10.38
CA LEU A 10 3.04 6.94 -9.96
C LEU A 10 3.65 8.33 -10.17
N CYS A 11 4.81 8.54 -9.56
CA CYS A 11 5.51 9.83 -9.68
C CYS A 11 6.65 9.74 -10.69
N LEU A 12 6.83 8.55 -11.28
CA LEU A 12 7.87 8.34 -12.27
C LEU A 12 9.19 8.95 -11.80
N GLY A 13 9.51 8.75 -10.53
CA GLY A 13 10.75 9.28 -9.98
C GLY A 13 11.78 8.21 -9.73
N GLU A 14 13.04 8.52 -10.01
CA GLU A 14 14.14 7.58 -9.81
C GLU A 14 14.60 7.58 -8.36
N TYR A 15 14.37 6.47 -7.67
CA TYR A 15 14.76 6.33 -6.27
C TYR A 15 15.49 5.03 -6.03
N PRO A 16 16.41 5.03 -5.04
CA PRO A 16 17.19 3.85 -4.68
C PRO A 16 16.34 2.76 -4.03
N VAL A 17 16.57 1.52 -4.44
CA VAL A 17 15.83 0.39 -3.90
C VAL A 17 15.62 0.54 -2.40
N GLU A 18 16.65 0.99 -1.71
CA GLU A 18 16.57 1.18 -0.26
C GLU A 18 15.28 1.89 0.13
N GLN A 19 14.93 2.93 -0.62
CA GLN A 19 13.72 3.69 -0.35
C GLN A 19 12.58 3.22 -1.25
N MET A 20 12.49 1.92 -1.46
CA MET A 20 11.44 1.34 -2.29
C MET A 20 10.83 0.12 -1.62
N THR A 21 9.57 -0.18 -1.98
CA THR A 21 8.87 -1.32 -1.41
C THR A 21 8.27 -2.20 -2.50
N THR A 22 8.54 -3.49 -2.43
CA THR A 22 8.04 -4.44 -3.42
C THR A 22 6.92 -5.31 -2.83
N ILE A 23 5.74 -5.25 -3.43
CA ILE A 23 4.60 -6.03 -2.97
C ILE A 23 4.79 -7.51 -3.28
N ALA A 24 4.45 -8.35 -2.30
CA ALA A 24 4.58 -9.80 -2.48
C ALA A 24 3.27 -10.41 -2.98
N GLN A 25 2.48 -9.60 -3.69
CA GLN A 25 1.21 -10.06 -4.22
C GLN A 25 1.18 -9.93 -5.74
N CYS A 26 1.62 -8.77 -6.24
CA CYS A 26 1.64 -8.52 -7.67
C CYS A 26 3.04 -8.07 -8.12
N GLN A 27 4.05 -8.48 -7.39
CA GLN A 27 5.43 -8.11 -7.71
C GLN A 27 5.51 -6.67 -8.21
N CYS A 28 4.85 -5.76 -7.49
CA CYS A 28 4.85 -4.36 -7.88
C CYS A 28 5.67 -3.52 -6.90
N ILE A 29 6.67 -2.83 -7.43
CA ILE A 29 7.53 -1.99 -6.60
C ILE A 29 7.14 -0.52 -6.71
N PHE A 30 7.19 0.18 -5.59
CA PHE A 30 6.84 1.60 -5.56
C PHE A 30 7.67 2.35 -4.52
N CYS A 31 7.75 3.67 -4.67
CA CYS A 31 8.51 4.50 -3.75
C CYS A 31 7.73 4.75 -2.46
N THR A 32 8.38 4.51 -1.33
CA THR A 32 7.74 4.71 -0.03
C THR A 32 6.75 5.86 -0.07
N LEU A 33 7.25 7.06 -0.33
CA LEU A 33 6.41 8.25 -0.40
C LEU A 33 5.03 7.90 -0.95
N CYS A 34 4.98 7.52 -2.22
CA CYS A 34 3.72 7.16 -2.87
C CYS A 34 2.96 6.14 -2.03
N LEU A 35 3.48 4.93 -1.94
CA LEU A 35 2.84 3.87 -1.18
C LEU A 35 2.35 4.40 0.17
N LYS A 36 3.01 5.43 0.68
CA LYS A 36 2.63 6.03 1.95
C LYS A 36 1.37 6.88 1.80
N GLN A 37 1.46 7.93 0.98
CA GLN A 37 0.32 8.82 0.76
C GLN A 37 -0.86 8.04 0.20
N TYR A 38 -0.57 6.94 -0.48
CA TYR A 38 -1.61 6.11 -1.08
C TYR A 38 -2.43 5.41 0.00
N VAL A 39 -1.79 4.50 0.73
CA VAL A 39 -2.45 3.75 1.78
C VAL A 39 -2.97 4.69 2.88
N GLU A 40 -2.37 5.88 2.95
CA GLU A 40 -2.77 6.87 3.95
C GLU A 40 -4.08 7.55 3.56
N LEU A 41 -4.10 8.15 2.39
CA LEU A 41 -5.29 8.84 1.90
C LEU A 41 -6.50 7.91 1.92
N LEU A 42 -6.30 6.67 1.48
CA LEU A 42 -7.38 5.68 1.45
C LEU A 42 -7.91 5.43 2.85
N ILE A 43 -7.02 5.04 3.75
CA ILE A 43 -7.40 4.75 5.14
C ILE A 43 -8.16 5.93 5.74
N LYS A 44 -7.53 7.10 5.73
CA LYS A 44 -8.15 8.30 6.28
C LYS A 44 -9.59 8.43 5.81
N GLU A 45 -9.83 8.10 4.55
CA GLU A 45 -11.18 8.18 3.98
C GLU A 45 -12.14 7.26 4.73
N GLY A 46 -12.01 5.97 4.50
CA GLY A 46 -12.87 5.00 5.16
C GLY A 46 -13.66 4.16 4.17
N LEU A 47 -14.37 4.83 3.27
CA LEU A 47 -15.18 4.13 2.26
C LEU A 47 -14.46 2.89 1.76
N GLU A 48 -13.20 3.06 1.36
CA GLU A 48 -12.41 1.95 0.86
C GLU A 48 -11.52 1.36 1.95
N THR A 49 -11.85 0.15 2.40
CA THR A 49 -11.09 -0.51 3.44
C THR A 49 -9.91 -1.29 2.86
N ALA A 50 -10.18 -2.08 1.83
CA ALA A 50 -9.13 -2.87 1.18
C ALA A 50 -8.28 -2.01 0.28
N ILE A 51 -7.01 -1.84 0.65
CA ILE A 51 -6.08 -1.03 -0.13
C ILE A 51 -5.47 -1.85 -1.27
N SER A 52 -6.08 -1.77 -2.44
CA SER A 52 -5.59 -2.50 -3.61
C SER A 52 -4.32 -1.86 -4.16
N CYS A 53 -3.77 -2.46 -5.20
CA CYS A 53 -2.55 -1.95 -5.84
C CYS A 53 -2.78 -0.55 -6.40
N PRO A 54 -1.81 0.35 -6.17
CA PRO A 54 -1.89 1.73 -6.65
C PRO A 54 -1.74 1.83 -8.17
N ASP A 55 -1.66 0.67 -8.82
CA ASP A 55 -1.52 0.63 -10.27
C ASP A 55 -2.76 0.01 -10.92
N ALA A 56 -3.63 0.88 -11.44
CA ALA A 56 -4.86 0.42 -12.09
C ALA A 56 -4.55 -0.51 -13.25
N ALA A 57 -3.36 -0.37 -13.82
CA ALA A 57 -2.95 -1.21 -14.94
C ALA A 57 -2.27 -2.48 -14.46
N CYS A 58 -2.62 -2.91 -13.24
CA CYS A 58 -2.05 -4.11 -12.67
C CYS A 58 -2.88 -5.34 -13.04
N PRO A 59 -2.33 -6.19 -13.91
CA PRO A 59 -3.00 -7.42 -14.35
C PRO A 59 -3.10 -8.46 -13.24
N LYS A 60 -2.49 -8.16 -12.10
CA LYS A 60 -2.51 -9.08 -10.96
C LYS A 60 -3.51 -8.60 -9.90
N GLN A 61 -3.75 -7.29 -9.87
CA GLN A 61 -4.67 -6.72 -8.91
C GLN A 61 -4.37 -7.21 -7.50
N GLY A 62 -3.12 -7.04 -7.07
CA GLY A 62 -2.73 -7.47 -5.74
C GLY A 62 -3.10 -6.47 -4.67
N HIS A 63 -3.45 -6.98 -3.49
CA HIS A 63 -3.82 -6.12 -2.37
C HIS A 63 -2.68 -5.96 -1.38
N LEU A 64 -2.79 -4.98 -0.50
CA LEU A 64 -1.75 -4.74 0.51
C LEU A 64 -2.16 -5.32 1.85
N GLN A 65 -1.43 -6.35 2.28
CA GLN A 65 -1.71 -6.99 3.56
C GLN A 65 -1.59 -6.00 4.71
N GLU A 66 -2.11 -6.39 5.87
CA GLU A 66 -2.06 -5.53 7.05
C GLU A 66 -0.63 -5.17 7.40
N ASN A 67 0.17 -6.18 7.75
CA ASN A 67 1.56 -5.97 8.11
C ASN A 67 2.23 -4.99 7.15
N GLU A 68 1.89 -5.10 5.87
CA GLU A 68 2.47 -4.23 4.85
C GLU A 68 2.09 -2.77 5.12
N ILE A 69 0.85 -2.54 5.50
CA ILE A 69 0.37 -1.19 5.79
C ILE A 69 0.89 -0.70 7.13
N GLU A 70 0.76 -1.52 8.17
CA GLU A 70 1.22 -1.17 9.50
C GLU A 70 2.54 -0.41 9.43
N CYS A 71 3.59 -1.09 8.99
CA CYS A 71 4.91 -0.47 8.89
C CYS A 71 4.85 0.77 8.00
N MET A 72 4.02 0.72 6.97
CA MET A 72 3.88 1.84 6.05
C MET A 72 3.43 3.10 6.79
N VAL A 73 2.19 3.09 7.25
CA VAL A 73 1.62 4.22 7.97
C VAL A 73 2.06 4.21 9.43
N ALA A 74 1.72 5.27 10.16
CA ALA A 74 2.07 5.37 11.57
C ALA A 74 0.96 4.80 12.46
N ALA A 75 1.28 4.61 13.73
CA ALA A 75 0.31 4.07 14.68
C ALA A 75 -0.97 4.91 14.69
N GLU A 76 -0.81 6.23 14.67
CA GLU A 76 -1.94 7.14 14.68
C GLU A 76 -2.85 6.89 13.48
N ILE A 77 -2.29 6.31 12.43
CA ILE A 77 -3.06 6.01 11.23
C ILE A 77 -3.58 4.57 11.24
N MET A 78 -2.65 3.61 11.31
CA MET A 78 -3.02 2.21 11.34
C MET A 78 -4.32 1.99 12.10
N GLN A 79 -4.44 2.63 13.26
CA GLN A 79 -5.64 2.52 14.07
C GLN A 79 -6.89 2.66 13.23
N ARG A 80 -6.94 3.72 12.43
CA ARG A 80 -8.08 3.99 11.57
C ARG A 80 -8.38 2.78 10.69
N TYR A 81 -7.33 2.13 10.22
CA TYR A 81 -7.48 0.95 9.36
C TYR A 81 -7.88 -0.28 10.17
N LYS A 82 -7.51 -0.27 11.44
CA LYS A 82 -7.83 -1.38 12.34
C LYS A 82 -9.34 -1.50 12.54
N LYS A 83 -9.97 -0.39 12.87
CA LYS A 83 -11.41 -0.37 13.11
C LYS A 83 -12.17 -0.51 11.79
N LEU A 84 -11.62 0.09 10.73
CA LEU A 84 -12.26 0.03 9.42
C LEU A 84 -12.42 -1.42 8.95
N GLN A 85 -11.48 -2.26 9.35
CA GLN A 85 -11.52 -3.68 8.98
C GLN A 85 -12.58 -4.42 9.78
N PHE A 86 -12.65 -4.15 11.08
CA PHE A 86 -13.61 -4.78 11.96
C PHE A 86 -15.03 -4.54 11.46
N GLU A 87 -15.32 -3.30 11.08
CA GLU A 87 -16.64 -2.92 10.60
C GLU A 87 -17.24 -4.06 9.76
N ARG A 88 -16.52 -4.46 8.72
CA ARG A 88 -16.99 -5.52 7.84
C ARG A 88 -16.14 -6.78 8.01
N SER A 89 -16.47 -7.56 9.04
CA SER A 89 -15.73 -8.79 9.32
C SER A 89 -16.44 -9.62 10.38
N GLY A 90 -16.17 -10.92 10.39
CA GLY A 90 -16.79 -11.80 11.36
C GLY A 90 -18.22 -12.16 11.00
N PRO A 91 -18.41 -13.35 10.44
CA PRO A 91 -19.74 -13.83 10.03
C PRO A 91 -20.65 -14.13 11.22
N SER A 92 -20.08 -14.76 12.24
CA SER A 92 -20.84 -15.10 13.44
C SER A 92 -21.61 -13.89 13.96
N SER A 93 -20.93 -12.74 14.04
CA SER A 93 -21.54 -11.52 14.52
C SER A 93 -22.02 -10.66 13.36
N GLY A 94 -23.30 -10.81 13.00
CA GLY A 94 -23.86 -10.05 11.90
C GLY A 94 -25.05 -9.22 12.33
N GLY A 1 22.40 -8.25 -13.26
CA GLY A 1 21.52 -7.73 -12.24
C GLY A 1 21.39 -6.22 -12.28
N SER A 2 20.18 -5.72 -12.04
CA SER A 2 19.94 -4.28 -12.06
C SER A 2 20.77 -3.57 -11.01
N SER A 3 20.61 -3.98 -9.76
CA SER A 3 21.35 -3.38 -8.66
C SER A 3 21.46 -1.86 -8.83
N GLY A 4 20.36 -1.24 -9.27
CA GLY A 4 20.35 0.19 -9.46
C GLY A 4 19.00 0.81 -9.15
N SER A 5 18.45 1.56 -10.11
CA SER A 5 17.17 2.21 -9.93
C SER A 5 16.03 1.30 -10.35
N SER A 6 14.92 1.37 -9.62
CA SER A 6 13.76 0.54 -9.92
C SER A 6 12.68 1.36 -10.62
N GLY A 7 12.73 2.67 -10.44
CA GLY A 7 11.74 3.55 -11.06
C GLY A 7 10.36 3.35 -10.51
N CYS A 8 9.56 4.41 -10.50
CA CYS A 8 8.20 4.36 -9.98
C CYS A 8 7.19 4.51 -11.11
N LYS A 9 5.94 4.15 -10.83
CA LYS A 9 4.88 4.25 -11.83
C LYS A 9 4.01 5.49 -11.58
N LEU A 10 3.78 5.80 -10.31
CA LEU A 10 2.97 6.96 -9.95
C LEU A 10 3.74 8.25 -10.18
N CYS A 11 4.72 8.52 -9.33
CA CYS A 11 5.54 9.72 -9.44
C CYS A 11 6.46 9.64 -10.66
N LEU A 12 6.76 8.42 -11.07
CA LEU A 12 7.63 8.20 -12.23
C LEU A 12 8.99 8.85 -12.01
N GLY A 13 9.58 8.60 -10.83
CA GLY A 13 10.87 9.17 -10.52
C GLY A 13 11.98 8.13 -10.53
N GLU A 14 12.99 8.34 -9.68
CA GLU A 14 14.12 7.41 -9.60
C GLU A 14 14.65 7.34 -8.17
N TYR A 15 14.51 6.18 -7.55
CA TYR A 15 14.98 5.98 -6.19
C TYR A 15 15.62 4.60 -6.02
N PRO A 16 16.54 4.49 -5.06
CA PRO A 16 17.24 3.23 -4.77
C PRO A 16 16.33 2.19 -4.15
N VAL A 17 16.55 0.91 -4.50
CA VAL A 17 15.75 -0.18 -3.98
C VAL A 17 15.59 -0.07 -2.46
N GLU A 18 16.48 0.69 -1.83
CA GLU A 18 16.44 0.87 -0.39
C GLU A 18 15.21 1.68 0.02
N GLN A 19 14.87 2.68 -0.78
CA GLN A 19 13.71 3.54 -0.51
C GLN A 19 12.50 3.08 -1.31
N MET A 20 12.31 1.77 -1.41
CA MET A 20 11.20 1.21 -2.15
C MET A 20 10.59 0.02 -1.41
N THR A 21 9.37 -0.35 -1.79
CA THR A 21 8.68 -1.47 -1.16
C THR A 21 8.06 -2.39 -2.20
N THR A 22 8.38 -3.68 -2.12
CA THR A 22 7.85 -4.66 -3.06
C THR A 22 6.66 -5.40 -2.46
N ILE A 23 5.64 -5.61 -3.28
CA ILE A 23 4.44 -6.32 -2.83
C ILE A 23 4.50 -7.80 -3.18
N ALA A 24 4.31 -8.65 -2.19
CA ALA A 24 4.34 -10.09 -2.38
C ALA A 24 3.00 -10.60 -2.88
N GLN A 25 2.24 -9.73 -3.54
CA GLN A 25 0.93 -10.10 -4.07
C GLN A 25 0.91 -10.00 -5.59
N CYS A 26 1.47 -8.91 -6.11
CA CYS A 26 1.51 -8.70 -7.55
C CYS A 26 2.90 -8.24 -7.99
N GLN A 27 3.92 -8.69 -7.26
CA GLN A 27 5.29 -8.32 -7.57
C GLN A 27 5.39 -6.89 -8.07
N CYS A 28 4.75 -5.97 -7.35
CA CYS A 28 4.74 -4.57 -7.72
C CYS A 28 5.58 -3.75 -6.74
N ILE A 29 6.47 -2.91 -7.28
CA ILE A 29 7.31 -2.07 -6.44
C ILE A 29 6.91 -0.60 -6.54
N PHE A 30 7.03 0.10 -5.42
CA PHE A 30 6.67 1.52 -5.39
C PHE A 30 7.46 2.25 -4.30
N CYS A 31 7.78 3.51 -4.56
CA CYS A 31 8.53 4.32 -3.61
C CYS A 31 7.72 4.58 -2.34
N THR A 32 8.29 4.21 -1.20
CA THR A 32 7.62 4.41 0.09
C THR A 32 6.74 5.65 0.06
N LEU A 33 7.30 6.76 -0.41
CA LEU A 33 6.57 8.02 -0.48
C LEU A 33 5.14 7.79 -0.99
N CYS A 34 5.02 7.42 -2.26
CA CYS A 34 3.71 7.15 -2.85
C CYS A 34 2.90 6.19 -2.00
N LEU A 35 3.36 4.94 -1.92
CA LEU A 35 2.67 3.93 -1.13
C LEU A 35 2.13 4.52 0.17
N LYS A 36 2.93 5.34 0.83
CA LYS A 36 2.53 5.97 2.07
C LYS A 36 1.26 6.80 1.88
N GLN A 37 1.32 7.74 0.95
CA GLN A 37 0.18 8.61 0.67
C GLN A 37 -0.99 7.79 0.13
N TYR A 38 -0.69 6.70 -0.55
CA TYR A 38 -1.72 5.84 -1.12
C TYR A 38 -2.51 5.15 -0.02
N VAL A 39 -1.84 4.28 0.73
CA VAL A 39 -2.48 3.55 1.82
C VAL A 39 -3.06 4.51 2.85
N GLU A 40 -2.50 5.70 2.92
CA GLU A 40 -2.96 6.71 3.87
C GLU A 40 -4.29 7.31 3.42
N LEU A 41 -4.28 7.94 2.25
CA LEU A 41 -5.48 8.55 1.70
C LEU A 41 -6.66 7.57 1.74
N LEU A 42 -6.40 6.33 1.35
CA LEU A 42 -7.44 5.30 1.34
C LEU A 42 -8.04 5.12 2.75
N ILE A 43 -7.20 4.74 3.69
CA ILE A 43 -7.64 4.53 5.07
C ILE A 43 -8.40 5.74 5.58
N LYS A 44 -7.88 6.93 5.30
CA LYS A 44 -8.51 8.18 5.74
C LYS A 44 -9.95 8.25 5.26
N GLU A 45 -10.18 7.80 4.03
CA GLU A 45 -11.52 7.83 3.45
C GLU A 45 -12.51 7.06 4.34
N GLY A 46 -12.33 5.75 4.39
CA GLY A 46 -13.21 4.92 5.21
C GLY A 46 -14.07 3.99 4.37
N LEU A 47 -14.46 4.45 3.19
CA LEU A 47 -15.29 3.65 2.30
C LEU A 47 -14.66 2.29 2.02
N GLU A 48 -13.49 2.30 1.38
CA GLU A 48 -12.78 1.07 1.07
C GLU A 48 -11.80 0.71 2.18
N THR A 49 -11.93 -0.49 2.72
CA THR A 49 -11.05 -0.95 3.79
C THR A 49 -9.83 -1.67 3.22
N ALA A 50 -10.02 -2.35 2.09
CA ALA A 50 -8.94 -3.08 1.44
C ALA A 50 -8.02 -2.14 0.67
N ILE A 51 -6.72 -2.33 0.83
CA ILE A 51 -5.73 -1.49 0.15
C ILE A 51 -5.23 -2.16 -1.13
N SER A 52 -6.01 -2.06 -2.20
CA SER A 52 -5.66 -2.66 -3.47
C SER A 52 -4.35 -2.06 -4.00
N CYS A 53 -3.88 -2.58 -5.13
CA CYS A 53 -2.65 -2.11 -5.75
C CYS A 53 -2.78 -0.65 -6.16
N PRO A 54 -1.75 0.15 -5.85
CA PRO A 54 -1.72 1.58 -6.19
C PRO A 54 -1.58 1.82 -7.69
N ASP A 55 -1.57 0.74 -8.45
CA ASP A 55 -1.44 0.83 -9.90
C ASP A 55 -2.63 0.18 -10.60
N ALA A 56 -3.51 1.00 -11.15
CA ALA A 56 -4.69 0.51 -11.84
C ALA A 56 -4.31 -0.37 -13.03
N ALA A 57 -3.26 0.02 -13.73
CA ALA A 57 -2.78 -0.74 -14.89
C ALA A 57 -2.52 -2.19 -14.52
N CYS A 58 -2.04 -2.41 -13.30
CA CYS A 58 -1.76 -3.76 -12.82
C CYS A 58 -2.87 -4.72 -13.20
N PRO A 59 -2.54 -5.73 -14.02
CA PRO A 59 -3.50 -6.74 -14.46
C PRO A 59 -3.94 -7.67 -13.34
N LYS A 60 -3.15 -7.71 -12.28
CA LYS A 60 -3.45 -8.56 -11.14
C LYS A 60 -4.18 -7.78 -10.05
N GLN A 61 -3.80 -6.52 -9.89
CA GLN A 61 -4.43 -5.65 -8.89
C GLN A 61 -4.34 -6.28 -7.50
N GLY A 62 -3.15 -6.76 -7.14
CA GLY A 62 -2.96 -7.38 -5.85
C GLY A 62 -3.28 -6.43 -4.71
N HIS A 63 -3.28 -6.96 -3.48
CA HIS A 63 -3.57 -6.16 -2.30
C HIS A 63 -2.31 -5.95 -1.47
N LEU A 64 -2.36 -4.98 -0.55
CA LEU A 64 -1.22 -4.68 0.31
C LEU A 64 -1.36 -5.39 1.66
N GLN A 65 -0.44 -6.31 1.93
CA GLN A 65 -0.45 -7.06 3.19
C GLN A 65 -0.46 -6.11 4.38
N GLU A 66 -1.12 -6.54 5.46
CA GLU A 66 -1.21 -5.73 6.66
C GLU A 66 0.17 -5.29 7.13
N ASN A 67 1.07 -6.24 7.31
CA ASN A 67 2.43 -5.95 7.75
C ASN A 67 2.97 -4.71 7.04
N GLU A 68 2.78 -4.64 5.74
CA GLU A 68 3.23 -3.51 4.95
C GLU A 68 2.69 -2.20 5.51
N ILE A 69 1.38 -2.09 5.60
CA ILE A 69 0.73 -0.90 6.12
C ILE A 69 1.19 -0.60 7.53
N GLU A 70 1.19 -1.62 8.39
CA GLU A 70 1.62 -1.46 9.77
C GLU A 70 2.75 -0.43 9.89
N CYS A 71 3.84 -0.69 9.18
CA CYS A 71 4.99 0.20 9.20
C CYS A 71 4.77 1.39 8.26
N MET A 72 4.30 1.10 7.05
CA MET A 72 4.06 2.14 6.06
C MET A 72 3.46 3.38 6.72
N VAL A 73 2.43 3.17 7.54
CA VAL A 73 1.77 4.27 8.23
C VAL A 73 2.07 4.25 9.72
N ALA A 74 1.83 5.37 10.40
CA ALA A 74 2.06 5.47 11.83
C ALA A 74 0.87 4.94 12.63
N ALA A 75 1.02 4.91 13.95
CA ALA A 75 -0.05 4.43 14.82
C ALA A 75 -1.33 5.24 14.61
N GLU A 76 -1.22 6.55 14.76
CA GLU A 76 -2.37 7.44 14.58
C GLU A 76 -3.21 7.01 13.39
N ILE A 77 -2.54 6.59 12.31
CA ILE A 77 -3.22 6.16 11.10
C ILE A 77 -3.68 4.72 11.22
N MET A 78 -2.72 3.81 11.40
CA MET A 78 -3.03 2.39 11.52
C MET A 78 -4.35 2.18 12.26
N GLN A 79 -4.49 2.83 13.42
CA GLN A 79 -5.70 2.71 14.22
C GLN A 79 -6.94 2.77 13.34
N ARG A 80 -7.02 3.78 12.48
CA ARG A 80 -8.15 3.94 11.58
C ARG A 80 -8.37 2.67 10.75
N TYR A 81 -7.30 2.18 10.14
CA TYR A 81 -7.36 0.98 9.32
C TYR A 81 -8.00 -0.17 10.08
N LYS A 82 -7.47 -0.44 11.28
CA LYS A 82 -7.99 -1.52 12.12
C LYS A 82 -9.50 -1.38 12.32
N LYS A 83 -9.94 -0.14 12.54
CA LYS A 83 -11.36 0.13 12.74
C LYS A 83 -12.19 -0.35 11.55
N LEU A 84 -11.72 -0.05 10.35
CA LEU A 84 -12.41 -0.44 9.13
C LEU A 84 -12.46 -1.96 9.00
N GLN A 85 -11.29 -2.59 9.10
CA GLN A 85 -11.20 -4.04 8.99
C GLN A 85 -12.32 -4.72 9.79
N PHE A 86 -12.46 -4.30 11.05
CA PHE A 86 -13.49 -4.87 11.92
C PHE A 86 -14.88 -4.48 11.44
N GLU A 87 -15.09 -3.18 11.26
CA GLU A 87 -16.39 -2.67 10.81
C GLU A 87 -17.04 -3.65 9.83
N ARG A 88 -16.26 -4.15 8.89
CA ARG A 88 -16.77 -5.09 7.90
C ARG A 88 -16.87 -6.50 8.49
N SER A 89 -15.82 -6.93 9.16
CA SER A 89 -15.78 -8.25 9.78
C SER A 89 -17.17 -8.66 10.27
N GLY A 90 -17.83 -7.74 10.97
CA GLY A 90 -19.16 -8.01 11.49
C GLY A 90 -20.10 -8.55 10.43
N PRO A 91 -21.23 -9.12 10.87
CA PRO A 91 -22.23 -9.69 9.96
C PRO A 91 -22.97 -8.61 9.16
N SER A 92 -23.41 -7.57 9.85
CA SER A 92 -24.13 -6.47 9.22
C SER A 92 -23.58 -5.12 9.66
N SER A 93 -23.32 -4.25 8.70
CA SER A 93 -22.79 -2.92 9.00
C SER A 93 -23.73 -1.83 8.48
N GLY A 94 -24.76 -1.55 9.26
CA GLY A 94 -25.73 -0.53 8.87
C GLY A 94 -26.29 -0.76 7.47
N GLY A 1 29.55 4.77 -5.24
CA GLY A 1 29.40 3.34 -5.47
C GLY A 1 28.13 3.01 -6.22
N SER A 2 27.69 1.76 -6.10
CA SER A 2 26.48 1.31 -6.78
C SER A 2 25.23 1.91 -6.13
N SER A 3 24.47 2.67 -6.91
CA SER A 3 23.26 3.31 -6.41
C SER A 3 22.06 2.36 -6.51
N GLY A 4 21.84 1.84 -7.71
CA GLY A 4 20.74 0.93 -7.93
C GLY A 4 19.39 1.63 -7.91
N SER A 5 18.99 2.18 -9.05
CA SER A 5 17.73 2.89 -9.16
C SER A 5 16.66 1.99 -9.76
N SER A 6 15.66 1.64 -8.96
CA SER A 6 14.57 0.78 -9.41
C SER A 6 13.50 1.60 -10.13
N GLY A 7 13.47 2.89 -9.86
CA GLY A 7 12.49 3.76 -10.50
C GLY A 7 11.08 3.48 -10.04
N CYS A 8 10.24 4.51 -10.06
CA CYS A 8 8.86 4.37 -9.65
C CYS A 8 7.91 4.39 -10.85
N LYS A 9 6.66 4.00 -10.62
CA LYS A 9 5.66 3.97 -11.67
C LYS A 9 4.63 5.09 -11.49
N LEU A 10 4.47 5.54 -10.25
CA LEU A 10 3.53 6.60 -9.94
C LEU A 10 4.16 7.97 -10.11
N CYS A 11 5.29 8.18 -9.45
CA CYS A 11 6.01 9.45 -9.54
C CYS A 11 7.16 9.37 -10.54
N LEU A 12 7.40 8.16 -11.05
CA LEU A 12 8.46 7.94 -12.02
C LEU A 12 9.72 8.71 -11.64
N GLY A 13 10.19 8.49 -10.41
CA GLY A 13 11.39 9.16 -9.93
C GLY A 13 12.54 8.20 -9.70
N GLU A 14 13.76 8.73 -9.74
CA GLU A 14 14.95 7.92 -9.54
C GLU A 14 15.28 7.79 -8.06
N TYR A 15 15.11 6.59 -7.52
CA TYR A 15 15.38 6.33 -6.11
C TYR A 15 16.00 4.95 -5.92
N PRO A 16 16.84 4.83 -4.88
CA PRO A 16 17.52 3.57 -4.56
C PRO A 16 16.56 2.51 -4.04
N VAL A 17 16.75 1.27 -4.51
CA VAL A 17 15.91 0.16 -4.11
C VAL A 17 15.67 0.16 -2.59
N GLU A 18 16.61 0.77 -1.86
CA GLU A 18 16.50 0.84 -0.41
C GLU A 18 15.24 1.59 0.01
N GLN A 19 14.96 2.70 -0.66
CA GLN A 19 13.79 3.51 -0.35
C GLN A 19 12.60 3.08 -1.20
N MET A 20 12.49 1.77 -1.42
CA MET A 20 11.39 1.21 -2.21
C MET A 20 10.84 -0.05 -1.56
N THR A 21 9.58 -0.37 -1.87
CA THR A 21 8.93 -1.55 -1.32
C THR A 21 8.28 -2.38 -2.41
N THR A 22 8.57 -3.67 -2.43
CA THR A 22 8.01 -4.58 -3.43
C THR A 22 6.83 -5.36 -2.86
N ILE A 23 5.71 -5.35 -3.57
CA ILE A 23 4.51 -6.06 -3.13
C ILE A 23 4.63 -7.55 -3.42
N ALA A 24 4.31 -8.37 -2.42
CA ALA A 24 4.38 -9.82 -2.57
C ALA A 24 3.05 -10.38 -3.08
N GLN A 25 2.30 -9.54 -3.77
CA GLN A 25 1.00 -9.95 -4.32
C GLN A 25 1.00 -9.86 -5.84
N CYS A 26 1.39 -8.70 -6.35
CA CYS A 26 1.43 -8.47 -7.80
C CYS A 26 2.83 -8.08 -8.25
N GLN A 27 3.82 -8.36 -7.42
CA GLN A 27 5.21 -8.03 -7.73
C GLN A 27 5.33 -6.60 -8.23
N CYS A 28 4.67 -5.68 -7.53
CA CYS A 28 4.70 -4.27 -7.90
C CYS A 28 5.53 -3.46 -6.92
N ILE A 29 6.58 -2.82 -7.42
CA ILE A 29 7.45 -2.01 -6.58
C ILE A 29 7.01 -0.56 -6.57
N PHE A 30 7.11 0.08 -5.40
CA PHE A 30 6.72 1.48 -5.25
C PHE A 30 7.51 2.16 -4.15
N CYS A 31 7.90 3.41 -4.38
CA CYS A 31 8.67 4.16 -3.41
C CYS A 31 7.86 4.43 -2.15
N THR A 32 8.44 4.14 -1.00
CA THR A 32 7.76 4.35 0.28
C THR A 32 6.83 5.57 0.21
N LEU A 33 7.40 6.72 -0.11
CA LEU A 33 6.63 7.95 -0.20
C LEU A 33 5.24 7.68 -0.77
N CYS A 34 5.19 7.30 -2.05
CA CYS A 34 3.93 7.01 -2.71
C CYS A 34 3.09 6.04 -1.88
N LEU A 35 3.55 4.81 -1.77
CA LEU A 35 2.85 3.79 -0.99
C LEU A 35 2.24 4.38 0.27
N LYS A 36 2.99 5.27 0.92
CA LYS A 36 2.52 5.92 2.14
C LYS A 36 1.25 6.71 1.88
N GLN A 37 1.35 7.72 1.01
CA GLN A 37 0.20 8.56 0.68
C GLN A 37 -0.96 7.71 0.14
N TYR A 38 -0.64 6.78 -0.74
CA TYR A 38 -1.65 5.90 -1.32
C TYR A 38 -2.48 5.24 -0.24
N VAL A 39 -1.88 4.29 0.46
CA VAL A 39 -2.56 3.56 1.53
C VAL A 39 -3.22 4.54 2.51
N GLU A 40 -2.49 5.58 2.88
CA GLU A 40 -3.01 6.57 3.81
C GLU A 40 -4.36 7.10 3.35
N LEU A 41 -4.39 7.70 2.16
CA LEU A 41 -5.62 8.25 1.61
C LEU A 41 -6.76 7.23 1.68
N LEU A 42 -6.57 6.10 1.01
CA LEU A 42 -7.58 5.04 1.01
C LEU A 42 -8.17 4.84 2.40
N ILE A 43 -7.32 4.98 3.42
CA ILE A 43 -7.75 4.82 4.80
C ILE A 43 -8.52 6.05 5.28
N LYS A 44 -8.08 7.21 4.85
CA LYS A 44 -8.71 8.47 5.23
C LYS A 44 -10.17 8.50 4.78
N GLU A 45 -10.45 7.82 3.67
CA GLU A 45 -11.81 7.77 3.13
C GLU A 45 -12.71 6.93 4.02
N GLY A 46 -12.40 5.65 4.14
CA GLY A 46 -13.19 4.75 4.97
C GLY A 46 -14.00 3.78 4.13
N LEU A 47 -14.46 4.23 2.97
CA LEU A 47 -15.26 3.39 2.09
C LEU A 47 -14.58 2.04 1.84
N GLU A 48 -13.46 2.08 1.12
CA GLU A 48 -12.71 0.86 0.82
C GLU A 48 -11.73 0.55 1.93
N THR A 49 -12.01 -0.51 2.70
CA THR A 49 -11.15 -0.92 3.79
C THR A 49 -9.88 -1.60 3.27
N ALA A 50 -10.03 -2.35 2.19
CA ALA A 50 -8.90 -3.05 1.58
C ALA A 50 -7.99 -2.09 0.84
N ILE A 51 -6.69 -2.36 0.87
CA ILE A 51 -5.71 -1.51 0.19
C ILE A 51 -5.20 -2.18 -1.08
N SER A 52 -5.99 -2.10 -2.15
CA SER A 52 -5.63 -2.70 -3.43
C SER A 52 -4.33 -2.07 -3.96
N CYS A 53 -3.93 -2.50 -5.15
CA CYS A 53 -2.72 -1.98 -5.78
C CYS A 53 -2.94 -0.57 -6.31
N PRO A 54 -1.96 0.31 -6.06
CA PRO A 54 -2.02 1.70 -6.50
C PRO A 54 -1.89 1.84 -8.02
N ASP A 55 -1.83 0.71 -8.70
CA ASP A 55 -1.71 0.70 -10.16
C ASP A 55 -3.02 0.27 -10.81
N ALA A 56 -3.67 1.20 -11.49
CA ALA A 56 -4.93 0.93 -12.16
C ALA A 56 -4.72 0.00 -13.36
N ALA A 57 -3.53 0.05 -13.94
CA ALA A 57 -3.20 -0.77 -15.09
C ALA A 57 -2.60 -2.10 -14.66
N CYS A 58 -2.86 -2.49 -13.42
CA CYS A 58 -2.33 -3.74 -12.88
C CYS A 58 -3.26 -4.90 -13.22
N PRO A 59 -2.78 -5.80 -14.11
CA PRO A 59 -3.54 -6.98 -14.54
C PRO A 59 -3.71 -8.01 -13.42
N LYS A 60 -2.85 -7.92 -12.41
CA LYS A 60 -2.90 -8.83 -11.28
C LYS A 60 -3.86 -8.32 -10.20
N GLN A 61 -3.87 -7.01 -10.01
CA GLN A 61 -4.75 -6.40 -9.01
C GLN A 61 -4.44 -6.94 -7.62
N GLY A 62 -3.17 -6.87 -7.23
CA GLY A 62 -2.77 -7.35 -5.92
C GLY A 62 -3.20 -6.42 -4.80
N HIS A 63 -2.87 -6.80 -3.56
CA HIS A 63 -3.23 -5.99 -2.41
C HIS A 63 -2.05 -5.86 -1.45
N LEU A 64 -2.14 -4.90 -0.53
CA LEU A 64 -1.08 -4.66 0.44
C LEU A 64 -1.43 -5.28 1.79
N GLN A 65 -0.67 -6.29 2.18
CA GLN A 65 -0.91 -6.97 3.46
C GLN A 65 -0.94 -5.97 4.61
N GLU A 66 -1.62 -6.35 5.68
CA GLU A 66 -1.73 -5.49 6.85
C GLU A 66 -0.36 -5.13 7.42
N ASN A 67 0.45 -6.16 7.66
CA ASN A 67 1.79 -5.95 8.20
C ASN A 67 2.51 -4.82 7.48
N GLU A 68 2.37 -4.79 6.15
CA GLU A 68 3.01 -3.75 5.34
C GLU A 68 2.58 -2.37 5.82
N ILE A 69 1.27 -2.14 5.92
CA ILE A 69 0.76 -0.86 6.36
C ILE A 69 1.20 -0.54 7.78
N GLU A 70 0.96 -1.48 8.69
CA GLU A 70 1.33 -1.29 10.10
C GLU A 70 2.65 -0.52 10.20
N CYS A 71 3.64 -0.96 9.44
CA CYS A 71 4.95 -0.31 9.46
C CYS A 71 4.93 0.98 8.64
N MET A 72 4.35 0.90 7.44
CA MET A 72 4.26 2.06 6.57
C MET A 72 3.74 3.28 7.31
N VAL A 73 2.52 3.16 7.82
CA VAL A 73 1.90 4.26 8.58
C VAL A 73 2.10 4.08 10.07
N ALA A 74 2.00 5.19 10.81
CA ALA A 74 2.17 5.16 12.26
C ALA A 74 0.92 4.61 12.95
N ALA A 75 0.93 4.62 14.27
CA ALA A 75 -0.20 4.12 15.05
C ALA A 75 -1.43 5.01 14.85
N GLU A 76 -1.27 6.30 15.13
CA GLU A 76 -2.37 7.25 14.98
C GLU A 76 -3.10 7.03 13.66
N ILE A 77 -2.40 6.46 12.69
CA ILE A 77 -2.98 6.19 11.38
C ILE A 77 -3.52 4.77 11.29
N MET A 78 -2.64 3.80 11.50
CA MET A 78 -3.03 2.39 11.45
C MET A 78 -4.45 2.20 11.98
N GLN A 79 -4.74 2.82 13.12
CA GLN A 79 -6.06 2.71 13.72
C GLN A 79 -7.15 2.95 12.68
N ARG A 80 -7.05 4.06 11.97
CA ARG A 80 -8.02 4.40 10.94
C ARG A 80 -8.20 3.27 9.94
N TYR A 81 -7.15 2.47 9.78
CA TYR A 81 -7.18 1.35 8.85
C TYR A 81 -7.72 0.09 9.53
N LYS A 82 -7.42 -0.04 10.82
CA LYS A 82 -7.88 -1.19 11.59
C LYS A 82 -9.39 -1.18 11.76
N LYS A 83 -9.91 -0.11 12.34
CA LYS A 83 -11.34 0.04 12.56
C LYS A 83 -12.12 -0.44 11.35
N LEU A 84 -11.67 -0.04 10.15
CA LEU A 84 -12.33 -0.43 8.91
C LEU A 84 -12.43 -1.95 8.81
N GLN A 85 -11.38 -2.64 9.25
CA GLN A 85 -11.35 -4.10 9.20
C GLN A 85 -12.22 -4.69 10.30
N PHE A 86 -12.03 -4.20 11.53
CA PHE A 86 -12.78 -4.69 12.68
C PHE A 86 -14.28 -4.51 12.45
N GLU A 87 -14.72 -3.26 12.31
CA GLU A 87 -16.12 -2.96 12.10
C GLU A 87 -16.78 -4.02 11.22
N ARG A 88 -16.14 -4.34 10.10
CA ARG A 88 -16.66 -5.33 9.16
C ARG A 88 -15.95 -6.67 9.35
N SER A 89 -15.82 -7.10 10.61
CA SER A 89 -15.16 -8.37 10.92
C SER A 89 -16.18 -9.46 11.19
N GLY A 90 -15.84 -10.69 10.84
CA GLY A 90 -16.74 -11.81 11.06
C GLY A 90 -16.34 -13.04 10.26
N PRO A 91 -17.20 -13.42 9.29
CA PRO A 91 -16.95 -14.58 8.43
C PRO A 91 -15.81 -14.34 7.45
N SER A 92 -14.64 -14.89 7.78
CA SER A 92 -13.47 -14.74 6.93
C SER A 92 -12.82 -16.10 6.66
N SER A 93 -13.23 -16.73 5.58
CA SER A 93 -12.69 -18.05 5.20
C SER A 93 -11.56 -17.89 4.19
N GLY A 94 -11.88 -17.32 3.03
CA GLY A 94 -10.88 -17.13 1.99
C GLY A 94 -11.44 -16.44 0.76
N GLY A 1 30.43 0.33 -11.86
CA GLY A 1 29.16 -0.32 -12.13
C GLY A 1 28.05 0.14 -11.19
N SER A 2 27.84 1.45 -11.15
CA SER A 2 26.81 2.02 -10.28
C SER A 2 25.43 1.50 -10.66
N SER A 3 24.80 0.78 -9.74
CA SER A 3 23.47 0.22 -9.98
C SER A 3 22.62 0.28 -8.71
N GLY A 4 21.57 1.09 -8.77
CA GLY A 4 20.69 1.24 -7.62
C GLY A 4 19.48 2.10 -7.91
N SER A 5 18.53 1.55 -8.67
CA SER A 5 17.33 2.28 -9.04
C SER A 5 16.22 1.33 -9.48
N SER A 6 15.18 1.20 -8.67
CA SER A 6 14.07 0.32 -8.98
C SER A 6 13.00 1.05 -9.78
N GLY A 7 13.04 2.38 -9.73
CA GLY A 7 12.06 3.18 -10.45
C GLY A 7 10.65 3.00 -9.92
N CYS A 8 9.78 3.94 -10.27
CA CYS A 8 8.39 3.88 -9.82
C CYS A 8 7.43 3.93 -11.01
N LYS A 9 6.18 3.57 -10.77
CA LYS A 9 5.16 3.57 -11.82
C LYS A 9 4.26 4.80 -11.69
N LEU A 10 4.04 5.25 -10.46
CA LEU A 10 3.20 6.41 -10.21
C LEU A 10 3.94 7.70 -10.54
N CYS A 11 4.87 8.09 -9.67
CA CYS A 11 5.64 9.30 -9.87
C CYS A 11 6.68 9.11 -10.97
N LEU A 12 6.92 7.86 -11.33
CA LEU A 12 7.89 7.54 -12.37
C LEU A 12 9.19 8.28 -12.16
N GLY A 13 9.70 8.24 -10.93
CA GLY A 13 10.94 8.92 -10.62
C GLY A 13 12.11 7.97 -10.50
N GLU A 14 13.18 8.42 -9.86
CA GLU A 14 14.38 7.60 -9.69
C GLU A 14 14.83 7.58 -8.24
N TYR A 15 14.78 6.40 -7.63
CA TYR A 15 15.16 6.25 -6.23
C TYR A 15 15.84 4.89 -6.01
N PRO A 16 16.75 4.85 -5.02
CA PRO A 16 17.49 3.62 -4.68
C PRO A 16 16.59 2.58 -4.02
N VAL A 17 16.71 1.34 -4.49
CA VAL A 17 15.91 0.24 -3.95
C VAL A 17 15.78 0.35 -2.44
N GLU A 18 16.82 0.86 -1.79
CA GLU A 18 16.83 1.02 -0.34
C GLU A 18 15.55 1.70 0.13
N GLN A 19 15.17 2.77 -0.56
CA GLN A 19 13.96 3.51 -0.21
C GLN A 19 12.78 3.08 -1.07
N MET A 20 12.61 1.77 -1.22
CA MET A 20 11.52 1.22 -2.01
C MET A 20 10.95 -0.04 -1.37
N THR A 21 9.71 -0.37 -1.73
CA THR A 21 9.06 -1.54 -1.19
C THR A 21 8.41 -2.38 -2.29
N THR A 22 8.37 -3.69 -2.09
CA THR A 22 7.79 -4.59 -3.08
C THR A 22 6.59 -5.34 -2.49
N ILE A 23 5.53 -5.47 -3.28
CA ILE A 23 4.33 -6.18 -2.84
C ILE A 23 4.34 -7.62 -3.31
N ALA A 24 4.26 -8.55 -2.36
CA ALA A 24 4.26 -9.98 -2.68
C ALA A 24 2.93 -10.39 -3.30
N GLN A 25 1.93 -9.52 -3.18
CA GLN A 25 0.61 -9.80 -3.73
C GLN A 25 0.65 -9.85 -5.25
N CYS A 26 1.16 -8.77 -5.86
CA CYS A 26 1.26 -8.68 -7.31
C CYS A 26 2.67 -8.33 -7.73
N GLN A 27 3.65 -8.69 -6.91
CA GLN A 27 5.06 -8.42 -7.20
C GLN A 27 5.22 -7.02 -7.78
N CYS A 28 4.51 -6.05 -7.20
CA CYS A 28 4.58 -4.67 -7.66
C CYS A 28 5.46 -3.84 -6.73
N ILE A 29 6.40 -3.11 -7.33
CA ILE A 29 7.31 -2.25 -6.56
C ILE A 29 6.88 -0.80 -6.61
N PHE A 30 6.80 -0.17 -5.44
CA PHE A 30 6.39 1.23 -5.35
C PHE A 30 7.24 1.97 -4.32
N CYS A 31 7.61 3.21 -4.64
CA CYS A 31 8.41 4.02 -3.75
C CYS A 31 7.65 4.34 -2.46
N THR A 32 8.29 4.13 -1.32
CA THR A 32 7.67 4.38 -0.03
C THR A 32 6.73 5.58 -0.10
N LEU A 33 7.28 6.75 -0.41
CA LEU A 33 6.50 7.96 -0.52
C LEU A 33 5.10 7.67 -1.04
N CYS A 34 5.02 7.17 -2.28
CA CYS A 34 3.74 6.84 -2.89
C CYS A 34 2.95 5.88 -2.01
N LEU A 35 3.51 4.70 -1.78
CA LEU A 35 2.86 3.70 -0.94
C LEU A 35 2.30 4.32 0.34
N LYS A 36 2.98 5.34 0.83
CA LYS A 36 2.57 6.03 2.04
C LYS A 36 1.30 6.85 1.80
N GLN A 37 1.43 7.91 1.00
CA GLN A 37 0.30 8.77 0.68
C GLN A 37 -0.88 7.96 0.19
N TYR A 38 -0.62 7.03 -0.73
CA TYR A 38 -1.67 6.19 -1.29
C TYR A 38 -2.49 5.53 -0.18
N VAL A 39 -1.88 4.57 0.52
CA VAL A 39 -2.56 3.88 1.61
C VAL A 39 -3.09 4.86 2.65
N GLU A 40 -2.36 5.96 2.84
CA GLU A 40 -2.76 6.98 3.80
C GLU A 40 -4.13 7.55 3.46
N LEU A 41 -4.25 8.13 2.28
CA LEU A 41 -5.50 8.72 1.83
C LEU A 41 -6.62 7.68 1.83
N LEU A 42 -6.36 6.52 1.23
CA LEU A 42 -7.34 5.45 1.18
C LEU A 42 -7.95 5.20 2.55
N ILE A 43 -7.10 4.99 3.54
CA ILE A 43 -7.56 4.75 4.91
C ILE A 43 -8.33 5.94 5.45
N LYS A 44 -7.80 7.13 5.23
CA LYS A 44 -8.44 8.35 5.69
C LYS A 44 -9.85 8.48 5.14
N GLU A 45 -10.11 7.80 4.02
CA GLU A 45 -11.42 7.83 3.39
C GLU A 45 -12.45 7.11 4.24
N GLY A 46 -12.33 5.78 4.32
CA GLY A 46 -13.26 5.00 5.11
C GLY A 46 -14.04 4.01 4.27
N LEU A 47 -14.81 4.52 3.32
CA LEU A 47 -15.61 3.66 2.44
C LEU A 47 -14.87 2.39 2.11
N GLU A 48 -13.64 2.53 1.60
CA GLU A 48 -12.82 1.39 1.24
C GLU A 48 -12.30 0.67 2.48
N THR A 49 -12.42 -0.66 2.49
CA THR A 49 -11.95 -1.45 3.63
C THR A 49 -10.59 -2.07 3.34
N ALA A 50 -10.35 -2.39 2.07
CA ALA A 50 -9.08 -2.99 1.66
C ALA A 50 -8.23 -2.01 0.87
N ILE A 51 -6.95 -2.31 0.73
CA ILE A 51 -6.03 -1.45 0.00
C ILE A 51 -5.55 -2.13 -1.28
N SER A 52 -6.32 -1.96 -2.35
CA SER A 52 -5.97 -2.56 -3.64
C SER A 52 -4.68 -1.94 -4.19
N CYS A 53 -4.15 -2.53 -5.25
CA CYS A 53 -2.93 -2.05 -5.88
C CYS A 53 -3.08 -0.58 -6.29
N PRO A 54 -2.06 0.23 -5.97
CA PRO A 54 -2.05 1.66 -6.29
C PRO A 54 -1.92 1.91 -7.79
N ASP A 55 -1.89 0.83 -8.57
CA ASP A 55 -1.78 0.94 -10.01
C ASP A 55 -3.05 0.45 -10.70
N ALA A 56 -3.71 1.35 -11.43
CA ALA A 56 -4.94 1.00 -12.14
C ALA A 56 -4.64 0.22 -13.41
N ALA A 57 -3.37 -0.13 -13.60
CA ALA A 57 -2.96 -0.88 -14.78
C ALA A 57 -2.39 -2.24 -14.39
N CYS A 58 -2.78 -2.73 -13.22
CA CYS A 58 -2.31 -4.01 -12.72
C CYS A 58 -3.33 -5.12 -13.03
N PRO A 59 -2.90 -6.13 -13.80
CA PRO A 59 -3.75 -7.26 -14.17
C PRO A 59 -4.07 -8.16 -12.99
N LYS A 60 -3.32 -8.00 -11.90
CA LYS A 60 -3.53 -8.80 -10.70
C LYS A 60 -4.10 -7.94 -9.57
N GLN A 61 -4.06 -6.63 -9.75
CA GLN A 61 -4.58 -5.70 -8.75
C GLN A 61 -4.31 -6.22 -7.34
N GLY A 62 -3.05 -6.56 -7.07
CA GLY A 62 -2.68 -7.06 -5.75
C GLY A 62 -2.76 -6.00 -4.68
N HIS A 63 -3.46 -6.30 -3.59
CA HIS A 63 -3.62 -5.36 -2.49
C HIS A 63 -2.34 -5.30 -1.65
N LEU A 64 -2.38 -4.53 -0.57
CA LEU A 64 -1.23 -4.38 0.30
C LEU A 64 -1.40 -5.22 1.56
N GLN A 65 -0.30 -5.87 1.98
CA GLN A 65 -0.33 -6.71 3.16
C GLN A 65 -0.57 -5.87 4.43
N GLU A 66 -1.30 -6.44 5.38
CA GLU A 66 -1.60 -5.74 6.62
C GLU A 66 -0.31 -5.31 7.33
N ASN A 67 0.68 -6.19 7.32
CA ASN A 67 1.96 -5.90 7.96
C ASN A 67 2.62 -4.68 7.33
N GLU A 68 2.64 -4.63 6.01
CA GLU A 68 3.23 -3.52 5.29
C GLU A 68 2.68 -2.18 5.79
N ILE A 69 1.36 -2.04 5.72
CA ILE A 69 0.70 -0.81 6.16
C ILE A 69 1.12 -0.46 7.58
N GLU A 70 1.00 -1.42 8.49
CA GLU A 70 1.37 -1.20 9.89
C GLU A 70 2.58 -0.27 9.99
N CYS A 71 3.72 -0.75 9.49
CA CYS A 71 4.95 0.04 9.53
C CYS A 71 4.86 1.23 8.58
N MET A 72 4.22 1.03 7.44
CA MET A 72 4.07 2.08 6.44
C MET A 72 3.59 3.38 7.10
N VAL A 73 2.41 3.33 7.71
CA VAL A 73 1.84 4.50 8.37
C VAL A 73 2.08 4.45 9.87
N ALA A 74 1.76 5.54 10.56
CA ALA A 74 1.94 5.62 11.99
C ALA A 74 0.71 5.09 12.73
N ALA A 75 0.95 4.52 13.92
CA ALA A 75 -0.14 3.97 14.73
C ALA A 75 -1.38 4.86 14.64
N GLU A 76 -1.20 6.15 14.82
CA GLU A 76 -2.31 7.10 14.75
C GLU A 76 -3.19 6.83 13.54
N ILE A 77 -2.56 6.56 12.40
CA ILE A 77 -3.27 6.28 11.16
C ILE A 77 -3.67 4.81 11.08
N MET A 78 -2.68 3.94 11.22
CA MET A 78 -2.92 2.49 11.15
C MET A 78 -4.26 2.15 11.80
N GLN A 79 -4.47 2.63 13.02
CA GLN A 79 -5.71 2.36 13.75
C GLN A 79 -6.92 2.52 12.84
N ARG A 80 -6.96 3.64 12.11
CA ARG A 80 -8.07 3.91 11.20
C ARG A 80 -8.36 2.70 10.31
N TYR A 81 -7.30 2.14 9.72
CA TYR A 81 -7.44 0.98 8.85
C TYR A 81 -7.84 -0.25 9.65
N LYS A 82 -7.21 -0.43 10.81
CA LYS A 82 -7.49 -1.58 11.66
C LYS A 82 -8.98 -1.66 11.99
N LYS A 83 -9.56 -0.54 12.42
CA LYS A 83 -10.97 -0.49 12.76
C LYS A 83 -11.83 -0.79 11.53
N LEU A 84 -11.44 -0.25 10.39
CA LEU A 84 -12.17 -0.46 9.15
C LEU A 84 -12.36 -1.95 8.88
N GLN A 85 -11.25 -2.70 8.93
CA GLN A 85 -11.30 -4.13 8.69
C GLN A 85 -12.31 -4.81 9.60
N PHE A 86 -12.20 -4.55 10.90
CA PHE A 86 -13.10 -5.14 11.88
C PHE A 86 -14.55 -5.05 11.41
N GLU A 87 -14.99 -3.83 11.09
CA GLU A 87 -16.36 -3.62 10.63
C GLU A 87 -16.78 -4.73 9.67
N ARG A 88 -15.91 -5.04 8.71
CA ARG A 88 -16.20 -6.08 7.73
C ARG A 88 -15.10 -7.14 7.72
N SER A 89 -15.20 -8.10 8.63
CA SER A 89 -14.22 -9.17 8.72
C SER A 89 -14.71 -10.27 9.67
N GLY A 90 -14.39 -11.52 9.32
CA GLY A 90 -14.79 -12.64 10.14
C GLY A 90 -15.64 -13.64 9.37
N PRO A 91 -16.54 -14.33 10.09
CA PRO A 91 -17.42 -15.33 9.49
C PRO A 91 -18.48 -14.70 8.59
N SER A 92 -18.12 -14.47 7.33
CA SER A 92 -19.04 -13.87 6.36
C SER A 92 -19.91 -14.94 5.71
N SER A 93 -19.27 -15.94 5.11
CA SER A 93 -19.99 -17.01 4.45
C SER A 93 -21.06 -17.60 5.38
N GLY A 94 -20.61 -18.14 6.50
CA GLY A 94 -21.54 -18.73 7.46
C GLY A 94 -21.30 -20.23 7.64
N GLY A 1 21.67 3.33 -16.39
CA GLY A 1 23.01 2.81 -16.55
C GLY A 1 23.82 2.88 -15.26
N SER A 2 24.42 1.77 -14.88
CA SER A 2 25.22 1.71 -13.66
C SER A 2 24.58 2.53 -12.56
N SER A 3 23.26 2.45 -12.45
CA SER A 3 22.53 3.20 -11.43
C SER A 3 21.34 2.40 -10.91
N GLY A 4 21.26 2.27 -9.59
CA GLY A 4 20.17 1.52 -8.98
C GLY A 4 18.87 2.30 -8.97
N SER A 5 17.99 1.99 -9.92
CA SER A 5 16.70 2.66 -10.02
C SER A 5 15.69 1.79 -10.74
N SER A 6 14.62 1.43 -10.05
CA SER A 6 13.57 0.60 -10.62
C SER A 6 12.45 1.45 -11.20
N GLY A 7 12.39 2.70 -10.77
CA GLY A 7 11.36 3.61 -11.26
C GLY A 7 10.03 3.40 -10.57
N CYS A 8 9.19 4.43 -10.59
CA CYS A 8 7.87 4.35 -9.96
C CYS A 8 6.76 4.37 -11.00
N LYS A 9 5.55 4.03 -10.58
CA LYS A 9 4.41 4.00 -11.47
C LYS A 9 3.58 5.27 -11.34
N LEU A 10 3.67 5.91 -10.17
CA LEU A 10 2.93 7.14 -9.90
C LEU A 10 3.77 8.36 -10.24
N CYS A 11 4.74 8.67 -9.37
CA CYS A 11 5.61 9.81 -9.58
C CYS A 11 6.68 9.50 -10.62
N LEU A 12 6.59 8.32 -11.22
CA LEU A 12 7.54 7.90 -12.23
C LEU A 12 8.93 8.46 -11.94
N GLY A 13 9.34 8.35 -10.68
CA GLY A 13 10.66 8.84 -10.29
C GLY A 13 11.68 7.73 -10.15
N GLU A 14 12.92 8.03 -10.51
CA GLU A 14 13.99 7.04 -10.42
C GLU A 14 14.61 7.03 -9.01
N TYR A 15 14.21 6.04 -8.22
CA TYR A 15 14.72 5.90 -6.86
C TYR A 15 15.37 4.55 -6.64
N PRO A 16 16.35 4.49 -5.74
CA PRO A 16 17.08 3.26 -5.42
C PRO A 16 16.21 2.25 -4.67
N VAL A 17 16.33 0.98 -5.04
CA VAL A 17 15.54 -0.07 -4.41
C VAL A 17 15.49 0.12 -2.90
N GLU A 18 16.61 0.55 -2.31
CA GLU A 18 16.68 0.78 -0.88
C GLU A 18 15.47 1.56 -0.39
N GLN A 19 15.08 2.58 -1.14
CA GLN A 19 13.94 3.41 -0.78
C GLN A 19 12.69 2.98 -1.55
N MET A 20 12.52 1.67 -1.69
CA MET A 20 11.36 1.14 -2.42
C MET A 20 10.77 -0.05 -1.66
N THR A 21 9.49 -0.33 -1.93
CA THR A 21 8.81 -1.44 -1.28
C THR A 21 8.15 -2.36 -2.30
N THR A 22 8.48 -3.64 -2.24
CA THR A 22 7.92 -4.62 -3.17
C THR A 22 6.79 -5.42 -2.51
N ILE A 23 5.68 -5.56 -3.22
CA ILE A 23 4.54 -6.30 -2.70
C ILE A 23 4.62 -7.78 -3.10
N ALA A 24 4.42 -8.65 -2.12
CA ALA A 24 4.47 -10.09 -2.37
C ALA A 24 3.10 -10.62 -2.82
N GLN A 25 2.30 -9.74 -3.40
CA GLN A 25 0.97 -10.11 -3.87
C GLN A 25 0.88 -9.99 -5.40
N CYS A 26 1.44 -8.92 -5.93
CA CYS A 26 1.43 -8.69 -7.37
C CYS A 26 2.81 -8.30 -7.87
N GLN A 27 3.83 -8.58 -7.07
CA GLN A 27 5.21 -8.25 -7.44
C GLN A 27 5.31 -6.81 -7.94
N CYS A 28 4.61 -5.91 -7.27
CA CYS A 28 4.62 -4.50 -7.63
C CYS A 28 5.48 -3.68 -6.67
N ILE A 29 6.32 -2.82 -7.22
CA ILE A 29 7.20 -1.98 -6.41
C ILE A 29 6.79 -0.51 -6.50
N PHE A 30 6.96 0.21 -5.40
CA PHE A 30 6.61 1.63 -5.36
C PHE A 30 7.45 2.37 -4.33
N CYS A 31 7.61 3.67 -4.51
CA CYS A 31 8.40 4.49 -3.60
C CYS A 31 7.61 4.79 -2.32
N THR A 32 8.21 4.48 -1.19
CA THR A 32 7.58 4.71 0.11
C THR A 32 6.67 5.94 0.06
N LEU A 33 7.25 7.07 -0.32
CA LEU A 33 6.50 8.31 -0.40
C LEU A 33 5.08 8.07 -0.90
N CYS A 34 4.98 7.57 -2.13
CA CYS A 34 3.68 7.28 -2.73
C CYS A 34 2.89 6.31 -1.87
N LEU A 35 3.32 5.05 -1.84
CA LEU A 35 2.65 4.03 -1.06
C LEU A 35 2.16 4.59 0.27
N LYS A 36 2.92 5.53 0.82
CA LYS A 36 2.55 6.16 2.09
C LYS A 36 1.30 7.02 1.94
N GLN A 37 1.32 7.91 0.96
CA GLN A 37 0.19 8.80 0.71
C GLN A 37 -1.00 8.01 0.15
N TYR A 38 -0.71 6.89 -0.50
CA TYR A 38 -1.76 6.06 -1.08
C TYR A 38 -2.60 5.40 0.01
N VAL A 39 -1.95 4.57 0.82
CA VAL A 39 -2.64 3.88 1.91
C VAL A 39 -3.17 4.87 2.94
N GLU A 40 -2.55 6.04 3.01
CA GLU A 40 -2.96 7.08 3.95
C GLU A 40 -4.27 7.72 3.51
N LEU A 41 -4.25 8.35 2.33
CA LEU A 41 -5.43 9.00 1.79
C LEU A 41 -6.60 8.04 1.71
N LEU A 42 -6.32 6.80 1.31
CA LEU A 42 -7.36 5.78 1.20
C LEU A 42 -7.99 5.50 2.56
N ILE A 43 -7.16 5.19 3.54
CA ILE A 43 -7.63 4.89 4.90
C ILE A 43 -8.39 6.08 5.47
N LYS A 44 -7.78 7.26 5.41
CA LYS A 44 -8.41 8.47 5.93
C LYS A 44 -9.80 8.64 5.36
N GLU A 45 -9.98 8.27 4.11
CA GLU A 45 -11.28 8.39 3.45
C GLU A 45 -12.37 7.71 4.27
N GLY A 46 -12.11 6.47 4.68
CA GLY A 46 -13.08 5.72 5.47
C GLY A 46 -13.84 4.70 4.65
N LEU A 47 -14.30 5.12 3.47
CA LEU A 47 -15.05 4.23 2.59
C LEU A 47 -14.24 2.98 2.25
N GLU A 48 -13.13 3.18 1.55
CA GLU A 48 -12.26 2.07 1.16
C GLU A 48 -11.82 1.27 2.39
N THR A 49 -12.23 0.01 2.45
CA THR A 49 -11.87 -0.86 3.57
C THR A 49 -10.63 -1.68 3.25
N ALA A 50 -10.42 -1.94 1.96
CA ALA A 50 -9.27 -2.73 1.52
C ALA A 50 -8.29 -1.87 0.74
N ILE A 51 -7.00 -1.99 1.07
CA ILE A 51 -5.96 -1.23 0.38
C ILE A 51 -5.43 -1.98 -0.84
N SER A 52 -6.13 -1.84 -1.96
CA SER A 52 -5.73 -2.52 -3.19
C SER A 52 -4.44 -1.91 -3.75
N CYS A 53 -3.99 -2.42 -4.88
CA CYS A 53 -2.78 -1.93 -5.52
C CYS A 53 -2.98 -0.52 -6.05
N PRO A 54 -1.99 0.35 -5.80
CA PRO A 54 -2.03 1.74 -6.25
C PRO A 54 -1.89 1.88 -7.77
N ASP A 55 -1.65 0.75 -8.43
CA ASP A 55 -1.50 0.74 -9.88
C ASP A 55 -2.73 0.13 -10.55
N ALA A 56 -3.40 0.93 -11.37
CA ALA A 56 -4.59 0.47 -12.07
C ALA A 56 -4.24 -0.55 -13.15
N ALA A 57 -3.24 -0.23 -13.96
CA ALA A 57 -2.81 -1.12 -15.02
C ALA A 57 -2.56 -2.53 -14.49
N CYS A 58 -2.06 -2.62 -13.27
CA CYS A 58 -1.77 -3.91 -12.65
C CYS A 58 -2.89 -4.90 -12.93
N PRO A 59 -2.61 -5.87 -13.82
CA PRO A 59 -3.58 -6.91 -14.20
C PRO A 59 -3.85 -7.89 -13.06
N LYS A 60 -3.01 -7.84 -12.03
CA LYS A 60 -3.18 -8.73 -10.88
C LYS A 60 -4.01 -8.07 -9.79
N GLN A 61 -3.79 -6.76 -9.59
CA GLN A 61 -4.52 -6.02 -8.58
C GLN A 61 -4.34 -6.63 -7.20
N GLY A 62 -3.08 -6.79 -6.79
CA GLY A 62 -2.78 -7.37 -5.49
C GLY A 62 -2.90 -6.35 -4.37
N HIS A 63 -3.43 -6.80 -3.23
CA HIS A 63 -3.60 -5.93 -2.08
C HIS A 63 -2.32 -5.86 -1.25
N LEU A 64 -2.29 -4.96 -0.28
CA LEU A 64 -1.12 -4.78 0.57
C LEU A 64 -1.24 -5.63 1.83
N GLN A 65 -0.13 -6.21 2.26
CA GLN A 65 -0.11 -7.05 3.46
C GLN A 65 -0.23 -6.20 4.71
N GLU A 66 -1.05 -6.66 5.66
CA GLU A 66 -1.25 -5.93 6.91
C GLU A 66 0.09 -5.50 7.51
N ASN A 67 1.07 -6.39 7.44
CA ASN A 67 2.40 -6.12 7.97
C ASN A 67 3.01 -4.88 7.31
N GLU A 68 2.78 -4.75 6.00
CA GLU A 68 3.31 -3.62 5.24
C GLU A 68 2.64 -2.31 5.68
N ILE A 69 1.32 -2.27 5.56
CA ILE A 69 0.56 -1.09 5.94
C ILE A 69 0.90 -0.64 7.35
N GLU A 70 1.12 -1.61 8.24
CA GLU A 70 1.46 -1.32 9.63
C GLU A 70 2.69 -0.43 9.71
N CYS A 71 3.80 -0.92 9.16
CA CYS A 71 5.06 -0.16 9.18
C CYS A 71 4.94 1.10 8.32
N MET A 72 4.25 0.98 7.20
CA MET A 72 4.07 2.11 6.29
C MET A 72 3.54 3.33 7.04
N VAL A 73 2.32 3.21 7.56
CA VAL A 73 1.70 4.30 8.30
C VAL A 73 1.99 4.19 9.79
N ALA A 74 1.65 5.23 10.54
CA ALA A 74 1.88 5.25 11.98
C ALA A 74 0.65 4.75 12.74
N ALA A 75 0.88 4.21 13.93
CA ALA A 75 -0.22 3.70 14.74
C ALA A 75 -1.43 4.61 14.68
N GLU A 76 -1.21 5.91 14.89
CA GLU A 76 -2.29 6.89 14.85
C GLU A 76 -3.19 6.64 13.65
N ILE A 77 -2.59 6.34 12.50
CA ILE A 77 -3.33 6.09 11.28
C ILE A 77 -3.74 4.62 11.17
N MET A 78 -2.75 3.74 11.19
CA MET A 78 -2.99 2.31 11.10
C MET A 78 -4.28 1.93 11.82
N GLN A 79 -4.49 2.53 13.00
CA GLN A 79 -5.69 2.25 13.78
C GLN A 79 -6.95 2.36 12.92
N ARG A 80 -7.05 3.46 12.17
CA ARG A 80 -8.21 3.68 11.31
C ARG A 80 -8.43 2.48 10.39
N TYR A 81 -7.40 2.12 9.62
CA TYR A 81 -7.49 1.00 8.70
C TYR A 81 -8.02 -0.25 9.40
N LYS A 82 -7.34 -0.64 10.47
CA LYS A 82 -7.73 -1.81 11.24
C LYS A 82 -9.20 -1.72 11.67
N LYS A 83 -9.58 -0.54 12.16
CA LYS A 83 -10.95 -0.31 12.61
C LYS A 83 -11.94 -0.52 11.46
N LEU A 84 -11.68 0.14 10.34
CA LEU A 84 -12.55 0.03 9.17
C LEU A 84 -12.87 -1.43 8.88
N GLN A 85 -11.84 -2.26 8.87
CA GLN A 85 -12.01 -3.69 8.59
C GLN A 85 -12.89 -4.35 9.66
N PHE A 86 -12.53 -4.13 10.91
CA PHE A 86 -13.28 -4.72 12.03
C PHE A 86 -14.78 -4.61 11.78
N GLU A 87 -15.24 -3.43 11.41
CA GLU A 87 -16.66 -3.19 11.14
C GLU A 87 -17.18 -4.20 10.12
N ARG A 88 -16.44 -4.37 9.03
CA ARG A 88 -16.84 -5.30 7.98
C ARG A 88 -15.81 -6.42 7.83
N SER A 89 -15.97 -7.47 8.63
CA SER A 89 -15.06 -8.60 8.58
C SER A 89 -15.79 -9.91 8.87
N GLY A 90 -15.93 -10.76 7.86
CA GLY A 90 -16.61 -12.02 8.03
C GLY A 90 -17.13 -12.59 6.71
N PRO A 91 -18.43 -12.36 6.44
CA PRO A 91 -19.07 -12.83 5.22
C PRO A 91 -18.58 -12.10 3.98
N SER A 92 -18.31 -12.85 2.91
CA SER A 92 -17.84 -12.27 1.66
C SER A 92 -18.53 -12.91 0.46
N SER A 93 -19.46 -12.17 -0.14
CA SER A 93 -20.20 -12.67 -1.29
C SER A 93 -19.26 -12.98 -2.44
N GLY A 94 -18.36 -12.03 -2.73
CA GLY A 94 -17.41 -12.23 -3.83
C GLY A 94 -17.84 -11.53 -5.09
N GLY A 1 16.49 -1.95 -14.06
CA GLY A 1 17.17 -3.11 -14.62
C GLY A 1 18.64 -2.85 -14.87
N SER A 2 19.49 -3.66 -14.24
CA SER A 2 20.94 -3.52 -14.39
C SER A 2 21.39 -2.13 -13.95
N SER A 3 20.84 -1.66 -12.84
CA SER A 3 21.18 -0.35 -12.31
C SER A 3 20.69 -0.19 -10.87
N GLY A 4 21.27 0.76 -10.14
CA GLY A 4 20.89 0.99 -8.77
C GLY A 4 19.41 1.28 -8.63
N SER A 5 19.02 2.52 -8.89
CA SER A 5 17.62 2.93 -8.80
C SER A 5 16.72 1.95 -9.55
N SER A 6 15.46 1.88 -9.14
CA SER A 6 14.49 0.99 -9.77
C SER A 6 13.42 1.79 -10.50
N GLY A 7 13.21 3.02 -10.06
CA GLY A 7 12.21 3.88 -10.69
C GLY A 7 10.81 3.61 -10.16
N CYS A 8 9.96 4.63 -10.21
CA CYS A 8 8.59 4.50 -9.73
C CYS A 8 7.61 4.54 -10.89
N LYS A 9 6.37 4.11 -10.62
CA LYS A 9 5.33 4.09 -11.64
C LYS A 9 4.36 5.26 -11.46
N LEU A 10 4.43 5.91 -10.30
CA LEU A 10 3.57 7.05 -10.00
C LEU A 10 4.33 8.36 -10.18
N CYS A 11 5.31 8.58 -9.34
CA CYS A 11 6.11 9.80 -9.40
C CYS A 11 7.29 9.63 -10.36
N LEU A 12 7.35 8.47 -11.02
CA LEU A 12 8.42 8.19 -11.96
C LEU A 12 9.75 8.72 -11.46
N GLY A 13 10.04 8.46 -10.18
CA GLY A 13 11.28 8.91 -9.58
C GLY A 13 12.29 7.80 -9.45
N GLU A 14 13.54 8.08 -9.78
CA GLU A 14 14.61 7.10 -9.69
C GLU A 14 15.11 6.96 -8.27
N TYR A 15 14.69 5.90 -7.58
CA TYR A 15 15.09 5.66 -6.21
C TYR A 15 15.70 4.27 -6.06
N PRO A 16 16.63 4.12 -5.09
CA PRO A 16 17.30 2.86 -4.81
C PRO A 16 16.37 1.82 -4.21
N VAL A 17 16.54 0.56 -4.60
CA VAL A 17 15.71 -0.52 -4.10
C VAL A 17 15.61 -0.47 -2.57
N GLU A 18 16.57 0.20 -1.94
CA GLU A 18 16.59 0.32 -0.49
C GLU A 18 15.42 1.17 -0.01
N GLN A 19 15.08 2.20 -0.79
CA GLN A 19 13.98 3.09 -0.43
C GLN A 19 12.72 2.72 -1.20
N MET A 20 12.50 1.42 -1.39
CA MET A 20 11.33 0.94 -2.10
C MET A 20 10.69 -0.24 -1.38
N THR A 21 9.43 -0.51 -1.69
CA THR A 21 8.71 -1.61 -1.06
C THR A 21 8.04 -2.50 -2.11
N THR A 22 8.35 -3.79 -2.07
CA THR A 22 7.77 -4.73 -3.02
C THR A 22 6.55 -5.43 -2.42
N ILE A 23 5.52 -5.60 -3.24
CA ILE A 23 4.30 -6.26 -2.79
C ILE A 23 4.29 -7.73 -3.18
N ALA A 24 4.03 -8.59 -2.20
CA ALA A 24 3.99 -10.03 -2.44
C ALA A 24 2.62 -10.46 -2.95
N GLN A 25 1.88 -9.52 -3.54
CA GLN A 25 0.56 -9.80 -4.07
C GLN A 25 0.54 -9.70 -5.59
N CYS A 26 1.11 -8.61 -6.11
CA CYS A 26 1.16 -8.39 -7.54
C CYS A 26 2.58 -8.01 -7.98
N GLN A 27 3.56 -8.39 -7.17
CA GLN A 27 4.96 -8.09 -7.47
C GLN A 27 5.11 -6.66 -8.01
N CYS A 28 4.51 -5.71 -7.31
CA CYS A 28 4.57 -4.31 -7.71
C CYS A 28 5.42 -3.51 -6.72
N ILE A 29 6.44 -2.83 -7.24
CA ILE A 29 7.32 -2.03 -6.41
C ILE A 29 6.94 -0.55 -6.48
N PHE A 30 7.04 0.14 -5.36
CA PHE A 30 6.72 1.56 -5.29
C PHE A 30 7.51 2.25 -4.18
N CYS A 31 7.84 3.51 -4.40
CA CYS A 31 8.59 4.29 -3.42
C CYS A 31 7.76 4.54 -2.17
N THR A 32 8.30 4.18 -1.01
CA THR A 32 7.60 4.38 0.26
C THR A 32 6.71 5.61 0.21
N LEU A 33 7.30 6.74 -0.16
CA LEU A 33 6.56 8.00 -0.24
C LEU A 33 5.16 7.77 -0.81
N CYS A 34 5.09 7.41 -2.09
CA CYS A 34 3.81 7.16 -2.74
C CYS A 34 2.97 6.19 -1.92
N LEU A 35 3.40 4.94 -1.85
CA LEU A 35 2.69 3.92 -1.10
C LEU A 35 2.13 4.48 0.20
N LYS A 36 2.89 5.37 0.82
CA LYS A 36 2.47 6.00 2.07
C LYS A 36 1.23 6.87 1.86
N GLN A 37 1.41 7.97 1.15
CA GLN A 37 0.31 8.88 0.87
C GLN A 37 -0.89 8.14 0.30
N TYR A 38 -0.61 7.16 -0.55
CA TYR A 38 -1.67 6.37 -1.17
C TYR A 38 -2.58 5.76 -0.12
N VAL A 39 -2.08 4.74 0.58
CA VAL A 39 -2.85 4.08 1.62
C VAL A 39 -3.38 5.08 2.64
N GLU A 40 -2.60 6.12 2.91
CA GLU A 40 -3.00 7.15 3.86
C GLU A 40 -4.38 7.69 3.53
N LEU A 41 -4.56 8.12 2.28
CA LEU A 41 -5.85 8.66 1.85
C LEU A 41 -6.95 7.61 1.95
N LEU A 42 -6.63 6.39 1.55
CA LEU A 42 -7.60 5.29 1.60
C LEU A 42 -8.09 5.08 3.03
N ILE A 43 -7.16 4.93 3.96
CA ILE A 43 -7.51 4.72 5.36
C ILE A 43 -8.34 5.88 5.91
N LYS A 44 -7.91 7.10 5.60
CA LYS A 44 -8.62 8.30 6.05
C LYS A 44 -10.05 8.32 5.53
N GLU A 45 -10.22 7.85 4.29
CA GLU A 45 -11.55 7.82 3.67
C GLU A 45 -12.49 6.93 4.47
N GLY A 46 -12.21 5.64 4.50
CA GLY A 46 -13.05 4.71 5.23
C GLY A 46 -13.75 3.72 4.32
N LEU A 47 -14.39 4.22 3.28
CA LEU A 47 -15.10 3.38 2.33
C LEU A 47 -14.22 2.22 1.87
N GLU A 48 -13.01 2.55 1.43
CA GLU A 48 -12.07 1.54 0.97
C GLU A 48 -11.42 0.81 2.14
N THR A 49 -12.15 -0.11 2.73
CA THR A 49 -11.65 -0.88 3.88
C THR A 49 -10.34 -1.58 3.53
N ALA A 50 -10.21 -2.01 2.27
CA ALA A 50 -9.01 -2.69 1.82
C ALA A 50 -8.07 -1.71 1.13
N ILE A 51 -6.85 -2.18 0.83
CA ILE A 51 -5.85 -1.35 0.16
C ILE A 51 -5.41 -1.98 -1.15
N SER A 52 -6.15 -1.70 -2.21
CA SER A 52 -5.84 -2.24 -3.53
C SER A 52 -4.51 -1.69 -4.03
N CYS A 53 -4.07 -2.19 -5.18
CA CYS A 53 -2.80 -1.76 -5.77
C CYS A 53 -2.90 -0.32 -6.26
N PRO A 54 -1.86 0.47 -5.99
CA PRO A 54 -1.81 1.88 -6.39
C PRO A 54 -1.65 2.05 -7.89
N ASP A 55 -1.69 0.93 -8.62
CA ASP A 55 -1.57 0.95 -10.07
C ASP A 55 -2.92 0.74 -10.73
N ALA A 56 -3.06 1.22 -11.97
CA ALA A 56 -4.29 1.09 -12.72
C ALA A 56 -4.18 -0.01 -13.77
N ALA A 57 -2.99 -0.15 -14.34
CA ALA A 57 -2.75 -1.17 -15.37
C ALA A 57 -2.09 -2.40 -14.77
N CYS A 58 -2.58 -2.82 -13.60
CA CYS A 58 -2.04 -4.00 -12.93
C CYS A 58 -2.84 -5.24 -13.27
N PRO A 59 -2.26 -6.10 -14.13
CA PRO A 59 -2.90 -7.34 -14.55
C PRO A 59 -2.99 -8.37 -13.44
N LYS A 60 -2.53 -7.99 -12.26
CA LYS A 60 -2.55 -8.87 -11.10
C LYS A 60 -3.63 -8.45 -10.11
N GLN A 61 -3.95 -7.16 -10.09
CA GLN A 61 -4.97 -6.63 -9.20
C GLN A 61 -4.76 -7.14 -7.77
N GLY A 62 -3.55 -6.94 -7.26
CA GLY A 62 -3.25 -7.40 -5.91
C GLY A 62 -3.38 -6.28 -4.89
N HIS A 63 -3.60 -6.66 -3.63
CA HIS A 63 -3.75 -5.68 -2.56
C HIS A 63 -2.50 -5.63 -1.70
N LEU A 64 -2.48 -4.72 -0.73
CA LEU A 64 -1.34 -4.57 0.16
C LEU A 64 -1.48 -5.47 1.39
N GLN A 65 -0.35 -5.90 1.94
CA GLN A 65 -0.34 -6.77 3.11
C GLN A 65 -0.57 -5.97 4.38
N GLU A 66 -0.83 -6.68 5.48
CA GLU A 66 -1.07 -6.03 6.76
C GLU A 66 0.23 -5.48 7.34
N ASN A 67 1.28 -6.30 7.30
CA ASN A 67 2.58 -5.89 7.83
C ASN A 67 3.08 -4.63 7.13
N GLU A 68 2.86 -4.56 5.82
CA GLU A 68 3.29 -3.41 5.04
C GLU A 68 2.70 -2.12 5.59
N ILE A 69 1.38 -2.07 5.67
CA ILE A 69 0.69 -0.89 6.18
C ILE A 69 1.20 -0.52 7.57
N GLU A 70 1.32 -1.52 8.44
CA GLU A 70 1.79 -1.29 9.79
C GLU A 70 2.91 -0.24 9.81
N CYS A 71 4.02 -0.56 9.15
CA CYS A 71 5.16 0.35 9.09
C CYS A 71 4.88 1.51 8.14
N MET A 72 4.19 1.22 7.04
CA MET A 72 3.86 2.23 6.05
C MET A 72 3.33 3.50 6.73
N VAL A 73 2.25 3.35 7.47
CA VAL A 73 1.64 4.48 8.17
C VAL A 73 1.98 4.46 9.66
N ALA A 74 1.63 5.53 10.35
CA ALA A 74 1.91 5.63 11.78
C ALA A 74 0.75 5.07 12.61
N ALA A 75 0.95 4.97 13.91
CA ALA A 75 -0.08 4.46 14.81
C ALA A 75 -1.40 5.20 14.61
N GLU A 76 -1.33 6.53 14.59
CA GLU A 76 -2.51 7.35 14.41
C GLU A 76 -3.38 6.83 13.28
N ILE A 77 -2.76 6.61 12.12
CA ILE A 77 -3.47 6.11 10.95
C ILE A 77 -3.85 4.64 11.13
N MET A 78 -2.85 3.79 11.32
CA MET A 78 -3.07 2.36 11.51
C MET A 78 -4.35 2.12 12.31
N GLN A 79 -4.47 2.79 13.45
CA GLN A 79 -5.63 2.64 14.31
C GLN A 79 -6.92 2.73 13.50
N ARG A 80 -7.00 3.74 12.64
CA ARG A 80 -8.19 3.94 11.81
C ARG A 80 -8.43 2.72 10.91
N TYR A 81 -7.38 2.27 10.25
CA TYR A 81 -7.47 1.11 9.36
C TYR A 81 -7.86 -0.14 10.13
N LYS A 82 -7.47 -0.20 11.40
CA LYS A 82 -7.78 -1.34 12.25
C LYS A 82 -9.29 -1.45 12.48
N LYS A 83 -9.91 -0.31 12.81
CA LYS A 83 -11.34 -0.28 13.06
C LYS A 83 -12.12 -0.43 11.76
N LEU A 84 -11.53 0.02 10.66
CA LEU A 84 -12.17 -0.07 9.36
C LEU A 84 -12.31 -1.52 8.91
N GLN A 85 -11.23 -2.28 9.04
CA GLN A 85 -11.23 -3.69 8.65
C GLN A 85 -12.11 -4.51 9.59
N PHE A 86 -11.97 -4.26 10.88
CA PHE A 86 -12.75 -4.98 11.88
C PHE A 86 -14.22 -5.03 11.48
N GLU A 87 -14.73 -3.92 10.96
CA GLU A 87 -16.12 -3.85 10.55
C GLU A 87 -16.47 -4.98 9.59
N ARG A 88 -15.63 -5.16 8.56
CA ARG A 88 -15.85 -6.21 7.57
C ARG A 88 -15.08 -7.47 7.95
N SER A 89 -14.79 -7.62 9.24
CA SER A 89 -14.06 -8.79 9.73
C SER A 89 -14.71 -9.34 10.99
N GLY A 90 -15.21 -10.58 10.89
CA GLY A 90 -15.84 -11.21 12.03
C GLY A 90 -16.40 -12.58 11.70
N PRO A 91 -16.79 -13.33 12.74
CA PRO A 91 -17.35 -14.67 12.57
C PRO A 91 -18.74 -14.66 11.94
N SER A 92 -19.27 -13.45 11.72
CA SER A 92 -20.59 -13.30 11.13
C SER A 92 -20.86 -14.41 10.11
N SER A 93 -21.88 -15.22 10.39
CA SER A 93 -22.24 -16.33 9.50
C SER A 93 -23.09 -15.83 8.34
N GLY A 94 -22.49 -15.76 7.16
CA GLY A 94 -23.21 -15.31 5.98
C GLY A 94 -23.45 -13.81 6.00
N GLY A 1 23.46 6.58 -13.07
CA GLY A 1 22.82 7.07 -11.86
C GLY A 1 22.65 5.97 -10.81
N SER A 2 21.46 5.38 -10.78
CA SER A 2 21.17 4.31 -9.82
C SER A 2 21.10 2.95 -10.52
N SER A 3 21.81 1.98 -9.96
CA SER A 3 21.83 0.64 -10.52
C SER A 3 20.71 -0.22 -9.96
N GLY A 4 20.62 -0.25 -8.64
CA GLY A 4 19.58 -1.04 -7.98
C GLY A 4 18.28 -0.27 -7.82
N SER A 5 17.63 0.02 -8.95
CA SER A 5 16.37 0.76 -8.92
C SER A 5 15.24 -0.08 -9.50
N SER A 6 14.07 -0.01 -8.87
CA SER A 6 12.90 -0.76 -9.32
C SER A 6 11.98 0.13 -10.15
N GLY A 7 12.06 1.43 -9.94
CA GLY A 7 11.23 2.36 -10.68
C GLY A 7 9.79 2.35 -10.20
N CYS A 8 9.24 3.54 -9.97
CA CYS A 8 7.87 3.67 -9.50
C CYS A 8 6.89 3.70 -10.68
N LYS A 9 5.61 3.52 -10.38
CA LYS A 9 4.58 3.54 -11.41
C LYS A 9 3.82 4.86 -11.41
N LEU A 10 3.60 5.41 -10.23
CA LEU A 10 2.90 6.68 -10.10
C LEU A 10 3.77 7.84 -10.57
N CYS A 11 4.74 8.21 -9.74
CA CYS A 11 5.65 9.30 -10.08
C CYS A 11 6.62 8.89 -11.18
N LEU A 12 6.85 7.59 -11.29
CA LEU A 12 7.77 7.06 -12.31
C LEU A 12 9.18 7.61 -12.11
N GLY A 13 9.62 7.63 -10.85
CA GLY A 13 10.95 8.13 -10.54
C GLY A 13 11.92 7.01 -10.19
N GLU A 14 13.18 7.17 -10.61
CA GLU A 14 14.20 6.16 -10.32
C GLU A 14 14.69 6.26 -8.89
N TYR A 15 14.41 5.23 -8.10
CA TYR A 15 14.82 5.20 -6.69
C TYR A 15 15.42 3.86 -6.33
N PRO A 16 16.32 3.85 -5.33
CA PRO A 16 16.97 2.63 -4.86
C PRO A 16 16.01 1.71 -4.12
N VAL A 17 16.17 0.40 -4.35
CA VAL A 17 15.31 -0.59 -3.71
C VAL A 17 15.12 -0.28 -2.23
N GLU A 18 16.09 0.42 -1.66
CA GLU A 18 16.03 0.78 -0.24
C GLU A 18 14.76 1.57 0.06
N GLN A 19 14.49 2.58 -0.75
CA GLN A 19 13.32 3.43 -0.57
C GLN A 19 12.14 2.90 -1.38
N MET A 20 12.04 1.58 -1.48
CA MET A 20 10.96 0.94 -2.22
C MET A 20 10.38 -0.24 -1.45
N THR A 21 9.15 -0.61 -1.78
CA THR A 21 8.48 -1.72 -1.12
C THR A 21 7.86 -2.67 -2.13
N THR A 22 8.16 -3.95 -2.00
CA THR A 22 7.62 -4.97 -2.90
C THR A 22 6.40 -5.65 -2.31
N ILE A 23 5.36 -5.83 -3.12
CA ILE A 23 4.13 -6.47 -2.66
C ILE A 23 4.15 -7.96 -2.97
N ALA A 24 3.56 -8.75 -2.08
CA ALA A 24 3.50 -10.20 -2.25
C ALA A 24 2.19 -10.62 -2.90
N GLN A 25 1.39 -9.63 -3.31
CA GLN A 25 0.12 -9.91 -3.95
C GLN A 25 0.23 -9.87 -5.46
N CYS A 26 0.93 -8.86 -5.97
CA CYS A 26 1.13 -8.70 -7.41
C CYS A 26 2.59 -8.44 -7.74
N GLN A 27 3.48 -8.89 -6.85
CA GLN A 27 4.91 -8.70 -7.05
C GLN A 27 5.20 -7.32 -7.64
N CYS A 28 4.54 -6.31 -7.11
CA CYS A 28 4.72 -4.94 -7.59
C CYS A 28 5.65 -4.17 -6.67
N ILE A 29 6.09 -2.99 -7.12
CA ILE A 29 6.97 -2.15 -6.33
C ILE A 29 6.60 -0.68 -6.46
N PHE A 30 6.80 0.07 -5.38
CA PHE A 30 6.48 1.50 -5.38
C PHE A 30 7.36 2.24 -4.37
N CYS A 31 7.53 3.54 -4.60
CA CYS A 31 8.34 4.37 -3.72
C CYS A 31 7.58 4.72 -2.44
N THR A 32 8.18 4.40 -1.29
CA THR A 32 7.56 4.68 0.00
C THR A 32 6.70 5.94 -0.07
N LEU A 33 7.30 7.04 -0.51
CA LEU A 33 6.60 8.30 -0.61
C LEU A 33 5.16 8.09 -1.06
N CYS A 34 4.99 7.60 -2.28
CA CYS A 34 3.66 7.35 -2.83
C CYS A 34 2.88 6.40 -1.92
N LEU A 35 3.28 5.14 -1.91
CA LEU A 35 2.62 4.13 -1.08
C LEU A 35 2.15 4.72 0.24
N LYS A 36 2.94 5.66 0.77
CA LYS A 36 2.60 6.31 2.04
C LYS A 36 1.29 7.10 1.91
N GLN A 37 1.33 8.17 1.11
CA GLN A 37 0.16 9.01 0.90
C GLN A 37 -1.00 8.20 0.33
N TYR A 38 -0.67 7.16 -0.42
CA TYR A 38 -1.68 6.30 -1.03
C TYR A 38 -2.53 5.62 0.05
N VAL A 39 -1.94 4.66 0.75
CA VAL A 39 -2.65 3.94 1.80
C VAL A 39 -3.19 4.89 2.85
N GLU A 40 -2.55 6.06 2.97
CA GLU A 40 -2.96 7.06 3.94
C GLU A 40 -4.28 7.71 3.53
N LEU A 41 -4.30 8.25 2.31
CA LEU A 41 -5.50 8.91 1.80
C LEU A 41 -6.66 7.93 1.70
N LEU A 42 -6.36 6.70 1.31
CA LEU A 42 -7.38 5.66 1.18
C LEU A 42 -7.98 5.32 2.54
N ILE A 43 -7.12 4.97 3.49
CA ILE A 43 -7.57 4.63 4.83
C ILE A 43 -8.35 5.77 5.47
N LYS A 44 -7.85 7.00 5.30
CA LYS A 44 -8.50 8.17 5.85
C LYS A 44 -9.94 8.29 5.35
N GLU A 45 -10.18 7.75 4.16
CA GLU A 45 -11.52 7.79 3.56
C GLU A 45 -12.49 6.89 4.33
N GLY A 46 -12.29 5.58 4.21
CA GLY A 46 -13.14 4.64 4.90
C GLY A 46 -14.00 3.83 3.94
N LEU A 47 -14.37 4.44 2.82
CA LEU A 47 -15.19 3.78 1.82
C LEU A 47 -14.59 2.44 1.42
N GLU A 48 -13.28 2.33 1.52
CA GLU A 48 -12.57 1.10 1.17
C GLU A 48 -11.94 0.47 2.40
N THR A 49 -11.97 -0.86 2.45
CA THR A 49 -11.40 -1.59 3.57
C THR A 49 -10.11 -2.30 3.18
N ALA A 50 -10.00 -2.63 1.90
CA ALA A 50 -8.81 -3.30 1.38
C ALA A 50 -7.99 -2.38 0.48
N ILE A 51 -6.72 -2.20 0.81
CA ILE A 51 -5.84 -1.35 0.03
C ILE A 51 -5.37 -2.06 -1.25
N SER A 52 -6.00 -1.70 -2.37
CA SER A 52 -5.65 -2.30 -3.65
C SER A 52 -4.36 -1.70 -4.20
N CYS A 53 -3.85 -2.30 -5.26
CA CYS A 53 -2.62 -1.84 -5.88
C CYS A 53 -2.81 -0.44 -6.49
N PRO A 54 -1.89 0.47 -6.17
CA PRO A 54 -1.94 1.85 -6.66
C PRO A 54 -1.64 1.94 -8.16
N ASP A 55 -1.38 0.79 -8.77
CA ASP A 55 -1.08 0.74 -10.20
C ASP A 55 -2.36 0.56 -11.01
N ALA A 56 -2.38 1.14 -12.20
CA ALA A 56 -3.54 1.05 -13.08
C ALA A 56 -3.34 -0.04 -14.14
N ALA A 57 -2.10 -0.20 -14.59
CA ALA A 57 -1.77 -1.20 -15.59
C ALA A 57 -1.39 -2.53 -14.94
N CYS A 58 -1.96 -2.79 -13.78
CA CYS A 58 -1.67 -4.03 -13.05
C CYS A 58 -2.68 -5.12 -13.42
N PRO A 59 -2.21 -6.11 -14.20
CA PRO A 59 -3.05 -7.24 -14.63
C PRO A 59 -3.40 -8.18 -13.48
N LYS A 60 -2.69 -8.03 -12.36
CA LYS A 60 -2.92 -8.87 -11.19
C LYS A 60 -3.90 -8.19 -10.24
N GLN A 61 -3.88 -6.86 -10.23
CA GLN A 61 -4.77 -6.10 -9.35
C GLN A 61 -4.69 -6.60 -7.92
N GLY A 62 -3.46 -6.69 -7.39
CA GLY A 62 -3.27 -7.17 -6.04
C GLY A 62 -3.53 -6.08 -5.01
N HIS A 63 -3.33 -6.42 -3.74
CA HIS A 63 -3.54 -5.46 -2.65
C HIS A 63 -2.32 -5.40 -1.73
N LEU A 64 -2.42 -4.60 -0.69
CA LEU A 64 -1.33 -4.46 0.27
C LEU A 64 -1.64 -5.18 1.58
N GLN A 65 -0.63 -5.84 2.14
CA GLN A 65 -0.81 -6.58 3.39
C GLN A 65 -0.62 -5.65 4.59
N GLU A 66 -0.73 -6.21 5.79
CA GLU A 66 -0.58 -5.44 7.01
C GLU A 66 0.88 -5.13 7.28
N ASN A 67 1.74 -6.13 7.10
CA ASN A 67 3.17 -5.96 7.33
C ASN A 67 3.65 -4.59 6.83
N GLU A 68 3.19 -4.22 5.65
CA GLU A 68 3.57 -2.94 5.05
C GLU A 68 2.88 -1.79 5.77
N ILE A 69 1.58 -1.66 5.55
CA ILE A 69 0.80 -0.59 6.19
C ILE A 69 1.31 -0.29 7.59
N GLU A 70 1.58 -1.34 8.35
CA GLU A 70 2.08 -1.19 9.72
C GLU A 70 3.12 -0.08 9.79
N CYS A 71 4.26 -0.30 9.15
CA CYS A 71 5.33 0.69 9.14
C CYS A 71 4.99 1.87 8.23
N MET A 72 4.39 1.57 7.09
CA MET A 72 4.01 2.61 6.14
C MET A 72 3.40 3.81 6.85
N VAL A 73 2.43 3.55 7.72
CA VAL A 73 1.78 4.61 8.47
C VAL A 73 2.08 4.51 9.96
N ALA A 74 1.71 5.53 10.71
CA ALA A 74 1.94 5.56 12.14
C ALA A 74 0.76 4.95 12.90
N ALA A 75 1.01 4.52 14.14
CA ALA A 75 -0.04 3.93 14.96
C ALA A 75 -1.35 4.69 14.81
N GLU A 76 -1.31 5.99 15.05
CA GLU A 76 -2.50 6.82 14.94
C GLU A 76 -3.30 6.47 13.69
N ILE A 77 -2.60 6.34 12.57
CA ILE A 77 -3.25 6.02 11.30
C ILE A 77 -3.62 4.53 11.26
N MET A 78 -2.64 3.67 11.43
CA MET A 78 -2.86 2.23 11.41
C MET A 78 -4.18 1.88 12.09
N GLN A 79 -4.37 2.41 13.30
CA GLN A 79 -5.59 2.16 14.06
C GLN A 79 -6.82 2.28 13.18
N ARG A 80 -6.87 3.36 12.40
CA ARG A 80 -8.00 3.60 11.50
C ARG A 80 -8.26 2.39 10.60
N TYR A 81 -7.20 1.93 9.93
CA TYR A 81 -7.31 0.78 9.04
C TYR A 81 -7.91 -0.42 9.75
N LYS A 82 -7.26 -0.84 10.83
CA LYS A 82 -7.73 -1.98 11.61
C LYS A 82 -9.17 -1.79 12.04
N LYS A 83 -9.55 -0.55 12.32
CA LYS A 83 -10.91 -0.22 12.73
C LYS A 83 -11.90 -0.48 11.59
N LEU A 84 -11.46 -0.22 10.37
CA LEU A 84 -12.31 -0.42 9.20
C LEU A 84 -12.68 -1.89 9.05
N GLN A 85 -11.68 -2.76 9.03
CA GLN A 85 -11.91 -4.19 8.89
C GLN A 85 -12.80 -4.70 10.01
N PHE A 86 -12.33 -4.57 11.25
CA PHE A 86 -13.10 -5.02 12.41
C PHE A 86 -14.59 -4.82 12.19
N GLU A 87 -14.97 -3.58 11.91
CA GLU A 87 -16.38 -3.25 11.69
C GLU A 87 -16.92 -3.99 10.46
N ARG A 88 -16.10 -4.07 9.42
CA ARG A 88 -16.50 -4.75 8.19
C ARG A 88 -15.77 -6.07 8.04
N SER A 89 -16.29 -7.11 8.68
CA SER A 89 -15.68 -8.44 8.63
C SER A 89 -16.75 -9.52 8.46
N GLY A 90 -16.33 -10.69 8.02
CA GLY A 90 -17.26 -11.80 7.83
C GLY A 90 -16.90 -12.66 6.64
N PRO A 91 -17.92 -13.10 5.90
CA PRO A 91 -17.72 -13.96 4.72
C PRO A 91 -17.07 -13.21 3.57
N SER A 92 -17.26 -11.89 3.54
CA SER A 92 -16.69 -11.06 2.48
C SER A 92 -15.21 -11.35 2.30
N SER A 93 -14.79 -11.56 1.06
CA SER A 93 -13.39 -11.85 0.76
C SER A 93 -12.59 -10.55 0.65
N GLY A 94 -12.16 -10.03 1.79
CA GLY A 94 -11.38 -8.81 1.80
C GLY A 94 -11.95 -7.75 0.87
N GLY A 1 25.38 8.99 -15.25
CA GLY A 1 25.05 7.57 -15.22
C GLY A 1 24.90 7.05 -13.80
N SER A 2 23.68 6.62 -13.48
CA SER A 2 23.39 6.09 -12.14
C SER A 2 22.95 4.64 -12.22
N SER A 3 23.10 3.92 -11.11
CA SER A 3 22.73 2.51 -11.05
C SER A 3 22.06 2.18 -9.72
N GLY A 4 20.82 1.70 -9.79
CA GLY A 4 20.10 1.36 -8.58
C GLY A 4 18.64 1.77 -8.64
N SER A 5 18.38 2.95 -9.21
CA SER A 5 17.02 3.46 -9.32
C SER A 5 16.13 2.48 -10.08
N SER A 6 14.97 2.18 -9.52
CA SER A 6 14.03 1.26 -10.14
C SER A 6 12.93 2.01 -10.87
N GLY A 7 12.69 3.25 -10.45
CA GLY A 7 11.66 4.06 -11.08
C GLY A 7 10.29 3.85 -10.46
N CYS A 8 9.42 4.84 -10.61
CA CYS A 8 8.07 4.76 -10.05
C CYS A 8 7.02 4.87 -11.16
N LYS A 9 5.79 4.55 -10.81
CA LYS A 9 4.69 4.61 -11.77
C LYS A 9 3.82 5.84 -11.54
N LEU A 10 3.60 6.17 -10.27
CA LEU A 10 2.79 7.32 -9.91
C LEU A 10 3.57 8.62 -10.14
N CYS A 11 4.52 8.89 -9.26
CA CYS A 11 5.33 10.10 -9.36
C CYS A 11 6.38 9.95 -10.46
N LEU A 12 6.66 8.71 -10.85
CA LEU A 12 7.64 8.44 -11.89
C LEU A 12 8.98 9.08 -11.56
N GLY A 13 9.43 8.89 -10.32
CA GLY A 13 10.70 9.46 -9.91
C GLY A 13 11.78 8.41 -9.73
N GLU A 14 13.01 8.85 -9.55
CA GLU A 14 14.14 7.94 -9.38
C GLU A 14 14.49 7.78 -7.91
N TYR A 15 14.43 6.54 -7.43
CA TYR A 15 14.72 6.25 -6.03
C TYR A 15 15.39 4.89 -5.89
N PRO A 16 16.23 4.74 -4.85
CA PRO A 16 16.95 3.49 -4.57
C PRO A 16 16.02 2.38 -4.11
N VAL A 17 16.18 1.20 -4.71
CA VAL A 17 15.36 0.04 -4.37
C VAL A 17 15.21 -0.09 -2.86
N GLU A 18 16.28 0.23 -2.13
CA GLU A 18 16.27 0.15 -0.67
C GLU A 18 15.06 0.87 -0.09
N GLN A 19 14.91 2.15 -0.46
CA GLN A 19 13.80 2.96 0.02
C GLN A 19 12.48 2.46 -0.55
N MET A 20 12.50 2.04 -1.80
CA MET A 20 11.30 1.53 -2.46
C MET A 20 10.72 0.34 -1.70
N THR A 21 9.48 -0.03 -2.03
CA THR A 21 8.82 -1.15 -1.38
C THR A 21 8.18 -2.07 -2.40
N THR A 22 8.64 -3.32 -2.44
CA THR A 22 8.10 -4.30 -3.37
C THR A 22 6.94 -5.07 -2.75
N ILE A 23 5.90 -5.29 -3.55
CA ILE A 23 4.73 -6.01 -3.08
C ILE A 23 4.84 -7.50 -3.39
N ALA A 24 4.59 -8.32 -2.37
CA ALA A 24 4.67 -9.77 -2.52
C ALA A 24 3.34 -10.34 -3.03
N GLN A 25 2.59 -9.52 -3.76
CA GLN A 25 1.30 -9.94 -4.29
C GLN A 25 1.30 -9.85 -5.82
N CYS A 26 1.74 -8.72 -6.34
CA CYS A 26 1.79 -8.51 -7.79
C CYS A 26 3.17 -8.02 -8.22
N GLN A 27 4.18 -8.38 -7.44
CA GLN A 27 5.55 -7.98 -7.75
C GLN A 27 5.60 -6.55 -8.26
N CYS A 28 4.92 -5.65 -7.55
CA CYS A 28 4.88 -4.24 -7.93
C CYS A 28 5.67 -3.38 -6.94
N ILE A 29 6.58 -2.56 -7.46
CA ILE A 29 7.39 -1.70 -6.63
C ILE A 29 6.85 -0.28 -6.62
N PHE A 30 6.96 0.40 -5.47
CA PHE A 30 6.48 1.76 -5.34
C PHE A 30 7.25 2.50 -4.25
N CYS A 31 7.66 3.72 -4.56
CA CYS A 31 8.42 4.54 -3.62
C CYS A 31 7.62 4.77 -2.34
N THR A 32 8.26 4.54 -1.19
CA THR A 32 7.61 4.73 0.10
C THR A 32 6.59 5.86 0.04
N LEU A 33 7.07 7.07 -0.20
CA LEU A 33 6.21 8.25 -0.28
C LEU A 33 4.86 7.88 -0.90
N CYS A 34 4.87 7.58 -2.20
CA CYS A 34 3.65 7.21 -2.90
C CYS A 34 2.91 6.10 -2.18
N LEU A 35 3.44 4.87 -2.29
CA LEU A 35 2.83 3.72 -1.64
C LEU A 35 2.20 4.11 -0.31
N LYS A 36 2.84 5.03 0.40
CA LYS A 36 2.34 5.49 1.69
C LYS A 36 1.10 6.35 1.51
N GLN A 37 1.23 7.41 0.72
CA GLN A 37 0.10 8.32 0.47
C GLN A 37 -1.09 7.56 -0.08
N TYR A 38 -0.82 6.50 -0.86
CA TYR A 38 -1.88 5.70 -1.44
C TYR A 38 -2.68 4.96 -0.36
N VAL A 39 -1.99 4.09 0.37
CA VAL A 39 -2.64 3.33 1.44
C VAL A 39 -3.20 4.26 2.50
N GLU A 40 -2.53 5.38 2.73
CA GLU A 40 -2.97 6.34 3.72
C GLU A 40 -4.32 6.94 3.34
N LEU A 41 -4.36 7.61 2.20
CA LEU A 41 -5.59 8.23 1.72
C LEU A 41 -6.77 7.25 1.79
N LEU A 42 -6.54 6.04 1.28
CA LEU A 42 -7.58 5.01 1.29
C LEU A 42 -8.13 4.81 2.70
N ILE A 43 -7.25 4.82 3.69
CA ILE A 43 -7.65 4.64 5.07
C ILE A 43 -8.35 5.90 5.61
N LYS A 44 -7.75 7.06 5.34
CA LYS A 44 -8.32 8.32 5.80
C LYS A 44 -9.79 8.43 5.43
N GLU A 45 -10.11 8.07 4.18
CA GLU A 45 -11.48 8.13 3.71
C GLU A 45 -12.39 7.25 4.57
N GLY A 46 -12.20 5.94 4.47
CA GLY A 46 -13.01 5.01 5.24
C GLY A 46 -13.82 4.08 4.35
N LEU A 47 -14.61 4.65 3.46
CA LEU A 47 -15.45 3.87 2.56
C LEU A 47 -14.71 2.62 2.09
N GLU A 48 -13.57 2.82 1.43
CA GLU A 48 -12.77 1.70 0.93
C GLU A 48 -11.87 1.15 2.02
N THR A 49 -12.17 -0.08 2.46
CA THR A 49 -11.38 -0.72 3.51
C THR A 49 -10.17 -1.43 2.93
N ALA A 50 -10.41 -2.29 1.95
CA ALA A 50 -9.32 -3.02 1.31
C ALA A 50 -8.39 -2.09 0.55
N ILE A 51 -7.11 -2.42 0.53
CA ILE A 51 -6.11 -1.60 -0.16
C ILE A 51 -5.46 -2.38 -1.29
N SER A 52 -6.11 -2.36 -2.46
CA SER A 52 -5.59 -3.07 -3.62
C SER A 52 -4.35 -2.37 -4.17
N CYS A 53 -3.84 -2.87 -5.30
CA CYS A 53 -2.66 -2.30 -5.93
C CYS A 53 -2.92 -0.86 -6.37
N PRO A 54 -1.96 0.02 -6.09
CA PRO A 54 -2.05 1.44 -6.46
C PRO A 54 -1.97 1.66 -7.96
N ASP A 55 -1.82 0.57 -8.70
CA ASP A 55 -1.72 0.65 -10.16
C ASP A 55 -2.98 0.10 -10.82
N ALA A 56 -3.74 0.97 -11.46
CA ALA A 56 -4.97 0.57 -12.13
C ALA A 56 -4.67 -0.24 -13.39
N ALA A 57 -3.43 -0.14 -13.86
CA ALA A 57 -3.01 -0.87 -15.06
C ALA A 57 -2.33 -2.18 -14.69
N CYS A 58 -2.67 -2.71 -13.52
CA CYS A 58 -2.09 -3.96 -13.04
C CYS A 58 -3.03 -5.13 -13.31
N PRO A 59 -2.61 -6.05 -14.17
CA PRO A 59 -3.40 -7.23 -14.53
C PRO A 59 -3.50 -8.23 -13.38
N LYS A 60 -2.79 -7.94 -12.29
CA LYS A 60 -2.80 -8.81 -11.12
C LYS A 60 -3.73 -8.26 -10.04
N GLN A 61 -3.62 -6.95 -9.79
CA GLN A 61 -4.46 -6.31 -8.78
C GLN A 61 -4.13 -6.83 -7.39
N GLY A 62 -2.83 -6.91 -7.08
CA GLY A 62 -2.42 -7.38 -5.77
C GLY A 62 -2.54 -6.33 -4.69
N HIS A 63 -3.20 -6.69 -3.59
CA HIS A 63 -3.40 -5.77 -2.48
C HIS A 63 -2.20 -5.78 -1.54
N LEU A 64 -2.24 -4.92 -0.53
CA LEU A 64 -1.14 -4.84 0.44
C LEU A 64 -1.50 -5.59 1.72
N GLN A 65 -0.51 -6.26 2.29
CA GLN A 65 -0.72 -7.02 3.53
C GLN A 65 -0.86 -6.09 4.72
N GLU A 66 -1.22 -6.65 5.87
CA GLU A 66 -1.38 -5.86 7.09
C GLU A 66 -0.04 -5.39 7.62
N ASN A 67 0.89 -6.33 7.80
CA ASN A 67 2.22 -6.00 8.30
C ASN A 67 2.83 -4.84 7.53
N GLU A 68 2.71 -4.89 6.20
CA GLU A 68 3.26 -3.84 5.35
C GLU A 68 2.69 -2.48 5.73
N ILE A 69 1.36 -2.39 5.76
CA ILE A 69 0.69 -1.14 6.12
C ILE A 69 1.08 -0.69 7.51
N GLU A 70 0.96 -1.58 8.48
CA GLU A 70 1.30 -1.28 9.87
C GLU A 70 2.56 -0.42 9.94
N CYS A 71 3.66 -0.96 9.40
CA CYS A 71 4.93 -0.24 9.40
C CYS A 71 4.86 1.00 8.52
N MET A 72 4.26 0.85 7.34
CA MET A 72 4.14 1.96 6.41
C MET A 72 3.66 3.22 7.12
N VAL A 73 2.51 3.13 7.77
CA VAL A 73 1.94 4.26 8.49
C VAL A 73 2.22 4.16 9.99
N ALA A 74 1.93 5.22 10.73
CA ALA A 74 2.14 5.24 12.16
C ALA A 74 0.94 4.71 12.91
N ALA A 75 1.04 4.63 14.23
CA ALA A 75 -0.05 4.14 15.06
C ALA A 75 -1.29 4.99 14.90
N GLU A 76 -1.15 6.29 15.09
CA GLU A 76 -2.26 7.22 14.96
C GLU A 76 -3.09 6.89 13.72
N ILE A 77 -2.41 6.53 12.64
CA ILE A 77 -3.09 6.21 11.39
C ILE A 77 -3.60 4.76 11.41
N MET A 78 -2.68 3.82 11.54
CA MET A 78 -3.03 2.40 11.57
C MET A 78 -4.37 2.20 12.27
N GLN A 79 -4.46 2.69 13.50
CA GLN A 79 -5.70 2.57 14.29
C GLN A 79 -6.93 2.73 13.40
N ARG A 80 -6.92 3.78 12.59
CA ARG A 80 -8.03 4.05 11.69
C ARG A 80 -8.33 2.85 10.79
N TYR A 81 -7.27 2.26 10.24
CA TYR A 81 -7.41 1.11 9.36
C TYR A 81 -8.01 -0.07 10.11
N LYS A 82 -7.38 -0.46 11.22
CA LYS A 82 -7.85 -1.57 12.02
C LYS A 82 -9.35 -1.47 12.26
N LYS A 83 -9.80 -0.31 12.73
CA LYS A 83 -11.20 -0.08 13.01
C LYS A 83 -12.05 -0.33 11.77
N LEU A 84 -11.67 0.31 10.66
CA LEU A 84 -12.39 0.15 9.40
C LEU A 84 -12.63 -1.32 9.09
N GLN A 85 -11.57 -2.12 9.17
CA GLN A 85 -11.66 -3.55 8.90
C GLN A 85 -12.86 -4.16 9.61
N PHE A 86 -12.90 -4.02 10.93
CA PHE A 86 -13.99 -4.56 11.73
C PHE A 86 -15.32 -3.91 11.34
N GLU A 87 -15.36 -2.58 11.36
CA GLU A 87 -16.57 -1.85 11.02
C GLU A 87 -17.29 -2.51 9.84
N ARG A 88 -16.53 -2.85 8.81
CA ARG A 88 -17.08 -3.49 7.63
C ARG A 88 -16.59 -4.92 7.50
N SER A 89 -16.62 -5.66 8.60
CA SER A 89 -16.17 -7.05 8.61
C SER A 89 -17.31 -7.98 8.22
N GLY A 90 -18.41 -7.91 8.96
CA GLY A 90 -19.56 -8.76 8.68
C GLY A 90 -19.57 -10.01 9.53
N PRO A 91 -20.73 -10.69 9.58
CA PRO A 91 -20.89 -11.92 10.36
C PRO A 91 -20.12 -13.10 9.76
N SER A 92 -18.94 -13.36 10.31
CA SER A 92 -18.10 -14.46 9.83
C SER A 92 -18.59 -15.80 10.38
N SER A 93 -19.60 -16.37 9.73
CA SER A 93 -20.15 -17.65 10.17
C SER A 93 -19.71 -18.78 9.24
N GLY A 94 -18.86 -19.65 9.75
CA GLY A 94 -18.38 -20.77 8.95
C GLY A 94 -19.47 -21.77 8.63
N GLY A 1 23.51 8.42 -15.71
CA GLY A 1 23.63 7.05 -15.26
C GLY A 1 22.59 6.69 -14.21
N SER A 2 22.73 5.51 -13.61
CA SER A 2 21.80 5.05 -12.59
C SER A 2 22.45 4.00 -11.69
N SER A 3 22.48 4.28 -10.39
CA SER A 3 23.07 3.37 -9.43
C SER A 3 22.01 2.51 -8.76
N GLY A 4 21.09 1.98 -9.56
CA GLY A 4 20.03 1.15 -9.03
C GLY A 4 18.71 1.89 -8.94
N SER A 5 17.75 1.50 -9.77
CA SER A 5 16.44 2.14 -9.78
C SER A 5 15.37 1.17 -10.28
N SER A 6 14.25 1.10 -9.56
CA SER A 6 13.15 0.22 -9.93
C SER A 6 12.10 0.97 -10.75
N GLY A 7 12.13 2.29 -10.66
CA GLY A 7 11.17 3.10 -11.40
C GLY A 7 9.77 2.99 -10.84
N CYS A 8 9.23 4.12 -10.38
CA CYS A 8 7.88 4.14 -9.82
C CYS A 8 6.84 4.34 -10.91
N LYS A 9 5.71 3.65 -10.79
CA LYS A 9 4.63 3.76 -11.76
C LYS A 9 3.51 4.66 -11.24
N LEU A 10 3.78 5.34 -10.13
CA LEU A 10 2.80 6.25 -9.54
C LEU A 10 3.21 7.70 -9.74
N CYS A 11 4.47 8.00 -9.47
CA CYS A 11 4.99 9.36 -9.63
C CYS A 11 6.01 9.43 -10.76
N LEU A 12 6.50 8.27 -11.18
CA LEU A 12 7.49 8.19 -12.25
C LEU A 12 8.80 8.85 -11.83
N GLY A 13 9.31 8.44 -10.67
CA GLY A 13 10.56 9.00 -10.17
C GLY A 13 11.59 7.93 -9.87
N GLU A 14 12.76 8.04 -10.50
CA GLU A 14 13.83 7.07 -10.30
C GLU A 14 14.35 7.13 -8.87
N TYR A 15 14.25 6.01 -8.16
CA TYR A 15 14.71 5.93 -6.78
C TYR A 15 15.43 4.61 -6.52
N PRO A 16 16.36 4.62 -5.55
CA PRO A 16 17.13 3.43 -5.18
C PRO A 16 16.27 2.38 -4.48
N VAL A 17 16.52 1.12 -4.80
CA VAL A 17 15.77 0.01 -4.20
C VAL A 17 15.67 0.18 -2.69
N GLU A 18 16.58 0.98 -2.13
CA GLU A 18 16.58 1.22 -0.69
C GLU A 18 15.36 2.00 -0.26
N GLN A 19 14.99 3.00 -1.06
CA GLN A 19 13.82 3.83 -0.75
C GLN A 19 12.60 3.35 -1.52
N MET A 20 12.46 2.03 -1.64
CA MET A 20 11.32 1.44 -2.34
C MET A 20 10.77 0.25 -1.57
N THR A 21 9.49 -0.06 -1.81
CA THR A 21 8.84 -1.17 -1.13
C THR A 21 8.20 -2.13 -2.14
N THR A 22 8.45 -3.41 -1.97
CA THR A 22 7.91 -4.43 -2.86
C THR A 22 6.68 -5.09 -2.26
N ILE A 23 5.62 -5.20 -3.06
CA ILE A 23 4.38 -5.81 -2.60
C ILE A 23 4.42 -7.33 -2.76
N ALA A 24 4.10 -8.05 -1.69
CA ALA A 24 4.09 -9.51 -1.72
C ALA A 24 2.75 -10.04 -2.21
N GLN A 25 2.02 -9.22 -2.94
CA GLN A 25 0.72 -9.61 -3.47
C GLN A 25 0.73 -9.65 -4.99
N CYS A 26 1.30 -8.63 -5.60
CA CYS A 26 1.38 -8.55 -7.06
C CYS A 26 2.78 -8.15 -7.51
N GLN A 27 3.79 -8.57 -6.74
CA GLN A 27 5.18 -8.26 -7.07
C GLN A 27 5.29 -6.85 -7.64
N CYS A 28 4.59 -5.90 -7.02
CA CYS A 28 4.62 -4.52 -7.47
C CYS A 28 5.46 -3.65 -6.52
N ILE A 29 6.43 -2.95 -7.09
CA ILE A 29 7.31 -2.09 -6.30
C ILE A 29 6.87 -0.63 -6.40
N PHE A 30 7.02 0.10 -5.31
CA PHE A 30 6.64 1.51 -5.26
C PHE A 30 7.45 2.26 -4.22
N CYS A 31 7.69 3.54 -4.47
CA CYS A 31 8.46 4.37 -3.54
C CYS A 31 7.68 4.61 -2.25
N THR A 32 8.32 4.33 -1.12
CA THR A 32 7.69 4.51 0.18
C THR A 32 6.72 5.70 0.16
N LEU A 33 7.26 6.89 -0.09
CA LEU A 33 6.46 8.10 -0.13
C LEU A 33 5.08 7.82 -0.73
N CYS A 34 5.06 7.52 -2.03
CA CYS A 34 3.81 7.22 -2.72
C CYS A 34 2.96 6.24 -1.91
N LEU A 35 3.44 5.01 -1.78
CA LEU A 35 2.72 3.98 -1.04
C LEU A 35 2.11 4.55 0.24
N LYS A 36 2.89 5.35 0.96
CA LYS A 36 2.43 5.97 2.19
C LYS A 36 1.15 6.76 1.97
N GLN A 37 1.22 7.76 1.09
CA GLN A 37 0.07 8.59 0.78
C GLN A 37 -1.08 7.75 0.23
N TYR A 38 -0.76 6.86 -0.69
CA TYR A 38 -1.76 5.98 -1.30
C TYR A 38 -2.61 5.30 -0.23
N VAL A 39 -1.95 4.53 0.63
CA VAL A 39 -2.65 3.83 1.71
C VAL A 39 -3.21 4.81 2.73
N GLU A 40 -2.47 5.88 2.99
CA GLU A 40 -2.90 6.88 3.94
C GLU A 40 -4.25 7.47 3.55
N LEU A 41 -4.28 8.17 2.42
CA LEU A 41 -5.51 8.79 1.93
C LEU A 41 -6.65 7.77 1.88
N LEU A 42 -6.33 6.57 1.41
CA LEU A 42 -7.32 5.50 1.32
C LEU A 42 -7.98 5.24 2.67
N ILE A 43 -7.15 5.13 3.71
CA ILE A 43 -7.65 4.88 5.06
C ILE A 43 -8.39 6.11 5.60
N LYS A 44 -7.82 7.29 5.37
CA LYS A 44 -8.42 8.53 5.84
C LYS A 44 -9.87 8.64 5.37
N GLU A 45 -10.13 8.16 4.16
CA GLU A 45 -11.48 8.20 3.60
C GLU A 45 -12.47 7.47 4.50
N GLY A 46 -12.20 6.18 4.73
CA GLY A 46 -13.08 5.39 5.56
C GLY A 46 -13.93 4.42 4.76
N LEU A 47 -14.44 4.89 3.63
CA LEU A 47 -15.28 4.05 2.77
C LEU A 47 -14.57 2.75 2.42
N GLU A 48 -13.41 2.86 1.78
CA GLU A 48 -12.64 1.69 1.39
C GLU A 48 -12.09 0.97 2.61
N THR A 49 -12.47 -0.30 2.76
CA THR A 49 -12.02 -1.10 3.89
C THR A 49 -10.69 -1.79 3.58
N ALA A 50 -10.48 -2.11 2.31
CA ALA A 50 -9.25 -2.77 1.89
C ALA A 50 -8.36 -1.81 1.10
N ILE A 51 -7.11 -2.21 0.89
CA ILE A 51 -6.16 -1.38 0.15
C ILE A 51 -5.67 -2.11 -1.10
N SER A 52 -6.32 -1.87 -2.23
CA SER A 52 -5.95 -2.51 -3.49
C SER A 52 -4.64 -1.93 -4.01
N CYS A 53 -4.21 -2.43 -5.17
CA CYS A 53 -2.96 -1.96 -5.78
C CYS A 53 -3.12 -0.56 -6.34
N PRO A 54 -2.13 0.30 -6.06
CA PRO A 54 -2.13 1.69 -6.53
C PRO A 54 -1.94 1.80 -8.04
N ASP A 55 -1.72 0.66 -8.69
CA ASP A 55 -1.52 0.63 -10.12
C ASP A 55 -2.71 -0.02 -10.82
N ALA A 56 -3.54 0.80 -11.47
CA ALA A 56 -4.71 0.31 -12.18
C ALA A 56 -4.31 -0.62 -13.32
N ALA A 57 -3.19 -0.31 -13.96
CA ALA A 57 -2.70 -1.11 -15.08
C ALA A 57 -1.90 -2.31 -14.58
N CYS A 58 -2.36 -2.91 -13.49
CA CYS A 58 -1.69 -4.07 -12.91
C CYS A 58 -2.23 -5.36 -13.51
N PRO A 59 -1.33 -6.16 -14.11
CA PRO A 59 -1.70 -7.44 -14.73
C PRO A 59 -2.08 -8.50 -13.70
N LYS A 60 -1.79 -8.21 -12.43
CA LYS A 60 -2.11 -9.14 -11.35
C LYS A 60 -3.24 -8.59 -10.49
N GLN A 61 -3.40 -7.27 -10.49
CA GLN A 61 -4.45 -6.63 -9.70
C GLN A 61 -4.44 -7.12 -8.27
N GLY A 62 -3.25 -7.08 -7.65
CA GLY A 62 -3.13 -7.53 -6.27
C GLY A 62 -3.56 -6.47 -5.27
N HIS A 63 -3.32 -6.74 -4.00
CA HIS A 63 -3.70 -5.80 -2.94
C HIS A 63 -2.53 -5.58 -1.97
N LEU A 64 -2.77 -4.79 -0.94
CA LEU A 64 -1.75 -4.50 0.06
C LEU A 64 -2.03 -5.23 1.36
N GLN A 65 -1.24 -6.26 1.64
CA GLN A 65 -1.39 -7.05 2.85
C GLN A 65 -1.12 -6.21 4.08
N GLU A 66 -1.93 -6.40 5.13
CA GLU A 66 -1.77 -5.65 6.36
C GLU A 66 -0.30 -5.53 6.75
N ASN A 67 0.47 -6.57 6.43
CA ASN A 67 1.89 -6.59 6.74
C ASN A 67 2.58 -5.32 6.26
N GLU A 68 2.21 -4.88 5.05
CA GLU A 68 2.79 -3.68 4.47
C GLU A 68 2.27 -2.42 5.18
N ILE A 69 0.97 -2.18 5.05
CA ILE A 69 0.35 -1.02 5.66
C ILE A 69 0.83 -0.84 7.10
N GLU A 70 0.79 -1.93 7.87
CA GLU A 70 1.22 -1.90 9.27
C GLU A 70 2.40 -0.94 9.45
N CYS A 71 3.54 -1.29 8.86
CA CYS A 71 4.73 -0.47 8.96
C CYS A 71 4.59 0.80 8.12
N MET A 72 4.12 0.64 6.89
CA MET A 72 3.94 1.76 5.98
C MET A 72 3.46 3.00 6.75
N VAL A 73 2.41 2.83 7.54
CA VAL A 73 1.85 3.93 8.32
C VAL A 73 2.14 3.74 9.81
N ALA A 74 1.95 4.80 10.58
CA ALA A 74 2.18 4.77 12.02
C ALA A 74 0.92 4.40 12.77
N ALA A 75 1.06 4.13 14.07
CA ALA A 75 -0.08 3.77 14.91
C ALA A 75 -1.24 4.72 14.70
N GLU A 76 -1.00 6.01 14.95
CA GLU A 76 -2.03 7.02 14.78
C GLU A 76 -2.89 6.74 13.55
N ILE A 77 -2.23 6.39 12.45
CA ILE A 77 -2.93 6.10 11.20
C ILE A 77 -3.53 4.70 11.23
N MET A 78 -2.67 3.69 11.32
CA MET A 78 -3.12 2.30 11.35
C MET A 78 -4.45 2.18 12.09
N GLN A 79 -4.53 2.78 13.27
CA GLN A 79 -5.74 2.74 14.07
C GLN A 79 -6.98 2.87 13.19
N ARG A 80 -6.98 3.86 12.32
CA ARG A 80 -8.10 4.09 11.42
C ARG A 80 -8.38 2.86 10.58
N TYR A 81 -7.38 2.43 9.82
CA TYR A 81 -7.52 1.25 8.95
C TYR A 81 -8.07 0.06 9.74
N LYS A 82 -7.37 -0.29 10.82
CA LYS A 82 -7.79 -1.40 11.66
C LYS A 82 -9.21 -1.21 12.17
N LYS A 83 -9.55 0.03 12.50
CA LYS A 83 -10.88 0.36 12.99
C LYS A 83 -11.95 0.02 11.95
N LEU A 84 -11.66 0.32 10.69
CA LEU A 84 -12.59 0.05 9.60
C LEU A 84 -12.88 -1.45 9.50
N GLN A 85 -11.83 -2.24 9.33
CA GLN A 85 -11.98 -3.69 9.21
C GLN A 85 -12.61 -4.26 10.47
N PHE A 86 -12.00 -3.99 11.61
CA PHE A 86 -12.50 -4.48 12.89
C PHE A 86 -14.03 -4.48 12.91
N GLU A 87 -14.62 -3.32 12.66
CA GLU A 87 -16.07 -3.19 12.66
C GLU A 87 -16.70 -4.14 11.64
N ARG A 88 -16.21 -4.08 10.40
CA ARG A 88 -16.73 -4.93 9.33
C ARG A 88 -15.89 -6.19 9.20
N SER A 89 -15.55 -6.80 10.33
CA SER A 89 -14.74 -8.02 10.34
C SER A 89 -15.62 -9.25 10.53
N GLY A 90 -16.78 -9.25 9.88
CA GLY A 90 -17.70 -10.37 10.00
C GLY A 90 -17.09 -11.66 9.50
N PRO A 91 -17.79 -12.33 8.57
CA PRO A 91 -17.33 -13.60 7.98
C PRO A 91 -16.12 -13.41 7.09
N SER A 92 -15.36 -14.49 6.89
CA SER A 92 -14.17 -14.44 6.06
C SER A 92 -14.55 -14.28 4.58
N SER A 93 -14.32 -13.07 4.06
CA SER A 93 -14.64 -12.79 2.67
C SER A 93 -14.23 -13.94 1.76
N GLY A 94 -13.02 -14.46 1.98
CA GLY A 94 -12.54 -15.57 1.17
C GLY A 94 -11.46 -16.37 1.88
N GLY A 1 27.48 6.67 -2.66
CA GLY A 1 28.28 6.21 -3.78
C GLY A 1 27.54 5.23 -4.66
N SER A 2 27.26 4.05 -4.13
CA SER A 2 26.56 3.02 -4.88
C SER A 2 25.25 3.55 -5.45
N SER A 3 25.30 3.96 -6.71
CA SER A 3 24.11 4.50 -7.38
C SER A 3 23.09 3.40 -7.63
N GLY A 4 21.88 3.61 -7.13
CA GLY A 4 20.82 2.63 -7.31
C GLY A 4 19.46 3.27 -7.47
N SER A 5 18.80 2.99 -8.59
CA SER A 5 17.47 3.54 -8.85
C SER A 5 16.56 2.50 -9.50
N SER A 6 15.47 2.18 -8.83
CA SER A 6 14.52 1.19 -9.34
C SER A 6 13.43 1.87 -10.15
N GLY A 7 13.26 3.18 -9.94
CA GLY A 7 12.24 3.92 -10.67
C GLY A 7 10.84 3.65 -10.15
N CYS A 8 9.96 4.62 -10.31
CA CYS A 8 8.58 4.47 -9.85
C CYS A 8 7.61 4.53 -11.03
N LYS A 9 6.35 4.18 -10.76
CA LYS A 9 5.33 4.18 -11.80
C LYS A 9 4.40 5.38 -11.64
N LEU A 10 3.97 5.63 -10.40
CA LEU A 10 3.09 6.75 -10.11
C LEU A 10 3.79 8.08 -10.33
N CYS A 11 4.71 8.41 -9.43
CA CYS A 11 5.47 9.66 -9.53
C CYS A 11 6.51 9.58 -10.64
N LEU A 12 6.91 8.36 -10.99
CA LEU A 12 7.91 8.14 -12.03
C LEU A 12 9.20 8.87 -11.71
N GLY A 13 9.59 8.84 -10.43
CA GLY A 13 10.81 9.51 -10.01
C GLY A 13 11.92 8.53 -9.72
N GLU A 14 13.11 9.05 -9.43
CA GLU A 14 14.27 8.22 -9.14
C GLU A 14 14.47 8.08 -7.64
N TYR A 15 14.53 6.84 -7.15
CA TYR A 15 14.71 6.58 -5.74
C TYR A 15 15.50 5.29 -5.51
N PRO A 16 16.22 5.22 -4.39
CA PRO A 16 17.03 4.04 -4.04
C PRO A 16 16.17 2.84 -3.68
N VAL A 17 16.52 1.68 -4.22
CA VAL A 17 15.79 0.45 -3.95
C VAL A 17 15.53 0.27 -2.46
N GLU A 18 16.53 0.62 -1.65
CA GLU A 18 16.42 0.50 -0.20
C GLU A 18 15.15 1.19 0.30
N GLN A 19 14.80 2.31 -0.33
CA GLN A 19 13.62 3.06 0.06
C GLN A 19 12.37 2.49 -0.60
N MET A 20 12.51 2.07 -1.85
CA MET A 20 11.39 1.50 -2.60
C MET A 20 10.88 0.23 -1.92
N THR A 21 9.61 -0.08 -2.13
CA THR A 21 9.00 -1.27 -1.55
C THR A 21 8.34 -2.14 -2.62
N THR A 22 8.66 -3.43 -2.60
CA THR A 22 8.11 -4.36 -3.57
C THR A 22 6.98 -5.18 -2.95
N ILE A 23 5.79 -5.10 -3.55
CA ILE A 23 4.64 -5.84 -3.06
C ILE A 23 4.75 -7.32 -3.41
N ALA A 24 4.54 -8.18 -2.42
CA ALA A 24 4.62 -9.62 -2.61
C ALA A 24 3.27 -10.17 -3.06
N GLN A 25 2.45 -9.31 -3.66
CA GLN A 25 1.14 -9.72 -4.15
C GLN A 25 1.07 -9.63 -5.67
N CYS A 26 1.52 -8.51 -6.20
CA CYS A 26 1.50 -8.29 -7.65
C CYS A 26 2.87 -7.85 -8.16
N GLN A 27 3.92 -8.24 -7.43
CA GLN A 27 5.28 -7.88 -7.80
C GLN A 27 5.34 -6.45 -8.32
N CYS A 28 4.75 -5.52 -7.58
CA CYS A 28 4.73 -4.12 -7.97
C CYS A 28 5.59 -3.28 -7.02
N ILE A 29 6.59 -2.61 -7.58
CA ILE A 29 7.48 -1.77 -6.78
C ILE A 29 6.98 -0.34 -6.72
N PHE A 30 7.12 0.29 -5.55
CA PHE A 30 6.68 1.67 -5.36
C PHE A 30 7.49 2.35 -4.27
N CYS A 31 7.75 3.64 -4.45
CA CYS A 31 8.51 4.41 -3.49
C CYS A 31 7.71 4.66 -2.22
N THR A 32 8.31 4.35 -1.07
CA THR A 32 7.64 4.53 0.21
C THR A 32 6.69 5.73 0.18
N LEU A 33 7.18 6.84 -0.36
CA LEU A 33 6.37 8.05 -0.45
C LEU A 33 4.98 7.74 -0.99
N CYS A 34 4.91 7.37 -2.26
CA CYS A 34 3.65 7.05 -2.90
C CYS A 34 2.84 6.06 -2.05
N LEU A 35 3.42 4.89 -1.82
CA LEU A 35 2.76 3.86 -1.03
C LEU A 35 2.19 4.44 0.26
N LYS A 36 2.95 5.35 0.86
CA LYS A 36 2.53 6.00 2.10
C LYS A 36 1.26 6.82 1.88
N GLN A 37 1.37 7.87 1.08
CA GLN A 37 0.23 8.73 0.79
C GLN A 37 -0.94 7.93 0.22
N TYR A 38 -0.61 6.83 -0.44
CA TYR A 38 -1.63 5.97 -1.04
C TYR A 38 -2.47 5.29 0.03
N VAL A 39 -1.86 4.31 0.71
CA VAL A 39 -2.55 3.58 1.76
C VAL A 39 -3.16 4.53 2.78
N GLU A 40 -2.71 5.77 2.77
CA GLU A 40 -3.22 6.78 3.70
C GLU A 40 -4.50 7.41 3.17
N LEU A 41 -4.50 7.77 1.89
CA LEU A 41 -5.66 8.38 1.26
C LEU A 41 -6.84 7.40 1.22
N LEU A 42 -6.52 6.11 1.10
CA LEU A 42 -7.55 5.08 1.06
C LEU A 42 -8.17 4.88 2.44
N ILE A 43 -7.34 4.48 3.39
CA ILE A 43 -7.82 4.26 4.75
C ILE A 43 -8.65 5.42 5.25
N LYS A 44 -8.09 6.63 5.19
CA LYS A 44 -8.79 7.83 5.63
C LYS A 44 -10.24 7.81 5.16
N GLU A 45 -10.45 7.47 3.89
CA GLU A 45 -11.79 7.42 3.33
C GLU A 45 -12.70 6.52 4.16
N GLY A 46 -12.30 5.26 4.31
CA GLY A 46 -13.09 4.32 5.08
C GLY A 46 -13.95 3.43 4.21
N LEU A 47 -14.55 4.02 3.18
CA LEU A 47 -15.41 3.28 2.27
C LEU A 47 -14.76 1.97 1.84
N GLU A 48 -13.60 2.09 1.18
CA GLU A 48 -12.88 0.90 0.71
C GLU A 48 -11.79 0.51 1.71
N THR A 49 -12.19 -0.18 2.77
CA THR A 49 -11.26 -0.62 3.80
C THR A 49 -10.07 -1.35 3.18
N ALA A 50 -10.33 -2.16 2.15
CA ALA A 50 -9.28 -2.91 1.48
C ALA A 50 -8.31 -1.97 0.77
N ILE A 51 -7.03 -2.32 0.79
CA ILE A 51 -6.01 -1.50 0.15
C ILE A 51 -5.50 -2.17 -1.12
N SER A 52 -6.16 -1.89 -2.24
CA SER A 52 -5.78 -2.45 -3.53
C SER A 52 -4.46 -1.86 -4.01
N CYS A 53 -4.02 -2.29 -5.19
CA CYS A 53 -2.77 -1.81 -5.77
C CYS A 53 -2.97 -0.43 -6.40
N PRO A 54 -2.00 0.47 -6.15
CA PRO A 54 -2.04 1.83 -6.68
C PRO A 54 -1.84 1.88 -8.20
N ASP A 55 -1.76 0.70 -8.80
CA ASP A 55 -1.56 0.61 -10.25
C ASP A 55 -2.88 0.27 -10.95
N ALA A 56 -3.36 1.19 -11.79
CA ALA A 56 -4.60 0.98 -12.52
C ALA A 56 -4.43 -0.08 -13.60
N ALA A 57 -3.21 -0.20 -14.11
CA ALA A 57 -2.91 -1.19 -15.15
C ALA A 57 -2.23 -2.41 -14.57
N CYS A 58 -2.70 -2.86 -13.42
CA CYS A 58 -2.12 -4.02 -12.74
C CYS A 58 -2.80 -5.30 -13.23
N PRO A 59 -2.04 -6.10 -14.01
CA PRO A 59 -2.54 -7.37 -14.55
C PRO A 59 -2.73 -8.43 -13.47
N LYS A 60 -2.28 -8.12 -12.26
CA LYS A 60 -2.41 -9.04 -11.14
C LYS A 60 -3.52 -8.60 -10.19
N GLN A 61 -3.80 -7.31 -10.18
CA GLN A 61 -4.83 -6.75 -9.32
C GLN A 61 -4.63 -7.19 -7.87
N GLY A 62 -3.40 -7.06 -7.39
CA GLY A 62 -3.10 -7.45 -6.02
C GLY A 62 -3.40 -6.34 -5.02
N HIS A 63 -3.27 -6.65 -3.74
CA HIS A 63 -3.53 -5.68 -2.69
C HIS A 63 -2.41 -5.69 -1.65
N LEU A 64 -2.52 -4.81 -0.66
CA LEU A 64 -1.52 -4.71 0.39
C LEU A 64 -1.96 -5.46 1.64
N GLN A 65 -1.03 -6.15 2.27
CA GLN A 65 -1.32 -6.91 3.49
C GLN A 65 -1.30 -6.01 4.72
N GLU A 66 -1.64 -6.58 5.86
CA GLU A 66 -1.66 -5.83 7.11
C GLU A 66 -0.25 -5.41 7.53
N ASN A 67 0.60 -6.41 7.79
CA ASN A 67 1.97 -6.15 8.19
C ASN A 67 2.61 -5.08 7.31
N GLU A 68 2.32 -5.16 6.01
CA GLU A 68 2.87 -4.19 5.06
C GLU A 68 2.41 -2.78 5.39
N ILE A 69 1.13 -2.65 5.72
CA ILE A 69 0.56 -1.34 6.06
C ILE A 69 1.06 -0.86 7.41
N GLU A 70 0.91 -1.71 8.43
CA GLU A 70 1.35 -1.36 9.78
C GLU A 70 2.61 -0.50 9.74
N CYS A 71 3.69 -1.07 9.20
CA CYS A 71 4.96 -0.37 9.11
C CYS A 71 4.84 0.84 8.19
N MET A 72 4.14 0.67 7.07
CA MET A 72 3.94 1.74 6.11
C MET A 72 3.57 3.04 6.81
N VAL A 73 2.56 2.98 7.66
CA VAL A 73 2.11 4.15 8.39
C VAL A 73 2.47 4.05 9.87
N ALA A 74 2.13 5.08 10.64
CA ALA A 74 2.41 5.11 12.06
C ALA A 74 1.23 4.57 12.87
N ALA A 75 1.37 4.58 14.19
CA ALA A 75 0.31 4.10 15.07
C ALA A 75 -0.93 4.98 14.97
N GLU A 76 -0.72 6.30 14.96
CA GLU A 76 -1.82 7.24 14.87
C GLU A 76 -2.72 6.91 13.68
N ILE A 77 -2.10 6.63 12.54
CA ILE A 77 -2.83 6.31 11.33
C ILE A 77 -3.35 4.87 11.37
N MET A 78 -2.43 3.92 11.51
CA MET A 78 -2.79 2.51 11.57
C MET A 78 -4.14 2.32 12.26
N GLN A 79 -4.23 2.80 13.50
CA GLN A 79 -5.46 2.69 14.27
C GLN A 79 -6.69 2.82 13.37
N ARG A 80 -6.69 3.85 12.54
CA ARG A 80 -7.80 4.10 11.62
C ARG A 80 -8.14 2.84 10.84
N TYR A 81 -7.13 2.27 10.18
CA TYR A 81 -7.33 1.06 9.38
C TYR A 81 -8.05 -0.02 10.20
N LYS A 82 -7.45 -0.38 11.33
CA LYS A 82 -8.04 -1.40 12.20
C LYS A 82 -9.52 -1.14 12.42
N LYS A 83 -9.87 0.11 12.67
CA LYS A 83 -11.26 0.49 12.89
C LYS A 83 -12.14 0.03 11.74
N LEU A 84 -11.71 0.31 10.52
CA LEU A 84 -12.47 -0.08 9.33
C LEU A 84 -12.68 -1.59 9.30
N GLN A 85 -11.62 -2.34 9.61
CA GLN A 85 -11.70 -3.80 9.61
C GLN A 85 -12.77 -4.29 10.57
N PHE A 86 -12.81 -3.71 11.76
CA PHE A 86 -13.79 -4.08 12.77
C PHE A 86 -15.21 -3.86 12.25
N GLU A 87 -15.46 -2.68 11.70
CA GLU A 87 -16.78 -2.35 11.17
C GLU A 87 -17.13 -3.25 9.98
N ARG A 88 -16.15 -3.46 9.11
CA ARG A 88 -16.36 -4.30 7.93
C ARG A 88 -15.76 -5.69 8.14
N SER A 89 -16.50 -6.55 8.84
CA SER A 89 -16.04 -7.90 9.10
C SER A 89 -17.12 -8.71 9.81
N GLY A 90 -17.28 -9.96 9.39
CA GLY A 90 -18.29 -10.82 9.99
C GLY A 90 -17.74 -12.18 10.38
N PRO A 91 -18.57 -13.00 11.03
CA PRO A 91 -18.18 -14.34 11.47
C PRO A 91 -18.00 -15.30 10.30
N SER A 92 -16.77 -15.78 10.11
CA SER A 92 -16.46 -16.70 9.03
C SER A 92 -16.95 -18.12 9.36
N SER A 93 -18.12 -18.48 8.85
CA SER A 93 -18.70 -19.79 9.09
C SER A 93 -17.67 -20.89 8.82
N GLY A 94 -17.25 -21.57 9.88
CA GLY A 94 -16.27 -22.63 9.73
C GLY A 94 -16.65 -23.87 10.53
N GLY A 1 19.28 -8.48 -12.23
CA GLY A 1 18.73 -7.13 -12.27
C GLY A 1 19.81 -6.07 -12.21
N SER A 2 19.47 -4.90 -11.66
CA SER A 2 20.41 -3.80 -11.56
C SER A 2 20.42 -3.23 -10.14
N SER A 3 21.51 -2.54 -9.80
CA SER A 3 21.64 -1.94 -8.47
C SER A 3 21.61 -0.42 -8.55
N GLY A 4 20.61 0.18 -7.93
CA GLY A 4 20.49 1.63 -7.95
C GLY A 4 19.04 2.09 -8.02
N SER A 5 18.69 2.75 -9.12
CA SER A 5 17.33 3.25 -9.31
C SER A 5 16.44 2.16 -9.91
N SER A 6 15.18 2.15 -9.49
CA SER A 6 14.22 1.16 -9.99
C SER A 6 13.10 1.84 -10.77
N GLY A 7 12.93 3.14 -10.53
CA GLY A 7 11.89 3.89 -11.22
C GLY A 7 10.50 3.56 -10.69
N CYS A 8 9.67 4.58 -10.53
CA CYS A 8 8.31 4.39 -10.04
C CYS A 8 7.31 4.34 -11.19
N LYS A 9 6.09 3.90 -10.90
CA LYS A 9 5.05 3.79 -11.91
C LYS A 9 4.04 4.92 -11.75
N LEU A 10 4.06 5.58 -10.60
CA LEU A 10 3.13 6.68 -10.32
C LEU A 10 3.82 8.03 -10.52
N CYS A 11 4.87 8.28 -9.72
CA CYS A 11 5.61 9.52 -9.81
C CYS A 11 6.78 9.39 -10.79
N LEU A 12 6.88 8.24 -11.44
CA LEU A 12 7.95 7.99 -12.40
C LEU A 12 9.25 8.63 -11.94
N GLY A 13 9.59 8.42 -10.67
CA GLY A 13 10.82 8.99 -10.13
C GLY A 13 11.91 7.94 -9.95
N GLU A 14 13.16 8.38 -10.05
CA GLU A 14 14.30 7.48 -9.89
C GLU A 14 14.80 7.48 -8.45
N TYR A 15 14.34 6.52 -7.66
CA TYR A 15 14.75 6.42 -6.26
C TYR A 15 15.54 5.14 -6.02
N PRO A 16 16.47 5.19 -5.04
CA PRO A 16 17.31 4.05 -4.69
C PRO A 16 16.51 2.93 -4.01
N VAL A 17 16.83 1.69 -4.37
CA VAL A 17 16.15 0.54 -3.79
C VAL A 17 16.03 0.67 -2.28
N GLU A 18 16.95 1.42 -1.68
CA GLU A 18 16.96 1.62 -0.24
C GLU A 18 15.62 2.17 0.24
N GLN A 19 15.07 3.11 -0.52
CA GLN A 19 13.80 3.73 -0.18
C GLN A 19 12.69 3.24 -1.09
N MET A 20 12.65 1.92 -1.32
CA MET A 20 11.64 1.32 -2.17
C MET A 20 11.10 0.03 -1.55
N THR A 21 9.87 -0.33 -1.92
CA THR A 21 9.24 -1.53 -1.40
C THR A 21 8.61 -2.35 -2.53
N THR A 22 8.72 -3.68 -2.41
CA THR A 22 8.17 -4.57 -3.40
C THR A 22 7.04 -5.42 -2.83
N ILE A 23 5.93 -5.50 -3.56
CA ILE A 23 4.78 -6.28 -3.12
C ILE A 23 4.90 -7.73 -3.56
N ALA A 24 4.79 -8.65 -2.61
CA ALA A 24 4.87 -10.08 -2.91
C ALA A 24 3.57 -10.59 -3.51
N GLN A 25 2.60 -9.70 -3.66
CA GLN A 25 1.30 -10.07 -4.21
C GLN A 25 1.32 -10.01 -5.74
N CYS A 26 1.59 -8.82 -6.27
CA CYS A 26 1.65 -8.63 -7.72
C CYS A 26 3.05 -8.25 -8.17
N GLN A 27 4.04 -8.65 -7.38
CA GLN A 27 5.43 -8.35 -7.70
C GLN A 27 5.59 -6.92 -8.20
N CYS A 28 4.80 -6.02 -7.63
CA CYS A 28 4.83 -4.61 -8.01
C CYS A 28 5.68 -3.80 -7.04
N ILE A 29 6.57 -2.97 -7.58
CA ILE A 29 7.44 -2.15 -6.75
C ILE A 29 7.02 -0.68 -6.82
N PHE A 30 7.02 -0.01 -5.67
CA PHE A 30 6.63 1.39 -5.59
C PHE A 30 7.45 2.11 -4.53
N CYS A 31 7.66 3.42 -4.73
CA CYS A 31 8.42 4.22 -3.79
C CYS A 31 7.63 4.48 -2.51
N THR A 32 8.24 4.18 -1.37
CA THR A 32 7.59 4.38 -0.09
C THR A 32 6.64 5.57 -0.12
N LEU A 33 7.15 6.70 -0.60
CA LEU A 33 6.35 7.91 -0.69
C LEU A 33 4.94 7.61 -1.18
N CYS A 34 4.82 7.22 -2.44
CA CYS A 34 3.53 6.89 -3.02
C CYS A 34 2.80 5.85 -2.17
N LEU A 35 3.46 4.71 -1.94
CA LEU A 35 2.87 3.64 -1.15
C LEU A 35 2.31 4.17 0.17
N LYS A 36 2.94 5.21 0.68
CA LYS A 36 2.50 5.83 1.94
C LYS A 36 1.23 6.64 1.73
N GLN A 37 1.35 7.75 1.00
CA GLN A 37 0.21 8.62 0.73
C GLN A 37 -0.95 7.81 0.16
N TYR A 38 -0.64 6.73 -0.55
CA TYR A 38 -1.65 5.89 -1.16
C TYR A 38 -2.53 5.25 -0.08
N VAL A 39 -1.96 4.30 0.65
CA VAL A 39 -2.69 3.60 1.70
C VAL A 39 -3.19 4.58 2.76
N GLU A 40 -2.51 5.72 2.87
CA GLU A 40 -2.88 6.74 3.85
C GLU A 40 -4.23 7.35 3.50
N LEU A 41 -4.30 7.99 2.33
CA LEU A 41 -5.53 8.63 1.88
C LEU A 41 -6.70 7.63 1.89
N LEU A 42 -6.46 6.44 1.36
CA LEU A 42 -7.49 5.41 1.31
C LEU A 42 -8.08 5.17 2.70
N ILE A 43 -7.21 4.84 3.65
CA ILE A 43 -7.65 4.59 5.02
C ILE A 43 -8.47 5.76 5.56
N LYS A 44 -8.00 6.97 5.30
CA LYS A 44 -8.70 8.17 5.76
C LYS A 44 -10.15 8.17 5.27
N GLU A 45 -10.36 7.79 4.02
CA GLU A 45 -11.70 7.75 3.44
C GLU A 45 -12.62 6.89 4.28
N GLY A 46 -12.33 5.59 4.35
CA GLY A 46 -13.15 4.68 5.12
C GLY A 46 -13.91 3.70 4.25
N LEU A 47 -14.45 4.20 3.14
CA LEU A 47 -15.21 3.37 2.21
C LEU A 47 -14.35 2.22 1.68
N GLU A 48 -13.25 2.57 1.02
CA GLU A 48 -12.35 1.56 0.46
C GLU A 48 -11.45 0.98 1.55
N THR A 49 -11.95 -0.05 2.23
CA THR A 49 -11.19 -0.69 3.30
C THR A 49 -10.00 -1.47 2.74
N ALA A 50 -10.24 -2.22 1.68
CA ALA A 50 -9.18 -3.01 1.05
C ALA A 50 -8.25 -2.12 0.23
N ILE A 51 -6.97 -2.14 0.55
CA ILE A 51 -5.98 -1.34 -0.16
C ILE A 51 -5.35 -2.13 -1.30
N SER A 52 -5.98 -2.07 -2.47
CA SER A 52 -5.47 -2.78 -3.64
C SER A 52 -4.20 -2.11 -4.18
N CYS A 53 -3.69 -2.63 -5.29
CA CYS A 53 -2.48 -2.10 -5.90
C CYS A 53 -2.69 -0.65 -6.33
N PRO A 54 -1.69 0.20 -6.02
CA PRO A 54 -1.74 1.62 -6.36
C PRO A 54 -1.61 1.86 -7.87
N ASP A 55 -1.54 0.78 -8.63
CA ASP A 55 -1.42 0.87 -10.08
C ASP A 55 -2.75 0.57 -10.75
N ALA A 56 -3.15 1.45 -11.67
CA ALA A 56 -4.42 1.28 -12.39
C ALA A 56 -4.23 0.43 -13.64
N ALA A 57 -2.98 0.06 -13.92
CA ALA A 57 -2.65 -0.75 -15.09
C ALA A 57 -2.18 -2.14 -14.68
N CYS A 58 -2.47 -2.51 -13.44
CA CYS A 58 -2.07 -3.82 -12.92
C CYS A 58 -3.13 -4.87 -13.20
N PRO A 59 -2.79 -5.86 -14.04
CA PRO A 59 -3.71 -6.94 -14.40
C PRO A 59 -3.98 -7.89 -13.23
N LYS A 60 -3.05 -7.94 -12.28
CA LYS A 60 -3.20 -8.79 -11.11
C LYS A 60 -4.04 -8.12 -10.04
N GLN A 61 -3.77 -6.84 -9.79
CA GLN A 61 -4.51 -6.08 -8.79
C GLN A 61 -4.22 -6.60 -7.38
N GLY A 62 -2.94 -6.81 -7.09
CA GLY A 62 -2.55 -7.31 -5.78
C GLY A 62 -2.88 -6.33 -4.67
N HIS A 63 -3.23 -6.86 -3.50
CA HIS A 63 -3.57 -6.02 -2.36
C HIS A 63 -2.38 -5.90 -1.40
N LEU A 64 -2.45 -4.93 -0.49
CA LEU A 64 -1.39 -4.71 0.48
C LEU A 64 -1.76 -5.31 1.83
N GLN A 65 -1.11 -6.42 2.18
CA GLN A 65 -1.36 -7.09 3.45
C GLN A 65 -1.28 -6.10 4.61
N GLU A 66 -1.78 -6.51 5.78
CA GLU A 66 -1.76 -5.66 6.95
C GLU A 66 -0.33 -5.31 7.35
N ASN A 67 0.46 -6.33 7.69
CA ASN A 67 1.84 -6.12 8.09
C ASN A 67 2.47 -4.97 7.30
N GLU A 68 2.32 -5.01 5.98
CA GLU A 68 2.87 -3.98 5.11
C GLU A 68 2.44 -2.59 5.58
N ILE A 69 1.13 -2.41 5.71
CA ILE A 69 0.57 -1.13 6.14
C ILE A 69 1.03 -0.79 7.55
N GLU A 70 0.93 -1.76 8.46
CA GLU A 70 1.32 -1.57 9.84
C GLU A 70 2.57 -0.69 9.93
N CYS A 71 3.63 -1.13 9.26
CA CYS A 71 4.90 -0.39 9.26
C CYS A 71 4.81 0.82 8.34
N MET A 72 4.06 0.69 7.25
CA MET A 72 3.90 1.78 6.30
C MET A 72 3.41 3.04 6.99
N VAL A 73 2.20 3.00 7.53
CA VAL A 73 1.62 4.13 8.22
C VAL A 73 1.90 4.08 9.71
N ALA A 74 1.84 5.23 10.38
CA ALA A 74 2.09 5.32 11.80
C ALA A 74 0.86 4.88 12.60
N ALA A 75 1.09 4.47 13.85
CA ALA A 75 0.00 4.03 14.72
C ALA A 75 -1.21 4.94 14.59
N GLU A 76 -0.98 6.25 14.69
CA GLU A 76 -2.05 7.22 14.59
C GLU A 76 -2.97 6.90 13.40
N ILE A 77 -2.35 6.61 12.26
CA ILE A 77 -3.11 6.29 11.06
C ILE A 77 -3.65 4.86 11.11
N MET A 78 -2.75 3.90 11.31
CA MET A 78 -3.13 2.50 11.39
C MET A 78 -4.47 2.34 12.10
N GLN A 79 -4.56 2.87 13.32
CA GLN A 79 -5.79 2.78 14.09
C GLN A 79 -7.02 2.87 13.19
N ARG A 80 -7.05 3.89 12.34
CA ARG A 80 -8.17 4.08 11.43
C ARG A 80 -8.45 2.81 10.63
N TYR A 81 -7.40 2.24 10.06
CA TYR A 81 -7.53 1.01 9.27
C TYR A 81 -7.98 -0.16 10.14
N LYS A 82 -7.44 -0.23 11.35
CA LYS A 82 -7.79 -1.29 12.28
C LYS A 82 -9.27 -1.28 12.59
N LYS A 83 -9.80 -0.11 12.90
CA LYS A 83 -11.22 0.05 13.21
C LYS A 83 -12.08 -0.17 11.97
N LEU A 84 -11.55 0.23 10.82
CA LEU A 84 -12.26 0.08 9.55
C LEU A 84 -12.52 -1.38 9.24
N GLN A 85 -11.56 -2.24 9.59
CA GLN A 85 -11.69 -3.67 9.35
C GLN A 85 -12.71 -4.30 10.29
N PHE A 86 -12.66 -3.90 11.56
CA PHE A 86 -13.59 -4.42 12.57
C PHE A 86 -15.03 -4.27 12.10
N GLU A 87 -15.41 -3.03 11.79
CA GLU A 87 -16.76 -2.75 11.34
C GLU A 87 -17.26 -3.83 10.39
N ARG A 88 -16.41 -4.20 9.44
CA ARG A 88 -16.76 -5.23 8.46
C ARG A 88 -16.10 -6.56 8.80
N SER A 89 -16.67 -7.27 9.75
CA SER A 89 -16.13 -8.56 10.18
C SER A 89 -17.10 -9.28 11.12
N GLY A 90 -17.48 -10.50 10.76
CA GLY A 90 -18.39 -11.26 11.59
C GLY A 90 -19.73 -10.57 11.77
N PRO A 91 -20.67 -11.25 12.45
CA PRO A 91 -22.01 -10.71 12.70
C PRO A 91 -21.99 -9.55 13.68
N SER A 92 -22.92 -8.61 13.49
CA SER A 92 -23.02 -7.45 14.36
C SER A 92 -23.39 -7.85 15.78
N SER A 93 -22.61 -7.39 16.75
CA SER A 93 -22.86 -7.70 18.15
C SER A 93 -22.79 -6.46 19.02
N GLY A 94 -23.60 -6.42 20.07
CA GLY A 94 -23.62 -5.27 20.95
C GLY A 94 -22.28 -5.03 21.61
N GLY A 1 26.65 8.26 -7.74
CA GLY A 1 26.17 6.95 -8.14
C GLY A 1 25.02 6.46 -7.28
N SER A 2 24.25 5.52 -7.81
CA SER A 2 23.11 4.97 -7.09
C SER A 2 23.29 3.47 -6.84
N SER A 3 23.05 3.06 -5.60
CA SER A 3 23.20 1.66 -5.22
C SER A 3 21.95 0.87 -5.61
N GLY A 4 21.51 1.04 -6.85
CA GLY A 4 20.33 0.33 -7.32
C GLY A 4 19.23 1.27 -7.76
N SER A 5 18.29 0.75 -8.54
CA SER A 5 17.18 1.55 -9.04
C SER A 5 16.07 0.66 -9.58
N SER A 6 14.85 0.87 -9.06
CA SER A 6 13.70 0.08 -9.48
C SER A 6 12.73 0.92 -10.30
N GLY A 7 12.86 2.24 -10.18
CA GLY A 7 11.99 3.14 -10.90
C GLY A 7 10.54 3.02 -10.48
N CYS A 8 9.94 4.14 -10.10
CA CYS A 8 8.55 4.15 -9.66
C CYS A 8 7.62 4.35 -10.85
N LYS A 9 6.32 4.11 -10.63
CA LYS A 9 5.32 4.26 -11.68
C LYS A 9 4.50 5.52 -11.47
N LEU A 10 4.22 5.83 -10.21
CA LEU A 10 3.44 7.01 -9.87
C LEU A 10 4.27 8.29 -10.00
N CYS A 11 5.29 8.41 -9.17
CA CYS A 11 6.17 9.57 -9.19
C CYS A 11 7.21 9.44 -10.30
N LEU A 12 7.45 8.21 -10.74
CA LEU A 12 8.42 7.94 -11.79
C LEU A 12 9.78 8.55 -11.45
N GLY A 13 10.24 8.29 -10.23
CA GLY A 13 11.53 8.80 -9.80
C GLY A 13 12.54 7.71 -9.56
N GLU A 14 13.79 7.98 -9.90
CA GLU A 14 14.87 7.01 -9.71
C GLU A 14 15.31 6.94 -8.25
N TYR A 15 15.11 5.79 -7.63
CA TYR A 15 15.49 5.61 -6.23
C TYR A 15 16.03 4.20 -6.00
N PRO A 16 16.92 4.07 -5.00
CA PRO A 16 17.53 2.79 -4.65
C PRO A 16 16.53 1.82 -4.02
N VAL A 17 16.58 0.57 -4.46
CA VAL A 17 15.68 -0.46 -3.94
C VAL A 17 15.55 -0.36 -2.43
N GLU A 18 16.57 0.21 -1.78
CA GLU A 18 16.57 0.37 -0.33
C GLU A 18 15.37 1.19 0.13
N GLN A 19 15.08 2.25 -0.61
CA GLN A 19 13.96 3.13 -0.27
C GLN A 19 12.73 2.76 -1.09
N MET A 20 12.48 1.46 -1.24
CA MET A 20 11.33 0.98 -1.99
C MET A 20 10.69 -0.22 -1.30
N THR A 21 9.44 -0.50 -1.65
CA THR A 21 8.71 -1.62 -1.07
C THR A 21 8.06 -2.48 -2.15
N THR A 22 8.25 -3.79 -2.05
CA THR A 22 7.68 -4.72 -3.01
C THR A 22 6.50 -5.48 -2.41
N ILE A 23 5.40 -5.54 -3.17
CA ILE A 23 4.21 -6.24 -2.71
C ILE A 23 4.30 -7.74 -2.98
N ALA A 24 3.79 -8.53 -2.05
CA ALA A 24 3.83 -9.99 -2.18
C ALA A 24 2.51 -10.51 -2.77
N GLN A 25 1.89 -9.70 -3.62
CA GLN A 25 0.64 -10.08 -4.25
C GLN A 25 0.72 -9.94 -5.76
N CYS A 26 1.31 -8.83 -6.22
CA CYS A 26 1.46 -8.58 -7.65
C CYS A 26 2.89 -8.17 -7.98
N GLN A 27 3.83 -8.64 -7.19
CA GLN A 27 5.24 -8.32 -7.40
C GLN A 27 5.40 -6.90 -7.90
N CYS A 28 4.72 -5.96 -7.25
CA CYS A 28 4.78 -4.56 -7.63
C CYS A 28 5.58 -3.75 -6.60
N ILE A 29 6.57 -3.00 -7.08
CA ILE A 29 7.40 -2.18 -6.21
C ILE A 29 6.99 -0.72 -6.27
N PHE A 30 7.10 -0.03 -5.14
CA PHE A 30 6.73 1.38 -5.07
C PHE A 30 7.51 2.08 -3.96
N CYS A 31 7.79 3.37 -4.15
CA CYS A 31 8.53 4.15 -3.17
C CYS A 31 7.67 4.41 -1.93
N THR A 32 8.24 4.14 -0.76
CA THR A 32 7.53 4.34 0.49
C THR A 32 6.64 5.57 0.43
N LEU A 33 7.19 6.68 -0.04
CA LEU A 33 6.43 7.92 -0.15
C LEU A 33 5.06 7.67 -0.76
N CYS A 34 5.04 7.32 -2.05
CA CYS A 34 3.80 7.05 -2.75
C CYS A 34 2.92 6.08 -1.96
N LEU A 35 3.47 4.90 -1.67
CA LEU A 35 2.74 3.89 -0.92
C LEU A 35 2.13 4.48 0.34
N LYS A 36 2.85 5.40 0.97
CA LYS A 36 2.37 6.06 2.18
C LYS A 36 1.15 6.90 1.90
N GLN A 37 1.34 7.99 1.17
CA GLN A 37 0.25 8.89 0.83
C GLN A 37 -0.93 8.12 0.25
N TYR A 38 -0.63 7.16 -0.62
CA TYR A 38 -1.66 6.35 -1.26
C TYR A 38 -2.54 5.67 -0.21
N VAL A 39 -1.98 4.66 0.45
CA VAL A 39 -2.72 3.93 1.48
C VAL A 39 -3.35 4.89 2.48
N GLU A 40 -2.62 5.93 2.85
CA GLU A 40 -3.12 6.91 3.81
C GLU A 40 -4.49 7.43 3.40
N LEU A 41 -4.57 8.01 2.20
CA LEU A 41 -5.83 8.54 1.69
C LEU A 41 -6.94 7.49 1.77
N LEU A 42 -6.63 6.28 1.32
CA LEU A 42 -7.59 5.18 1.34
C LEU A 42 -8.16 4.99 2.74
N ILE A 43 -7.27 4.80 3.71
CA ILE A 43 -7.69 4.60 5.09
C ILE A 43 -8.60 5.73 5.56
N LYS A 44 -8.18 6.97 5.31
CA LYS A 44 -8.96 8.14 5.69
C LYS A 44 -10.37 8.05 5.16
N GLU A 45 -10.50 7.70 3.87
CA GLU A 45 -11.80 7.59 3.24
C GLU A 45 -12.78 6.82 4.13
N GLY A 46 -12.42 5.59 4.48
CA GLY A 46 -13.27 4.78 5.33
C GLY A 46 -14.15 3.85 4.53
N LEU A 47 -14.68 4.33 3.41
CA LEU A 47 -15.55 3.53 2.55
C LEU A 47 -14.83 2.27 2.08
N GLU A 48 -13.71 2.46 1.39
CA GLU A 48 -12.93 1.33 0.88
C GLU A 48 -11.79 0.99 1.83
N THR A 49 -12.10 0.18 2.84
CA THR A 49 -11.10 -0.22 3.83
C THR A 49 -9.98 -1.03 3.17
N ALA A 50 -10.34 -1.83 2.18
CA ALA A 50 -9.36 -2.65 1.47
C ALA A 50 -8.49 -1.80 0.56
N ILE A 51 -7.18 -1.90 0.72
CA ILE A 51 -6.24 -1.15 -0.10
C ILE A 51 -5.72 -1.99 -1.26
N SER A 52 -6.06 -1.58 -2.48
CA SER A 52 -5.61 -2.30 -3.67
C SER A 52 -4.34 -1.68 -4.24
N CYS A 53 -3.78 -2.32 -5.26
CA CYS A 53 -2.57 -1.83 -5.90
C CYS A 53 -2.78 -0.44 -6.48
N PRO A 54 -1.81 0.46 -6.24
CA PRO A 54 -1.86 1.84 -6.72
C PRO A 54 -1.70 1.92 -8.24
N ASP A 55 -1.55 0.77 -8.88
CA ASP A 55 -1.38 0.72 -10.32
C ASP A 55 -2.66 0.21 -10.99
N ALA A 56 -3.34 1.09 -11.71
CA ALA A 56 -4.58 0.72 -12.40
C ALA A 56 -4.29 -0.25 -13.55
N ALA A 57 -3.11 -0.13 -14.13
CA ALA A 57 -2.72 -1.00 -15.24
C ALA A 57 -2.10 -2.30 -14.72
N CYS A 58 -2.56 -2.75 -13.56
CA CYS A 58 -2.05 -3.97 -12.97
C CYS A 58 -3.01 -5.14 -13.22
N PRO A 59 -2.54 -6.14 -13.98
CA PRO A 59 -3.34 -7.32 -14.31
C PRO A 59 -3.55 -8.23 -13.10
N LYS A 60 -2.98 -7.84 -11.97
CA LYS A 60 -3.10 -8.62 -10.75
C LYS A 60 -3.70 -7.76 -9.62
N GLN A 61 -3.65 -6.45 -9.78
CA GLN A 61 -4.18 -5.54 -8.79
C GLN A 61 -4.06 -6.12 -7.39
N GLY A 62 -2.89 -6.67 -7.08
CA GLY A 62 -2.66 -7.25 -5.78
C GLY A 62 -2.75 -6.23 -4.66
N HIS A 63 -3.59 -6.50 -3.67
CA HIS A 63 -3.76 -5.60 -2.54
C HIS A 63 -2.51 -5.56 -1.67
N LEU A 64 -2.46 -4.62 -0.74
CA LEU A 64 -1.33 -4.49 0.16
C LEU A 64 -1.56 -5.27 1.46
N GLN A 65 -0.48 -5.81 2.01
CA GLN A 65 -0.57 -6.57 3.25
C GLN A 65 -0.59 -5.65 4.46
N GLU A 66 -1.15 -6.14 5.56
CA GLU A 66 -1.24 -5.36 6.79
C GLU A 66 0.15 -4.96 7.28
N ASN A 67 1.09 -5.90 7.19
CA ASN A 67 2.46 -5.65 7.62
C ASN A 67 3.06 -4.44 6.90
N GLU A 68 2.80 -4.35 5.60
CA GLU A 68 3.31 -3.25 4.80
C GLU A 68 2.76 -1.91 5.30
N ILE A 69 1.44 -1.79 5.30
CA ILE A 69 0.78 -0.56 5.75
C ILE A 69 1.30 -0.14 7.12
N GLU A 70 1.50 -1.12 8.00
CA GLU A 70 1.99 -0.85 9.35
C GLU A 70 3.16 0.14 9.30
N CYS A 71 4.11 -0.11 8.41
CA CYS A 71 5.27 0.76 8.26
C CYS A 71 4.90 2.06 7.54
N MET A 72 4.21 1.91 6.41
CA MET A 72 3.80 3.06 5.62
C MET A 72 3.25 4.17 6.51
N VAL A 73 2.24 3.84 7.30
CA VAL A 73 1.62 4.81 8.20
C VAL A 73 1.90 4.45 9.66
N ALA A 74 1.94 5.47 10.51
CA ALA A 74 2.20 5.27 11.93
C ALA A 74 0.98 4.66 12.63
N ALA A 75 1.16 4.29 13.89
CA ALA A 75 0.08 3.70 14.67
C ALA A 75 -1.18 4.57 14.62
N GLU A 76 -1.03 5.84 14.99
CA GLU A 76 -2.15 6.77 14.98
C GLU A 76 -3.03 6.56 13.75
N ILE A 77 -2.39 6.32 12.61
CA ILE A 77 -3.11 6.11 11.37
C ILE A 77 -3.53 4.65 11.21
N MET A 78 -2.55 3.75 11.18
CA MET A 78 -2.83 2.32 11.05
C MET A 78 -4.13 1.95 11.75
N GLN A 79 -4.28 2.41 12.99
CA GLN A 79 -5.48 2.12 13.77
C GLN A 79 -6.74 2.40 12.95
N ARG A 80 -6.79 3.56 12.31
CA ARG A 80 -7.93 3.94 11.49
C ARG A 80 -8.24 2.87 10.45
N TYR A 81 -7.22 2.09 10.09
CA TYR A 81 -7.37 1.03 9.10
C TYR A 81 -7.79 -0.27 9.78
N LYS A 82 -7.19 -0.55 10.92
CA LYS A 82 -7.48 -1.76 11.67
C LYS A 82 -8.95 -1.82 12.06
N LYS A 83 -9.44 -0.75 12.67
CA LYS A 83 -10.83 -0.67 13.09
C LYS A 83 -11.78 -0.85 11.90
N LEU A 84 -11.43 -0.22 10.78
CA LEU A 84 -12.24 -0.32 9.57
C LEU A 84 -12.63 -1.77 9.28
N GLN A 85 -11.63 -2.65 9.30
CA GLN A 85 -11.87 -4.07 9.03
C GLN A 85 -12.92 -4.62 9.99
N PHE A 86 -12.67 -4.47 11.30
CA PHE A 86 -13.58 -4.95 12.32
C PHE A 86 -15.03 -4.65 11.95
N GLU A 87 -15.31 -3.38 11.63
CA GLU A 87 -16.65 -2.96 11.26
C GLU A 87 -17.17 -3.77 10.09
N ARG A 88 -16.31 -3.96 9.08
CA ARG A 88 -16.69 -4.72 7.90
C ARG A 88 -15.75 -5.91 7.69
N SER A 89 -16.04 -7.01 8.38
CA SER A 89 -15.21 -8.21 8.27
C SER A 89 -16.07 -9.43 7.97
N GLY A 90 -15.48 -10.41 7.30
CA GLY A 90 -16.20 -11.62 6.96
C GLY A 90 -15.48 -12.47 5.92
N PRO A 91 -16.15 -13.52 5.44
CA PRO A 91 -15.59 -14.42 4.43
C PRO A 91 -15.46 -13.76 3.06
N SER A 92 -14.22 -13.51 2.66
CA SER A 92 -13.95 -12.87 1.37
C SER A 92 -13.75 -13.92 0.28
N SER A 93 -14.47 -13.75 -0.83
CA SER A 93 -14.37 -14.68 -1.95
C SER A 93 -14.69 -13.98 -3.27
N GLY A 94 -13.83 -14.20 -4.26
CA GLY A 94 -14.03 -13.58 -5.56
C GLY A 94 -15.44 -13.77 -6.08
N GLY A 1 30.13 2.66 -15.32
CA GLY A 1 28.97 3.51 -15.15
C GLY A 1 28.27 3.27 -13.84
N SER A 2 27.19 4.03 -13.59
CA SER A 2 26.44 3.89 -12.35
C SER A 2 25.07 3.26 -12.62
N SER A 3 24.56 2.55 -11.62
CA SER A 3 23.27 1.88 -11.73
C SER A 3 22.77 1.39 -10.38
N GLY A 4 21.46 1.49 -10.16
CA GLY A 4 20.90 1.06 -8.90
C GLY A 4 19.59 1.77 -8.58
N SER A 5 18.61 1.64 -9.47
CA SER A 5 17.32 2.28 -9.28
C SER A 5 16.19 1.33 -9.66
N SER A 6 15.01 1.57 -9.10
CA SER A 6 13.84 0.74 -9.37
C SER A 6 12.91 1.41 -10.36
N GLY A 7 12.81 2.74 -10.27
CA GLY A 7 11.95 3.47 -11.18
C GLY A 7 10.48 3.36 -10.80
N CYS A 8 10.05 4.19 -9.87
CA CYS A 8 8.65 4.18 -9.43
C CYS A 8 7.70 4.25 -10.61
N LYS A 9 6.49 3.74 -10.43
CA LYS A 9 5.48 3.75 -11.48
C LYS A 9 4.54 4.93 -11.31
N LEU A 10 4.35 5.37 -10.08
CA LEU A 10 3.47 6.50 -9.79
C LEU A 10 4.14 7.82 -10.14
N CYS A 11 5.15 8.20 -9.36
CA CYS A 11 5.87 9.44 -9.60
C CYS A 11 7.09 9.20 -10.47
N LEU A 12 7.61 7.97 -10.45
CA LEU A 12 8.77 7.61 -11.24
C LEU A 12 9.95 8.54 -10.93
N GLY A 13 10.31 8.63 -9.66
CA GLY A 13 11.42 9.47 -9.26
C GLY A 13 12.77 8.80 -9.48
N GLU A 14 12.73 7.52 -9.82
CA GLU A 14 13.97 6.76 -10.05
C GLU A 14 14.76 6.61 -8.76
N TYR A 15 14.11 6.10 -7.72
CA TYR A 15 14.76 5.91 -6.44
C TYR A 15 15.38 4.51 -6.34
N PRO A 16 16.43 4.39 -5.52
CA PRO A 16 17.13 3.12 -5.32
C PRO A 16 16.30 2.11 -4.55
N VAL A 17 16.42 0.84 -4.92
CA VAL A 17 15.68 -0.23 -4.27
C VAL A 17 15.63 -0.02 -2.75
N GLU A 18 16.72 0.49 -2.20
CA GLU A 18 16.80 0.74 -0.76
C GLU A 18 15.59 1.53 -0.29
N GLN A 19 15.21 2.54 -1.05
CA GLN A 19 14.06 3.38 -0.71
C GLN A 19 12.83 2.98 -1.51
N MET A 20 12.56 1.68 -1.55
CA MET A 20 11.41 1.16 -2.29
C MET A 20 10.85 -0.08 -1.60
N THR A 21 9.61 -0.43 -1.94
CA THR A 21 8.95 -1.59 -1.36
C THR A 21 8.32 -2.46 -2.44
N THR A 22 8.62 -3.76 -2.40
CA THR A 22 8.08 -4.70 -3.37
C THR A 22 6.89 -5.47 -2.80
N ILE A 23 5.77 -5.43 -3.52
CA ILE A 23 4.57 -6.12 -3.08
C ILE A 23 4.65 -7.62 -3.38
N ALA A 24 4.41 -8.43 -2.36
CA ALA A 24 4.45 -9.88 -2.52
C ALA A 24 3.13 -10.42 -3.05
N GLN A 25 2.34 -9.55 -3.67
CA GLN A 25 1.05 -9.93 -4.22
C GLN A 25 1.04 -9.79 -5.74
N CYS A 26 1.54 -8.67 -6.23
CA CYS A 26 1.59 -8.42 -7.67
C CYS A 26 2.98 -7.94 -8.09
N GLN A 27 4.01 -8.42 -7.39
CA GLN A 27 5.39 -8.05 -7.69
C GLN A 27 5.45 -6.59 -8.18
N CYS A 28 4.71 -5.72 -7.51
CA CYS A 28 4.68 -4.31 -7.88
C CYS A 28 5.51 -3.48 -6.89
N ILE A 29 6.50 -2.76 -7.41
CA ILE A 29 7.36 -1.93 -6.58
C ILE A 29 6.84 -0.50 -6.51
N PHE A 30 7.01 0.13 -5.36
CA PHE A 30 6.56 1.50 -5.16
C PHE A 30 7.40 2.20 -4.08
N CYS A 31 7.71 3.47 -4.32
CA CYS A 31 8.50 4.26 -3.38
C CYS A 31 7.73 4.49 -2.09
N THR A 32 8.38 4.25 -0.96
CA THR A 32 7.76 4.44 0.34
C THR A 32 6.76 5.59 0.32
N LEU A 33 7.26 6.80 0.11
CA LEU A 33 6.42 7.98 0.06
C LEU A 33 5.08 7.66 -0.60
N CYS A 34 5.11 7.37 -1.89
CA CYS A 34 3.90 7.05 -2.63
C CYS A 34 3.03 6.06 -1.87
N LEU A 35 3.60 4.90 -1.56
CA LEU A 35 2.88 3.87 -0.82
C LEU A 35 2.26 4.44 0.44
N LYS A 36 2.95 5.38 1.06
CA LYS A 36 2.47 6.01 2.29
C LYS A 36 1.23 6.86 2.01
N GLN A 37 1.41 7.92 1.23
CA GLN A 37 0.31 8.81 0.88
C GLN A 37 -0.84 8.02 0.26
N TYR A 38 -0.51 6.97 -0.46
CA TYR A 38 -1.52 6.14 -1.12
C TYR A 38 -2.44 5.49 -0.09
N VAL A 39 -1.91 4.50 0.62
CA VAL A 39 -2.67 3.79 1.64
C VAL A 39 -3.33 4.75 2.61
N GLU A 40 -2.64 5.86 2.90
CA GLU A 40 -3.16 6.87 3.82
C GLU A 40 -4.47 7.45 3.29
N LEU A 41 -4.39 8.15 2.15
CA LEU A 41 -5.57 8.76 1.55
C LEU A 41 -6.72 7.76 1.50
N LEU A 42 -6.42 6.54 1.11
CA LEU A 42 -7.45 5.49 1.02
C LEU A 42 -8.14 5.29 2.36
N ILE A 43 -7.36 4.93 3.38
CA ILE A 43 -7.90 4.70 4.71
C ILE A 43 -8.72 5.89 5.18
N LYS A 44 -8.10 7.07 5.18
CA LYS A 44 -8.77 8.29 5.60
C LYS A 44 -10.23 8.30 5.14
N GLU A 45 -10.45 7.89 3.89
CA GLU A 45 -11.80 7.84 3.32
C GLU A 45 -12.76 7.09 4.25
N GLY A 46 -12.54 5.78 4.38
CA GLY A 46 -13.39 4.97 5.23
C GLY A 46 -14.22 3.99 4.45
N LEU A 47 -14.71 4.42 3.28
CA LEU A 47 -15.53 3.56 2.44
C LEU A 47 -14.84 2.23 2.18
N GLU A 48 -13.68 2.28 1.53
CA GLU A 48 -12.92 1.07 1.23
C GLU A 48 -12.40 0.42 2.50
N THR A 49 -12.56 -0.91 2.58
CA THR A 49 -12.10 -1.65 3.76
C THR A 49 -10.70 -2.21 3.55
N ALA A 50 -10.36 -2.48 2.28
CA ALA A 50 -9.06 -3.02 1.95
C ALA A 50 -8.29 -2.07 1.05
N ILE A 51 -6.97 -2.24 0.98
CA ILE A 51 -6.12 -1.40 0.16
C ILE A 51 -5.59 -2.17 -1.05
N SER A 52 -6.06 -1.79 -2.24
CA SER A 52 -5.64 -2.45 -3.47
C SER A 52 -4.34 -1.84 -3.99
N CYS A 53 -3.89 -2.32 -5.14
CA CYS A 53 -2.66 -1.82 -5.74
C CYS A 53 -2.86 -0.41 -6.29
N PRO A 54 -1.89 0.47 -6.03
CA PRO A 54 -1.93 1.87 -6.49
C PRO A 54 -1.76 1.98 -8.01
N ASP A 55 -1.68 0.84 -8.67
CA ASP A 55 -1.52 0.81 -10.13
C ASP A 55 -2.83 0.47 -10.81
N ALA A 56 -3.09 1.09 -11.95
CA ALA A 56 -4.31 0.85 -12.71
C ALA A 56 -4.10 -0.24 -13.75
N ALA A 57 -2.91 -0.28 -14.33
CA ALA A 57 -2.58 -1.27 -15.35
C ALA A 57 -2.07 -2.56 -14.71
N CYS A 58 -2.60 -2.89 -13.54
CA CYS A 58 -2.19 -4.09 -12.82
C CYS A 58 -3.24 -5.19 -12.97
N PRO A 59 -2.98 -6.13 -13.89
CA PRO A 59 -3.89 -7.26 -14.14
C PRO A 59 -3.93 -8.25 -12.98
N LYS A 60 -2.96 -8.13 -12.08
CA LYS A 60 -2.89 -9.02 -10.92
C LYS A 60 -3.81 -8.54 -9.80
N GLN A 61 -3.83 -7.23 -9.58
CA GLN A 61 -4.67 -6.64 -8.54
C GLN A 61 -4.20 -7.06 -7.16
N GLY A 62 -2.90 -6.95 -6.92
CA GLY A 62 -2.34 -7.34 -5.63
C GLY A 62 -2.62 -6.31 -4.55
N HIS A 63 -3.31 -6.73 -3.50
CA HIS A 63 -3.65 -5.83 -2.40
C HIS A 63 -2.50 -5.76 -1.40
N LEU A 64 -2.51 -4.72 -0.55
CA LEU A 64 -1.47 -4.53 0.45
C LEU A 64 -1.91 -5.10 1.79
N GLN A 65 -1.17 -6.10 2.28
CA GLN A 65 -1.48 -6.72 3.55
C GLN A 65 -1.30 -5.73 4.70
N GLU A 66 -1.48 -6.22 5.92
CA GLU A 66 -1.34 -5.38 7.11
C GLU A 66 0.13 -5.09 7.40
N ASN A 67 0.95 -6.14 7.42
CA ASN A 67 2.38 -5.99 7.68
C ASN A 67 2.91 -4.71 7.06
N GLU A 68 2.90 -4.65 5.73
CA GLU A 68 3.38 -3.49 5.01
C GLU A 68 2.80 -2.21 5.60
N ILE A 69 1.49 -2.02 5.42
CA ILE A 69 0.81 -0.83 5.93
C ILE A 69 1.37 -0.42 7.29
N GLU A 70 1.33 -1.36 8.24
CA GLU A 70 1.83 -1.10 9.58
C GLU A 70 3.05 -0.18 9.55
N CYS A 71 3.97 -0.45 8.63
CA CYS A 71 5.17 0.35 8.48
C CYS A 71 4.87 1.68 7.80
N MET A 72 4.15 1.62 6.68
CA MET A 72 3.79 2.81 5.94
C MET A 72 3.29 3.90 6.87
N VAL A 73 2.22 3.61 7.62
CA VAL A 73 1.65 4.56 8.56
C VAL A 73 1.90 4.14 10.00
N ALA A 74 2.00 5.12 10.89
CA ALA A 74 2.24 4.85 12.30
C ALA A 74 1.00 4.26 12.96
N ALA A 75 1.07 4.07 14.27
CA ALA A 75 -0.06 3.52 15.02
C ALA A 75 -1.26 4.45 14.97
N GLU A 76 -1.06 5.72 15.32
CA GLU A 76 -2.12 6.70 15.31
C GLU A 76 -2.98 6.56 14.05
N ILE A 77 -2.34 6.17 12.96
CA ILE A 77 -3.03 6.01 11.69
C ILE A 77 -3.54 4.58 11.52
N MET A 78 -2.62 3.62 11.55
CA MET A 78 -2.98 2.21 11.41
C MET A 78 -4.33 1.92 12.05
N GLN A 79 -4.54 2.46 13.25
CA GLN A 79 -5.79 2.27 13.97
C GLN A 79 -6.98 2.49 13.06
N ARG A 80 -6.98 3.62 12.35
CA ARG A 80 -8.07 3.94 11.43
C ARG A 80 -8.40 2.77 10.52
N TYR A 81 -7.37 2.19 9.91
CA TYR A 81 -7.55 1.06 9.02
C TYR A 81 -8.21 -0.11 9.75
N LYS A 82 -7.60 -0.54 10.85
CA LYS A 82 -8.12 -1.64 11.64
C LYS A 82 -9.58 -1.40 12.02
N LYS A 83 -9.88 -0.16 12.39
CA LYS A 83 -11.24 0.22 12.78
C LYS A 83 -12.22 -0.04 11.64
N LEU A 84 -11.78 0.24 10.43
CA LEU A 84 -12.62 0.04 9.25
C LEU A 84 -12.97 -1.43 9.07
N GLN A 85 -11.95 -2.27 8.96
CA GLN A 85 -12.15 -3.70 8.79
C GLN A 85 -12.94 -4.28 9.94
N PHE A 86 -12.45 -4.08 11.16
CA PHE A 86 -13.11 -4.59 12.35
C PHE A 86 -14.63 -4.56 12.18
N GLU A 87 -15.14 -3.41 11.78
CA GLU A 87 -16.58 -3.23 11.58
C GLU A 87 -17.16 -4.41 10.80
N ARG A 88 -16.52 -4.75 9.70
CA ARG A 88 -16.98 -5.87 8.86
C ARG A 88 -16.63 -7.21 9.51
N SER A 89 -15.39 -7.34 9.96
CA SER A 89 -14.94 -8.57 10.59
C SER A 89 -16.06 -9.22 11.39
N GLY A 90 -16.79 -8.40 12.14
CA GLY A 90 -17.89 -8.90 12.95
C GLY A 90 -18.77 -9.87 12.18
N PRO A 91 -19.15 -10.98 12.84
CA PRO A 91 -20.00 -12.01 12.22
C PRO A 91 -21.44 -11.52 12.01
N SER A 92 -21.67 -10.24 12.30
CA SER A 92 -22.99 -9.65 12.15
C SER A 92 -23.77 -10.35 11.03
N SER A 93 -25.03 -10.67 11.29
CA SER A 93 -25.87 -11.34 10.32
C SER A 93 -26.10 -10.44 9.09
N GLY A 94 -25.31 -10.66 8.05
CA GLY A 94 -25.43 -9.87 6.85
C GLY A 94 -24.29 -10.12 5.88
N GLY A 1 27.65 8.05 -13.29
CA GLY A 1 28.24 6.72 -13.36
C GLY A 1 27.90 5.88 -12.15
N SER A 2 26.60 5.75 -11.86
CA SER A 2 26.16 4.97 -10.72
C SER A 2 24.82 4.29 -11.01
N SER A 3 24.71 3.01 -10.68
CA SER A 3 23.50 2.25 -10.91
C SER A 3 22.84 1.87 -9.60
N GLY A 4 21.51 2.00 -9.54
CA GLY A 4 20.78 1.67 -8.34
C GLY A 4 19.29 1.93 -8.46
N SER A 5 18.95 3.12 -8.96
CA SER A 5 17.55 3.50 -9.13
C SER A 5 16.75 2.36 -9.76
N SER A 6 15.45 2.35 -9.49
CA SER A 6 14.57 1.32 -10.04
C SER A 6 13.39 1.94 -10.78
N GLY A 7 13.07 3.18 -10.43
CA GLY A 7 11.96 3.87 -11.07
C GLY A 7 10.63 3.53 -10.43
N CYS A 8 9.92 4.56 -9.96
CA CYS A 8 8.62 4.37 -9.32
C CYS A 8 7.53 4.24 -10.37
N LYS A 9 6.86 3.09 -10.39
CA LYS A 9 5.78 2.84 -11.34
C LYS A 9 4.62 3.81 -11.11
N LEU A 10 4.73 4.61 -10.05
CA LEU A 10 3.69 5.58 -9.72
C LEU A 10 4.09 6.98 -10.15
N CYS A 11 5.16 7.50 -9.55
CA CYS A 11 5.66 8.82 -9.86
C CYS A 11 6.79 8.75 -10.89
N LEU A 12 6.87 7.64 -11.59
CA LEU A 12 7.91 7.44 -12.60
C LEU A 12 9.20 8.15 -12.20
N GLY A 13 9.63 7.93 -10.96
CA GLY A 13 10.84 8.56 -10.47
C GLY A 13 11.93 7.54 -10.15
N GLU A 14 13.15 7.84 -10.56
CA GLU A 14 14.27 6.95 -10.32
C GLU A 14 14.75 7.05 -8.87
N TYR A 15 14.43 6.02 -8.09
CA TYR A 15 14.81 5.98 -6.68
C TYR A 15 15.52 4.68 -6.34
N PRO A 16 16.40 4.72 -5.33
CA PRO A 16 17.15 3.55 -4.87
C PRO A 16 16.26 2.52 -4.19
N VAL A 17 16.58 1.24 -4.40
CA VAL A 17 15.81 0.15 -3.80
C VAL A 17 15.64 0.37 -2.30
N GLU A 18 16.51 1.18 -1.72
CA GLU A 18 16.47 1.46 -0.29
C GLU A 18 15.16 2.16 0.08
N GLN A 19 14.70 3.05 -0.81
CA GLN A 19 13.47 3.80 -0.57
C GLN A 19 12.34 3.25 -1.43
N MET A 20 12.34 1.95 -1.65
CA MET A 20 11.31 1.30 -2.46
C MET A 20 10.81 0.03 -1.80
N THR A 21 9.56 -0.34 -2.09
CA THR A 21 8.96 -1.54 -1.52
C THR A 21 8.30 -2.40 -2.60
N THR A 22 8.63 -3.68 -2.60
CA THR A 22 8.07 -4.60 -3.58
C THR A 22 6.99 -5.48 -2.96
N ILE A 23 5.80 -5.47 -3.55
CA ILE A 23 4.70 -6.27 -3.06
C ILE A 23 4.81 -7.72 -3.52
N ALA A 24 4.54 -8.64 -2.60
CA ALA A 24 4.61 -10.07 -2.91
C ALA A 24 3.27 -10.58 -3.40
N GLN A 25 2.48 -9.70 -4.01
CA GLN A 25 1.17 -10.07 -4.53
C GLN A 25 1.13 -9.95 -6.05
N CYS A 26 1.69 -8.86 -6.56
CA CYS A 26 1.72 -8.62 -8.00
C CYS A 26 3.12 -8.23 -8.46
N GLN A 27 4.11 -8.49 -7.62
CA GLN A 27 5.49 -8.17 -7.94
C GLN A 27 5.62 -6.72 -8.40
N CYS A 28 4.95 -5.82 -7.68
CA CYS A 28 4.99 -4.40 -8.01
C CYS A 28 5.84 -3.63 -7.02
N ILE A 29 6.62 -2.68 -7.53
CA ILE A 29 7.50 -1.87 -6.68
C ILE A 29 7.05 -0.42 -6.67
N PHE A 30 7.19 0.23 -5.52
CA PHE A 30 6.82 1.63 -5.38
C PHE A 30 7.62 2.31 -4.28
N CYS A 31 7.77 3.63 -4.39
CA CYS A 31 8.52 4.39 -3.41
C CYS A 31 7.69 4.64 -2.15
N THR A 32 8.30 4.39 -1.00
CA THR A 32 7.62 4.58 0.28
C THR A 32 6.62 5.73 0.20
N LEU A 33 7.12 6.94 0.01
CA LEU A 33 6.27 8.13 -0.08
C LEU A 33 4.95 7.79 -0.75
N CYS A 34 5.03 7.28 -1.98
CA CYS A 34 3.84 6.92 -2.73
C CYS A 34 2.99 5.90 -1.96
N LEU A 35 3.55 4.69 -1.81
CA LEU A 35 2.85 3.63 -1.09
C LEU A 35 2.29 4.13 0.24
N LYS A 36 2.87 5.21 0.75
CA LYS A 36 2.44 5.79 2.00
C LYS A 36 1.15 6.59 1.81
N GLN A 37 1.23 7.63 1.00
CA GLN A 37 0.07 8.49 0.73
C GLN A 37 -1.09 7.66 0.16
N TYR A 38 -0.76 6.69 -0.69
CA TYR A 38 -1.77 5.83 -1.29
C TYR A 38 -2.63 5.17 -0.23
N VAL A 39 -2.02 4.26 0.53
CA VAL A 39 -2.73 3.56 1.59
C VAL A 39 -3.27 4.52 2.64
N GLU A 40 -2.51 5.57 2.92
CA GLU A 40 -2.90 6.56 3.90
C GLU A 40 -4.27 7.16 3.55
N LEU A 41 -4.33 7.86 2.43
CA LEU A 41 -5.57 8.48 1.99
C LEU A 41 -6.73 7.48 2.02
N LEU A 42 -6.49 6.30 1.45
CA LEU A 42 -7.51 5.25 1.42
C LEU A 42 -8.06 5.00 2.81
N ILE A 43 -7.18 4.94 3.80
CA ILE A 43 -7.59 4.70 5.18
C ILE A 43 -8.27 5.93 5.77
N LYS A 44 -7.74 7.10 5.46
CA LYS A 44 -8.31 8.36 5.95
C LYS A 44 -9.73 8.55 5.46
N GLU A 45 -9.99 8.11 4.23
CA GLU A 45 -11.32 8.23 3.63
C GLU A 45 -12.36 7.46 4.45
N GLY A 46 -12.12 6.15 4.60
CA GLY A 46 -13.04 5.32 5.36
C GLY A 46 -14.12 4.71 4.49
N LEU A 47 -13.78 4.44 3.24
CA LEU A 47 -14.72 3.83 2.30
C LEU A 47 -14.33 2.40 1.96
N GLU A 48 -13.29 2.25 1.14
CA GLU A 48 -12.81 0.93 0.75
C GLU A 48 -11.80 0.40 1.76
N THR A 49 -12.26 -0.49 2.64
CA THR A 49 -11.39 -1.07 3.66
C THR A 49 -10.17 -1.73 3.03
N ALA A 50 -10.41 -2.75 2.20
CA ALA A 50 -9.32 -3.46 1.54
C ALA A 50 -8.53 -2.52 0.62
N ILE A 51 -7.21 -2.60 0.72
CA ILE A 51 -6.34 -1.76 -0.10
C ILE A 51 -5.72 -2.56 -1.24
N SER A 52 -6.12 -2.24 -2.47
CA SER A 52 -5.61 -2.92 -3.65
C SER A 52 -4.34 -2.25 -4.16
N CYS A 53 -3.81 -2.77 -5.27
CA CYS A 53 -2.59 -2.22 -5.86
C CYS A 53 -2.83 -0.80 -6.36
N PRO A 54 -1.87 0.09 -6.07
CA PRO A 54 -1.96 1.50 -6.48
C PRO A 54 -1.80 1.67 -7.99
N ASP A 55 -1.63 0.55 -8.70
CA ASP A 55 -1.47 0.58 -10.15
C ASP A 55 -2.77 0.20 -10.84
N ALA A 56 -3.33 1.15 -11.59
CA ALA A 56 -4.57 0.91 -12.32
C ALA A 56 -4.35 0.02 -13.53
N ALA A 57 -3.08 -0.19 -13.88
CA ALA A 57 -2.73 -1.03 -15.02
C ALA A 57 -2.18 -2.38 -14.56
N CYS A 58 -2.57 -2.79 -13.36
CA CYS A 58 -2.11 -4.06 -12.80
C CYS A 58 -3.15 -5.16 -13.05
N PRO A 59 -2.81 -6.09 -13.96
CA PRO A 59 -3.69 -7.20 -14.31
C PRO A 59 -3.82 -8.22 -13.19
N LYS A 60 -3.00 -8.06 -12.16
CA LYS A 60 -3.03 -8.95 -11.01
C LYS A 60 -3.80 -8.34 -9.84
N GLN A 61 -3.78 -7.01 -9.76
CA GLN A 61 -4.47 -6.30 -8.70
C GLN A 61 -4.07 -6.82 -7.33
N GLY A 62 -2.77 -6.94 -7.11
CA GLY A 62 -2.27 -7.44 -5.84
C GLY A 62 -2.61 -6.51 -4.69
N HIS A 63 -3.24 -7.06 -3.66
CA HIS A 63 -3.62 -6.27 -2.49
C HIS A 63 -2.42 -6.09 -1.55
N LEU A 64 -2.58 -5.19 -0.59
CA LEU A 64 -1.51 -4.93 0.38
C LEU A 64 -1.83 -5.56 1.73
N GLN A 65 -0.93 -6.42 2.20
CA GLN A 65 -1.11 -7.10 3.47
C GLN A 65 -0.96 -6.12 4.63
N GLU A 66 -1.64 -6.41 5.74
CA GLU A 66 -1.57 -5.55 6.92
C GLU A 66 -0.13 -5.26 7.31
N ASN A 67 0.66 -6.32 7.46
CA ASN A 67 2.07 -6.18 7.81
C ASN A 67 2.68 -4.95 7.16
N GLU A 68 2.46 -4.81 5.85
CA GLU A 68 3.00 -3.68 5.11
C GLU A 68 2.51 -2.35 5.71
N ILE A 69 1.20 -2.13 5.67
CA ILE A 69 0.62 -0.92 6.21
C ILE A 69 1.15 -0.62 7.60
N GLU A 70 1.19 -1.65 8.45
CA GLU A 70 1.68 -1.50 9.81
C GLU A 70 2.82 -0.49 9.87
N CYS A 71 3.94 -0.83 9.26
CA CYS A 71 5.11 0.04 9.25
C CYS A 71 4.90 1.21 8.30
N MET A 72 4.33 0.93 7.13
CA MET A 72 4.08 1.97 6.14
C MET A 72 3.62 3.25 6.80
N VAL A 73 2.65 3.14 7.70
CA VAL A 73 2.12 4.30 8.40
C VAL A 73 2.38 4.19 9.91
N ALA A 74 2.06 5.26 10.63
CA ALA A 74 2.27 5.29 12.07
C ALA A 74 1.04 4.75 12.80
N ALA A 75 1.13 4.70 14.13
CA ALA A 75 0.02 4.20 14.95
C ALA A 75 -1.24 5.04 14.74
N GLU A 76 -1.08 6.36 14.84
CA GLU A 76 -2.21 7.27 14.65
C GLU A 76 -3.04 6.88 13.43
N ILE A 77 -2.34 6.51 12.36
CA ILE A 77 -3.02 6.12 11.12
C ILE A 77 -3.50 4.68 11.20
N MET A 78 -2.56 3.74 11.32
CA MET A 78 -2.89 2.33 11.40
C MET A 78 -4.21 2.12 12.14
N GLN A 79 -4.35 2.80 13.28
CA GLN A 79 -5.56 2.69 14.09
C GLN A 79 -6.81 2.80 13.21
N ARG A 80 -6.86 3.84 12.38
CA ARG A 80 -8.00 4.05 11.49
C ARG A 80 -8.31 2.79 10.70
N TYR A 81 -7.29 2.25 10.05
CA TYR A 81 -7.45 1.05 9.23
C TYR A 81 -8.16 -0.04 10.02
N LYS A 82 -7.60 -0.40 11.18
CA LYS A 82 -8.18 -1.43 12.02
C LYS A 82 -9.67 -1.21 12.21
N LYS A 83 -10.06 0.04 12.46
CA LYS A 83 -11.46 0.39 12.65
C LYS A 83 -12.30 -0.04 11.45
N LEU A 84 -11.79 0.23 10.25
CA LEU A 84 -12.49 -0.14 9.02
C LEU A 84 -12.78 -1.63 8.99
N GLN A 85 -11.82 -2.43 9.43
CA GLN A 85 -11.97 -3.88 9.45
C GLN A 85 -13.07 -4.30 10.41
N PHE A 86 -12.98 -3.84 11.65
CA PHE A 86 -13.97 -4.17 12.67
C PHE A 86 -15.38 -4.09 12.09
N GLU A 87 -15.71 -2.96 11.49
CA GLU A 87 -17.03 -2.76 10.90
C GLU A 87 -17.56 -4.06 10.29
N ARG A 88 -16.74 -4.69 9.47
CA ARG A 88 -17.11 -5.95 8.83
C ARG A 88 -16.59 -7.14 9.61
N SER A 89 -15.27 -7.31 9.61
CA SER A 89 -14.64 -8.42 10.33
C SER A 89 -15.40 -8.74 11.61
N GLY A 90 -15.48 -10.03 11.93
CA GLY A 90 -16.19 -10.46 13.12
C GLY A 90 -17.13 -11.62 12.87
N PRO A 91 -18.43 -11.31 12.73
CA PRO A 91 -19.46 -12.31 12.48
C PRO A 91 -19.35 -12.92 11.08
N SER A 92 -18.70 -12.19 10.17
CA SER A 92 -18.53 -12.65 8.80
C SER A 92 -17.14 -13.24 8.60
N SER A 93 -17.08 -14.37 7.90
CA SER A 93 -15.82 -15.04 7.63
C SER A 93 -14.93 -14.20 6.70
N GLY A 94 -13.62 -14.32 6.88
CA GLY A 94 -12.70 -13.56 6.06
C GLY A 94 -11.50 -13.05 6.84
N GLY A 1 28.15 4.72 -7.36
CA GLY A 1 27.40 4.93 -6.13
C GLY A 1 26.04 4.26 -6.16
N SER A 2 25.02 5.00 -6.59
CA SER A 2 23.66 4.48 -6.66
C SER A 2 23.67 3.04 -7.15
N SER A 3 22.83 2.20 -6.52
CA SER A 3 22.74 0.79 -6.87
C SER A 3 21.96 0.61 -8.16
N GLY A 4 20.74 1.14 -8.19
CA GLY A 4 19.90 1.02 -9.37
C GLY A 4 18.53 1.64 -9.18
N SER A 5 18.23 2.67 -9.96
CA SER A 5 16.95 3.35 -9.87
C SER A 5 15.83 2.49 -10.41
N SER A 6 14.98 1.98 -9.52
CA SER A 6 13.86 1.13 -9.92
C SER A 6 12.85 1.90 -10.75
N GLY A 7 12.85 3.22 -10.58
CA GLY A 7 11.92 4.07 -11.32
C GLY A 7 10.49 3.84 -10.92
N CYS A 8 9.93 4.78 -10.16
CA CYS A 8 8.54 4.67 -9.71
C CYS A 8 7.57 4.77 -10.88
N LYS A 9 6.30 4.45 -10.63
CA LYS A 9 5.28 4.50 -11.66
C LYS A 9 4.36 5.71 -11.45
N LEU A 10 4.00 5.95 -10.19
CA LEU A 10 3.13 7.08 -9.86
C LEU A 10 3.85 8.40 -10.05
N CYS A 11 4.86 8.65 -9.22
CA CYS A 11 5.63 9.89 -9.30
C CYS A 11 6.67 9.81 -10.42
N LEU A 12 7.06 8.59 -10.76
CA LEU A 12 8.05 8.38 -11.81
C LEU A 12 9.37 9.05 -11.46
N GLY A 13 9.86 8.80 -10.25
CA GLY A 13 11.11 9.40 -9.82
C GLY A 13 12.20 8.38 -9.63
N GLU A 14 13.43 8.74 -10.00
CA GLU A 14 14.56 7.84 -9.88
C GLU A 14 15.01 7.73 -8.42
N TYR A 15 14.84 6.54 -7.85
CA TYR A 15 15.22 6.30 -6.46
C TYR A 15 15.83 4.92 -6.29
N PRO A 16 16.71 4.77 -5.28
CA PRO A 16 17.38 3.50 -5.00
C PRO A 16 16.42 2.45 -4.44
N VAL A 17 16.72 1.18 -4.70
CA VAL A 17 15.89 0.08 -4.23
C VAL A 17 15.72 0.13 -2.72
N GLU A 18 16.65 0.82 -2.04
CA GLU A 18 16.60 0.94 -0.60
C GLU A 18 15.36 1.72 -0.15
N GLN A 19 15.04 2.77 -0.89
CA GLN A 19 13.88 3.59 -0.57
C GLN A 19 12.67 3.18 -1.40
N MET A 20 12.50 1.87 -1.56
CA MET A 20 11.38 1.33 -2.33
C MET A 20 10.78 0.11 -1.63
N THR A 21 9.53 -0.20 -1.98
CA THR A 21 8.85 -1.34 -1.39
C THR A 21 8.15 -2.19 -2.46
N THR A 22 8.42 -3.48 -2.45
CA THR A 22 7.82 -4.39 -3.42
C THR A 22 6.77 -5.27 -2.77
N ILE A 23 5.65 -5.46 -3.47
CA ILE A 23 4.56 -6.28 -2.95
C ILE A 23 4.77 -7.75 -3.30
N ALA A 24 4.29 -8.63 -2.42
CA ALA A 24 4.43 -10.07 -2.63
C ALA A 24 3.18 -10.65 -3.29
N GLN A 25 2.28 -9.76 -3.71
CA GLN A 25 1.04 -10.20 -4.36
C GLN A 25 1.14 -10.09 -5.87
N CYS A 26 1.32 -8.87 -6.36
CA CYS A 26 1.44 -8.63 -7.79
C CYS A 26 2.89 -8.33 -8.18
N GLN A 27 3.76 -8.24 -7.17
CA GLN A 27 5.16 -7.97 -7.41
C GLN A 27 5.36 -6.57 -7.99
N CYS A 28 4.75 -5.58 -7.34
CA CYS A 28 4.86 -4.20 -7.79
C CYS A 28 5.70 -3.37 -6.81
N ILE A 29 6.67 -2.65 -7.35
CA ILE A 29 7.54 -1.83 -6.52
C ILE A 29 7.07 -0.37 -6.51
N PHE A 30 7.17 0.27 -5.35
CA PHE A 30 6.76 1.66 -5.19
C PHE A 30 7.54 2.35 -4.09
N CYS A 31 7.80 3.64 -4.27
CA CYS A 31 8.55 4.42 -3.29
C CYS A 31 7.71 4.67 -2.05
N THR A 32 8.25 4.29 -0.89
CA THR A 32 7.55 4.48 0.38
C THR A 32 6.66 5.71 0.34
N LEU A 33 7.22 6.83 -0.13
CA LEU A 33 6.47 8.08 -0.22
C LEU A 33 5.07 7.84 -0.79
N CYS A 34 5.02 7.48 -2.07
CA CYS A 34 3.74 7.23 -2.73
C CYS A 34 2.90 6.24 -1.93
N LEU A 35 3.36 5.00 -1.87
CA LEU A 35 2.66 3.96 -1.12
C LEU A 35 2.06 4.52 0.16
N LYS A 36 2.84 5.34 0.86
CA LYS A 36 2.40 5.95 2.11
C LYS A 36 1.15 6.79 1.90
N GLN A 37 1.24 7.74 0.96
CA GLN A 37 0.12 8.62 0.66
C GLN A 37 -1.05 7.83 0.07
N TYR A 38 -0.73 6.73 -0.61
CA TYR A 38 -1.75 5.89 -1.22
C TYR A 38 -2.58 5.18 -0.17
N VAL A 39 -1.91 4.38 0.67
CA VAL A 39 -2.59 3.65 1.73
C VAL A 39 -3.21 4.59 2.74
N GLU A 40 -2.65 5.79 2.85
CA GLU A 40 -3.15 6.79 3.78
C GLU A 40 -4.44 7.43 3.27
N LEU A 41 -4.35 8.06 2.09
CA LEU A 41 -5.51 8.70 1.49
C LEU A 41 -6.71 7.76 1.45
N LEU A 42 -6.44 6.50 1.15
CA LEU A 42 -7.51 5.50 1.08
C LEU A 42 -8.11 5.25 2.46
N ILE A 43 -7.27 4.87 3.41
CA ILE A 43 -7.71 4.60 4.78
C ILE A 43 -8.44 5.81 5.36
N LYS A 44 -7.76 6.95 5.38
CA LYS A 44 -8.32 8.19 5.91
C LYS A 44 -9.79 8.32 5.50
N GLU A 45 -10.08 7.99 4.23
CA GLU A 45 -11.44 8.08 3.72
C GLU A 45 -12.41 7.32 4.61
N GLY A 46 -12.18 6.03 4.77
CA GLY A 46 -13.05 5.21 5.60
C GLY A 46 -13.95 4.31 4.78
N LEU A 47 -14.62 4.88 3.79
CA LEU A 47 -15.52 4.12 2.93
C LEU A 47 -14.92 2.76 2.58
N GLU A 48 -13.78 2.80 1.89
CA GLU A 48 -13.10 1.57 1.49
C GLU A 48 -12.33 0.97 2.66
N THR A 49 -12.27 -0.37 2.69
CA THR A 49 -11.57 -1.08 3.77
C THR A 49 -10.29 -1.71 3.24
N ALA A 50 -10.36 -2.30 2.07
CA ALA A 50 -9.20 -2.95 1.46
C ALA A 50 -8.35 -1.94 0.69
N ILE A 51 -7.06 -2.24 0.58
CA ILE A 51 -6.14 -1.36 -0.13
C ILE A 51 -5.57 -2.04 -1.38
N SER A 52 -6.30 -1.93 -2.48
CA SER A 52 -5.87 -2.53 -3.74
C SER A 52 -4.54 -1.94 -4.20
N CYS A 53 -4.05 -2.42 -5.34
CA CYS A 53 -2.79 -1.94 -5.90
C CYS A 53 -2.95 -0.52 -6.45
N PRO A 54 -1.97 0.34 -6.14
CA PRO A 54 -1.98 1.73 -6.60
C PRO A 54 -1.74 1.85 -8.10
N ASP A 55 -1.35 0.74 -8.73
CA ASP A 55 -1.10 0.72 -10.17
C ASP A 55 -2.40 0.77 -10.94
N ALA A 56 -2.33 1.29 -12.16
CA ALA A 56 -3.52 1.40 -13.02
C ALA A 56 -3.53 0.29 -14.07
N ALA A 57 -2.35 -0.23 -14.39
CA ALA A 57 -2.23 -1.29 -15.38
C ALA A 57 -1.75 -2.59 -14.73
N CYS A 58 -2.39 -2.97 -13.64
CA CYS A 58 -2.01 -4.20 -12.93
C CYS A 58 -3.01 -5.31 -13.21
N PRO A 59 -2.62 -6.24 -14.10
CA PRO A 59 -3.47 -7.38 -14.49
C PRO A 59 -3.62 -8.39 -13.35
N LYS A 60 -2.80 -8.24 -12.32
CA LYS A 60 -2.86 -9.14 -11.17
C LYS A 60 -3.79 -8.59 -10.09
N GLN A 61 -3.78 -7.27 -9.91
CA GLN A 61 -4.62 -6.63 -8.92
C GLN A 61 -4.30 -7.14 -7.52
N GLY A 62 -3.02 -7.06 -7.15
CA GLY A 62 -2.60 -7.52 -5.84
C GLY A 62 -2.84 -6.48 -4.76
N HIS A 63 -3.39 -6.91 -3.63
CA HIS A 63 -3.67 -6.01 -2.52
C HIS A 63 -2.45 -5.89 -1.61
N LEU A 64 -2.51 -4.94 -0.67
CA LEU A 64 -1.42 -4.72 0.26
C LEU A 64 -1.69 -5.43 1.59
N GLN A 65 -0.73 -6.26 2.01
CA GLN A 65 -0.85 -6.99 3.26
C GLN A 65 -0.83 -6.05 4.45
N GLU A 66 -1.36 -6.51 5.58
CA GLU A 66 -1.40 -5.70 6.79
C GLU A 66 0.01 -5.26 7.19
N ASN A 67 0.89 -6.23 7.40
CA ASN A 67 2.27 -5.94 7.78
C ASN A 67 2.79 -4.71 7.04
N GLU A 68 2.56 -4.68 5.73
CA GLU A 68 3.01 -3.57 4.90
C GLU A 68 2.43 -2.25 5.40
N ILE A 69 1.11 -2.15 5.40
CA ILE A 69 0.42 -0.94 5.85
C ILE A 69 0.88 -0.56 7.26
N GLU A 70 0.79 -1.51 8.19
CA GLU A 70 1.18 -1.27 9.56
C GLU A 70 2.42 -0.36 9.63
N CYS A 71 3.53 -0.86 9.10
CA CYS A 71 4.77 -0.11 9.10
C CYS A 71 4.66 1.13 8.21
N MET A 72 4.12 0.94 7.00
CA MET A 72 3.96 2.04 6.06
C MET A 72 3.48 3.30 6.78
N VAL A 73 2.41 3.17 7.55
CA VAL A 73 1.86 4.30 8.29
C VAL A 73 2.23 4.22 9.77
N ALA A 74 1.80 5.22 10.53
CA ALA A 74 2.07 5.27 11.96
C ALA A 74 0.88 4.79 12.78
N ALA A 75 1.15 4.26 13.96
CA ALA A 75 0.10 3.76 14.84
C ALA A 75 -1.15 4.63 14.75
N GLU A 76 -0.98 5.93 14.99
CA GLU A 76 -2.09 6.86 14.93
C GLU A 76 -2.99 6.57 13.73
N ILE A 77 -2.39 6.44 12.56
CA ILE A 77 -3.13 6.16 11.33
C ILE A 77 -3.60 4.70 11.31
N MET A 78 -2.65 3.78 11.38
CA MET A 78 -2.97 2.36 11.37
C MET A 78 -4.28 2.09 12.09
N GLN A 79 -4.35 2.48 13.36
CA GLN A 79 -5.56 2.28 14.16
C GLN A 79 -6.82 2.46 13.30
N ARG A 80 -6.91 3.60 12.63
CA ARG A 80 -8.06 3.89 11.78
C ARG A 80 -8.35 2.73 10.84
N TYR A 81 -7.31 2.22 10.19
CA TYR A 81 -7.46 1.10 9.27
C TYR A 81 -8.14 -0.08 9.95
N LYS A 82 -7.61 -0.49 11.09
CA LYS A 82 -8.18 -1.61 11.84
C LYS A 82 -9.62 -1.33 12.21
N LYS A 83 -9.88 -0.14 12.75
CA LYS A 83 -11.22 0.25 13.15
C LYS A 83 -12.24 -0.07 12.05
N LEU A 84 -11.90 0.29 10.82
CA LEU A 84 -12.78 0.04 9.69
C LEU A 84 -13.05 -1.44 9.53
N GLN A 85 -11.98 -2.24 9.55
CA GLN A 85 -12.10 -3.69 9.41
C GLN A 85 -12.98 -4.27 10.52
N PHE A 86 -12.67 -3.90 11.76
CA PHE A 86 -13.42 -4.39 12.91
C PHE A 86 -14.93 -4.24 12.68
N GLU A 87 -15.34 -3.06 12.24
CA GLU A 87 -16.74 -2.78 11.98
C GLU A 87 -17.34 -3.84 11.05
N ARG A 88 -16.63 -4.14 9.96
CA ARG A 88 -17.09 -5.13 8.99
C ARG A 88 -16.21 -6.37 9.04
N SER A 89 -16.47 -7.24 10.02
CA SER A 89 -15.70 -8.47 10.17
C SER A 89 -16.63 -9.67 10.33
N GLY A 90 -16.07 -10.87 10.17
CA GLY A 90 -16.86 -12.07 10.29
C GLY A 90 -16.98 -12.83 8.99
N PRO A 91 -17.94 -13.77 8.92
CA PRO A 91 -18.18 -14.57 7.73
C PRO A 91 -18.79 -13.76 6.59
N SER A 92 -18.36 -14.06 5.36
CA SER A 92 -18.86 -13.36 4.18
C SER A 92 -19.74 -14.26 3.33
N SER A 93 -20.99 -13.85 3.13
CA SER A 93 -21.93 -14.63 2.34
C SER A 93 -21.72 -14.37 0.85
N GLY A 94 -20.46 -14.37 0.43
CA GLY A 94 -20.15 -14.14 -0.97
C GLY A 94 -19.04 -15.04 -1.47
N GLY A 1 28.68 6.07 -14.53
CA GLY A 1 27.29 6.20 -14.11
C GLY A 1 27.06 5.65 -12.72
N SER A 2 25.81 5.27 -12.43
CA SER A 2 25.46 4.75 -11.12
C SER A 2 24.35 3.69 -11.24
N SER A 3 24.22 2.86 -10.22
CA SER A 3 23.21 1.81 -10.22
C SER A 3 22.36 1.88 -8.95
N GLY A 4 21.05 1.69 -9.10
CA GLY A 4 20.16 1.73 -7.96
C GLY A 4 18.92 2.56 -8.22
N SER A 5 18.35 2.41 -9.41
CA SER A 5 17.16 3.17 -9.79
C SER A 5 16.16 2.27 -10.52
N SER A 6 15.07 1.94 -9.84
CA SER A 6 14.04 1.08 -10.42
C SER A 6 12.99 1.92 -11.15
N GLY A 7 12.86 3.17 -10.75
CA GLY A 7 11.90 4.06 -11.38
C GLY A 7 10.48 3.81 -10.89
N CYS A 8 9.98 4.71 -10.05
CA CYS A 8 8.64 4.58 -9.51
C CYS A 8 7.59 4.65 -10.62
N LYS A 9 6.37 4.26 -10.29
CA LYS A 9 5.28 4.27 -11.26
C LYS A 9 4.29 5.39 -10.95
N LEU A 10 4.30 5.85 -9.70
CA LEU A 10 3.40 6.92 -9.27
C LEU A 10 4.01 8.29 -9.53
N CYS A 11 5.17 8.54 -8.93
CA CYS A 11 5.87 9.81 -9.10
C CYS A 11 7.05 9.67 -10.06
N LEU A 12 7.06 8.57 -10.81
CA LEU A 12 8.13 8.31 -11.76
C LEU A 12 9.46 8.85 -11.26
N GLY A 13 9.64 8.81 -9.94
CA GLY A 13 10.87 9.30 -9.35
C GLY A 13 11.91 8.21 -9.19
N GLU A 14 13.18 8.56 -9.41
CA GLU A 14 14.27 7.60 -9.29
C GLU A 14 14.67 7.42 -7.83
N TYR A 15 14.41 6.23 -7.30
CA TYR A 15 14.74 5.93 -5.91
C TYR A 15 15.43 4.57 -5.79
N PRO A 16 16.28 4.41 -4.78
CA PRO A 16 17.00 3.16 -4.53
C PRO A 16 16.09 2.04 -4.07
N VAL A 17 16.08 0.94 -4.82
CA VAL A 17 15.25 -0.21 -4.48
C VAL A 17 15.15 -0.40 -2.97
N GLU A 18 16.22 -0.03 -2.27
CA GLU A 18 16.25 -0.16 -0.82
C GLU A 18 15.03 0.49 -0.19
N GLN A 19 14.81 1.76 -0.50
CA GLN A 19 13.67 2.49 0.04
C GLN A 19 12.36 1.97 -0.52
N MET A 20 12.37 1.64 -1.80
CA MET A 20 11.18 1.11 -2.47
C MET A 20 10.62 -0.10 -1.72
N THR A 21 9.40 -0.48 -2.05
CA THR A 21 8.76 -1.62 -1.40
C THR A 21 8.11 -2.54 -2.43
N THR A 22 8.74 -3.69 -2.67
CA THR A 22 8.24 -4.66 -3.63
C THR A 22 7.12 -5.50 -3.02
N ILE A 23 5.95 -5.46 -3.64
CA ILE A 23 4.80 -6.23 -3.15
C ILE A 23 4.92 -7.70 -3.55
N ALA A 24 4.63 -8.58 -2.60
CA ALA A 24 4.70 -10.02 -2.85
C ALA A 24 3.36 -10.56 -3.33
N GLN A 25 2.55 -9.69 -3.92
CA GLN A 25 1.24 -10.07 -4.43
C GLN A 25 1.15 -9.88 -5.94
N CYS A 26 1.60 -8.72 -6.40
CA CYS A 26 1.57 -8.41 -7.83
C CYS A 26 2.93 -7.93 -8.31
N GLN A 27 3.99 -8.38 -7.63
CA GLN A 27 5.35 -7.99 -7.98
C GLN A 27 5.40 -6.54 -8.45
N CYS A 28 4.80 -5.65 -7.67
CA CYS A 28 4.78 -4.22 -8.01
C CYS A 28 5.63 -3.42 -7.03
N ILE A 29 6.60 -2.69 -7.56
CA ILE A 29 7.48 -1.88 -6.74
C ILE A 29 6.96 -0.44 -6.63
N PHE A 30 7.10 0.14 -5.45
CA PHE A 30 6.65 1.51 -5.21
C PHE A 30 7.45 2.16 -4.09
N CYS A 31 7.80 3.44 -4.29
CA CYS A 31 8.57 4.18 -3.30
C CYS A 31 7.76 4.39 -2.03
N THR A 32 8.38 4.11 -0.89
CA THR A 32 7.71 4.26 0.40
C THR A 32 6.78 5.47 0.39
N LEU A 33 7.36 6.66 0.25
CA LEU A 33 6.58 7.90 0.23
C LEU A 33 5.20 7.66 -0.41
N CYS A 34 5.20 7.37 -1.71
CA CYS A 34 3.97 7.13 -2.43
C CYS A 34 3.09 6.14 -1.68
N LEU A 35 3.55 4.90 -1.58
CA LEU A 35 2.79 3.85 -0.89
C LEU A 35 2.15 4.40 0.38
N LYS A 36 2.92 5.20 1.14
CA LYS A 36 2.42 5.79 2.37
C LYS A 36 1.18 6.63 2.11
N GLN A 37 1.34 7.69 1.32
CA GLN A 37 0.23 8.58 1.00
C GLN A 37 -0.94 7.79 0.40
N TYR A 38 -0.61 6.80 -0.43
CA TYR A 38 -1.63 5.98 -1.07
C TYR A 38 -2.51 5.30 -0.03
N VAL A 39 -1.95 4.31 0.67
CA VAL A 39 -2.69 3.58 1.70
C VAL A 39 -3.33 4.53 2.69
N GLU A 40 -2.76 5.73 2.81
CA GLU A 40 -3.29 6.73 3.73
C GLU A 40 -4.59 7.33 3.21
N LEU A 41 -4.54 7.89 2.01
CA LEU A 41 -5.71 8.50 1.39
C LEU A 41 -6.87 7.50 1.35
N LEU A 42 -6.56 6.24 1.10
CA LEU A 42 -7.57 5.19 1.04
C LEU A 42 -8.17 4.93 2.42
N ILE A 43 -7.31 4.64 3.39
CA ILE A 43 -7.76 4.37 4.75
C ILE A 43 -8.69 5.47 5.25
N LYS A 44 -8.21 6.70 5.19
CA LYS A 44 -9.00 7.85 5.64
C LYS A 44 -10.43 7.76 5.13
N GLU A 45 -10.58 7.35 3.86
CA GLU A 45 -11.90 7.22 3.26
C GLU A 45 -12.75 6.21 4.02
N GLY A 46 -12.26 4.98 4.11
CA GLY A 46 -12.99 3.93 4.81
C GLY A 46 -13.99 3.23 3.91
N LEU A 47 -13.62 3.03 2.66
CA LEU A 47 -14.49 2.36 1.70
C LEU A 47 -14.02 0.93 1.45
N GLU A 48 -12.83 0.79 0.88
CA GLU A 48 -12.28 -0.52 0.59
C GLU A 48 -11.34 -0.98 1.72
N THR A 49 -11.91 -1.73 2.67
CA THR A 49 -11.14 -2.23 3.80
C THR A 49 -9.77 -2.72 3.35
N ALA A 50 -9.70 -3.31 2.17
CA ALA A 50 -8.45 -3.82 1.62
C ALA A 50 -7.76 -2.76 0.76
N ILE A 51 -6.44 -2.63 0.93
CA ILE A 51 -5.67 -1.67 0.17
C ILE A 51 -5.20 -2.26 -1.16
N SER A 52 -5.93 -1.96 -2.23
CA SER A 52 -5.60 -2.46 -3.55
C SER A 52 -4.27 -1.87 -4.03
N CYS A 53 -3.82 -2.34 -5.19
CA CYS A 53 -2.56 -1.85 -5.76
C CYS A 53 -2.67 -0.39 -6.16
N PRO A 54 -1.62 0.39 -5.83
CA PRO A 54 -1.58 1.82 -6.14
C PRO A 54 -1.42 2.08 -7.63
N ASP A 55 -1.40 1.02 -8.42
CA ASP A 55 -1.25 1.13 -9.87
C ASP A 55 -2.61 1.10 -10.55
N ALA A 56 -2.66 1.57 -11.80
CA ALA A 56 -3.90 1.60 -12.56
C ALA A 56 -3.87 0.57 -13.69
N ALA A 57 -2.67 0.15 -14.08
CA ALA A 57 -2.51 -0.83 -15.14
C ALA A 57 -1.98 -2.15 -14.59
N CYS A 58 -2.54 -2.59 -13.46
CA CYS A 58 -2.13 -3.83 -12.84
C CYS A 58 -3.14 -4.94 -13.10
N PRO A 59 -2.82 -5.83 -14.05
CA PRO A 59 -3.70 -6.95 -14.41
C PRO A 59 -3.77 -8.01 -13.31
N LYS A 60 -2.97 -7.84 -12.28
CA LYS A 60 -2.95 -8.76 -11.15
C LYS A 60 -3.87 -8.29 -10.03
N GLN A 61 -3.93 -6.98 -9.83
CA GLN A 61 -4.77 -6.40 -8.79
C GLN A 61 -4.35 -6.90 -7.42
N GLY A 62 -3.06 -6.85 -7.14
CA GLY A 62 -2.56 -7.30 -5.86
C GLY A 62 -2.81 -6.29 -4.75
N HIS A 63 -3.24 -6.79 -3.60
CA HIS A 63 -3.53 -5.92 -2.45
C HIS A 63 -2.33 -5.85 -1.51
N LEU A 64 -2.37 -4.91 -0.58
CA LEU A 64 -1.28 -4.74 0.37
C LEU A 64 -1.63 -5.36 1.73
N GLN A 65 -0.79 -6.27 2.18
CA GLN A 65 -1.02 -6.94 3.46
C GLN A 65 -0.72 -6.01 4.63
N GLU A 66 -1.51 -6.12 5.68
CA GLU A 66 -1.34 -5.28 6.86
C GLU A 66 0.14 -5.18 7.26
N ASN A 67 0.84 -6.31 7.13
CA ASN A 67 2.26 -6.36 7.48
C ASN A 67 2.98 -5.10 7.00
N GLU A 68 2.55 -4.58 5.86
CA GLU A 68 3.15 -3.38 5.28
C GLU A 68 2.55 -2.12 5.90
N ILE A 69 1.28 -1.87 5.59
CA ILE A 69 0.58 -0.70 6.11
C ILE A 69 1.00 -0.41 7.55
N GLU A 70 1.04 -1.46 8.36
CA GLU A 70 1.42 -1.32 9.77
C GLU A 70 2.53 -0.27 9.93
N CYS A 71 3.70 -0.58 9.40
CA CYS A 71 4.84 0.33 9.49
C CYS A 71 4.69 1.48 8.50
N MET A 72 4.26 1.15 7.29
CA MET A 72 4.07 2.16 6.25
C MET A 72 3.47 3.43 6.82
N VAL A 73 2.35 3.29 7.53
CA VAL A 73 1.66 4.43 8.14
C VAL A 73 1.92 4.48 9.63
N ALA A 74 1.90 5.69 10.19
CA ALA A 74 2.13 5.88 11.62
C ALA A 74 1.04 5.20 12.44
N ALA A 75 1.09 5.37 13.76
CA ALA A 75 0.10 4.77 14.65
C ALA A 75 -1.23 5.51 14.57
N GLU A 76 -1.20 6.81 14.83
CA GLU A 76 -2.40 7.62 14.79
C GLU A 76 -3.20 7.35 13.52
N ILE A 77 -2.53 6.82 12.50
CA ILE A 77 -3.17 6.50 11.24
C ILE A 77 -3.67 5.06 11.21
N MET A 78 -2.80 4.14 11.60
CA MET A 78 -3.16 2.72 11.63
C MET A 78 -4.42 2.50 12.45
N GLN A 79 -4.57 3.24 13.54
CA GLN A 79 -5.73 3.13 14.41
C GLN A 79 -7.01 3.08 13.59
N ARG A 80 -7.13 4.00 12.63
CA ARG A 80 -8.32 4.07 11.78
C ARG A 80 -8.51 2.76 11.03
N TYR A 81 -7.48 2.32 10.32
CA TYR A 81 -7.54 1.09 9.55
C TYR A 81 -8.05 -0.06 10.41
N LYS A 82 -7.30 -0.37 11.47
CA LYS A 82 -7.67 -1.45 12.38
C LYS A 82 -9.17 -1.44 12.65
N LYS A 83 -9.73 -0.25 12.81
CA LYS A 83 -11.16 -0.10 13.07
C LYS A 83 -11.98 -0.45 11.84
N LEU A 84 -11.56 0.06 10.69
CA LEU A 84 -12.27 -0.21 9.44
C LEU A 84 -12.44 -1.71 9.22
N GLN A 85 -11.34 -2.44 9.27
CA GLN A 85 -11.37 -3.89 9.08
C GLN A 85 -12.33 -4.54 10.06
N PHE A 86 -12.25 -4.14 11.32
CA PHE A 86 -13.12 -4.69 12.37
C PHE A 86 -14.59 -4.57 11.97
N GLU A 87 -14.99 -3.35 11.58
CA GLU A 87 -16.37 -3.11 11.19
C GLU A 87 -16.87 -4.20 10.24
N ARG A 88 -16.06 -4.53 9.24
CA ARG A 88 -16.42 -5.56 8.28
C ARG A 88 -15.78 -6.89 8.64
N SER A 89 -15.80 -7.23 9.92
CA SER A 89 -15.21 -8.48 10.40
C SER A 89 -16.30 -9.53 10.63
N GLY A 90 -16.36 -10.50 9.73
CA GLY A 90 -17.35 -11.55 9.85
C GLY A 90 -17.21 -12.61 8.78
N PRO A 91 -17.36 -12.21 7.51
CA PRO A 91 -17.25 -13.11 6.36
C PRO A 91 -15.82 -13.58 6.13
N SER A 92 -15.59 -14.87 6.34
CA SER A 92 -14.26 -15.44 6.16
C SER A 92 -13.74 -15.16 4.76
N SER A 93 -12.62 -14.46 4.68
CA SER A 93 -12.01 -14.12 3.39
C SER A 93 -11.50 -15.37 2.69
N GLY A 94 -12.19 -15.78 1.63
CA GLY A 94 -11.79 -16.96 0.88
C GLY A 94 -10.29 -17.07 0.73
N GLY A 1 27.97 2.70 -14.95
CA GLY A 1 28.28 3.00 -13.57
C GLY A 1 27.07 3.43 -12.77
N SER A 2 26.02 2.62 -12.82
CA SER A 2 24.79 2.93 -12.10
C SER A 2 24.59 1.97 -10.92
N SER A 3 24.24 2.54 -9.76
CA SER A 3 24.02 1.74 -8.56
C SER A 3 22.93 0.70 -8.79
N GLY A 4 21.74 1.17 -9.18
CA GLY A 4 20.63 0.27 -9.41
C GLY A 4 19.31 0.85 -8.98
N SER A 5 18.45 1.15 -9.94
CA SER A 5 17.13 1.73 -9.64
C SER A 5 16.03 0.91 -10.29
N SER A 6 14.80 1.12 -9.83
CA SER A 6 13.64 0.40 -10.36
C SER A 6 12.62 1.37 -10.95
N GLY A 7 12.75 2.64 -10.59
CA GLY A 7 11.83 3.65 -11.08
C GLY A 7 10.42 3.47 -10.54
N CYS A 8 9.66 4.55 -10.53
CA CYS A 8 8.28 4.51 -10.04
C CYS A 8 7.28 4.59 -11.19
N LYS A 9 6.03 4.28 -10.89
CA LYS A 9 4.97 4.33 -11.90
C LYS A 9 4.09 5.56 -11.72
N LEU A 10 3.93 5.99 -10.47
CA LEU A 10 3.12 7.15 -10.16
C LEU A 10 3.87 8.44 -10.46
N CYS A 11 4.88 8.73 -9.64
CA CYS A 11 5.69 9.94 -9.82
C CYS A 11 6.70 9.75 -10.94
N LEU A 12 7.03 8.50 -11.22
CA LEU A 12 8.00 8.18 -12.27
C LEU A 12 9.35 8.82 -11.98
N GLY A 13 9.85 8.61 -10.76
CA GLY A 13 11.13 9.16 -10.38
C GLY A 13 12.21 8.10 -10.24
N GLU A 14 13.40 8.52 -9.80
CA GLU A 14 14.52 7.59 -9.64
C GLU A 14 14.81 7.37 -8.16
N TYR A 15 14.88 6.10 -7.75
CA TYR A 15 15.16 5.77 -6.36
C TYR A 15 15.74 4.35 -6.26
N PRO A 16 16.56 4.12 -5.23
CA PRO A 16 17.18 2.82 -4.99
C PRO A 16 16.18 1.77 -4.55
N VAL A 17 16.43 0.51 -4.95
CA VAL A 17 15.55 -0.59 -4.59
C VAL A 17 15.44 -0.73 -3.07
N GLU A 18 16.34 -0.08 -2.35
CA GLU A 18 16.33 -0.14 -0.90
C GLU A 18 15.14 0.62 -0.32
N GLN A 19 14.92 1.82 -0.82
CA GLN A 19 13.81 2.65 -0.35
C GLN A 19 12.48 2.12 -0.89
N MET A 20 12.48 1.68 -2.14
CA MET A 20 11.27 1.15 -2.76
C MET A 20 10.71 -0.01 -1.94
N THR A 21 9.45 -0.37 -2.22
CA THR A 21 8.80 -1.47 -1.51
C THR A 21 8.16 -2.44 -2.48
N THR A 22 8.55 -3.71 -2.41
CA THR A 22 8.01 -4.74 -3.28
C THR A 22 6.80 -5.42 -2.64
N ILE A 23 5.66 -5.37 -3.34
CA ILE A 23 4.45 -5.98 -2.84
C ILE A 23 4.46 -7.50 -3.04
N ALA A 24 4.04 -8.23 -2.02
CA ALA A 24 4.01 -9.69 -2.09
C ALA A 24 2.66 -10.18 -2.59
N GLN A 25 1.94 -9.31 -3.28
CA GLN A 25 0.63 -9.66 -3.82
C GLN A 25 0.61 -9.58 -5.34
N CYS A 26 1.21 -8.52 -5.87
CA CYS A 26 1.28 -8.33 -7.32
C CYS A 26 2.70 -7.99 -7.76
N GLN A 27 3.67 -8.43 -6.96
CA GLN A 27 5.08 -8.17 -7.28
C GLN A 27 5.26 -6.79 -7.90
N CYS A 28 4.72 -5.78 -7.23
CA CYS A 28 4.82 -4.40 -7.71
C CYS A 28 5.76 -3.59 -6.83
N ILE A 29 6.45 -2.62 -7.43
CA ILE A 29 7.37 -1.77 -6.70
C ILE A 29 6.94 -0.31 -6.76
N PHE A 30 7.07 0.39 -5.63
CA PHE A 30 6.69 1.79 -5.56
C PHE A 30 7.51 2.52 -4.50
N CYS A 31 7.84 3.78 -4.77
CA CYS A 31 8.63 4.58 -3.85
C CYS A 31 7.86 4.83 -2.56
N THR A 32 8.48 4.55 -1.42
CA THR A 32 7.86 4.75 -0.13
C THR A 32 6.91 5.94 -0.15
N LEU A 33 7.46 7.12 -0.44
CA LEU A 33 6.66 8.35 -0.50
C LEU A 33 5.26 8.05 -1.01
N CYS A 34 5.16 7.67 -2.28
CA CYS A 34 3.87 7.35 -2.89
C CYS A 34 3.09 6.37 -2.02
N LEU A 35 3.53 5.13 -2.00
CA LEU A 35 2.86 4.09 -1.22
C LEU A 35 2.36 4.65 0.11
N LYS A 36 3.12 5.58 0.68
CA LYS A 36 2.75 6.20 1.94
C LYS A 36 1.46 6.99 1.80
N GLN A 37 1.50 8.08 1.03
CA GLN A 37 0.32 8.91 0.82
C GLN A 37 -0.83 8.09 0.26
N TYR A 38 -0.51 7.08 -0.55
CA TYR A 38 -1.51 6.23 -1.15
C TYR A 38 -2.36 5.55 -0.09
N VAL A 39 -1.76 4.60 0.62
CA VAL A 39 -2.46 3.86 1.67
C VAL A 39 -3.02 4.82 2.73
N GLU A 40 -2.24 5.85 3.04
CA GLU A 40 -2.67 6.84 4.03
C GLU A 40 -4.06 7.39 3.70
N LEU A 41 -4.19 7.98 2.52
CA LEU A 41 -5.46 8.54 2.09
C LEU A 41 -6.57 7.51 2.20
N LEU A 42 -6.26 6.26 1.87
CA LEU A 42 -7.24 5.18 1.93
C LEU A 42 -7.70 4.95 3.37
N ILE A 43 -6.81 4.45 4.21
CA ILE A 43 -7.13 4.19 5.60
C ILE A 43 -7.74 5.42 6.27
N LYS A 44 -7.51 6.59 5.66
CA LYS A 44 -8.05 7.83 6.20
C LYS A 44 -9.43 8.13 5.62
N GLU A 45 -9.67 7.63 4.41
CA GLU A 45 -10.95 7.84 3.75
C GLU A 45 -12.08 7.17 4.52
N GLY A 46 -11.98 5.86 4.68
CA GLY A 46 -12.99 5.11 5.40
C GLY A 46 -13.86 4.28 4.49
N LEU A 47 -14.08 4.77 3.28
CA LEU A 47 -14.91 4.06 2.30
C LEU A 47 -14.27 2.73 1.92
N GLU A 48 -13.15 2.80 1.21
CA GLU A 48 -12.44 1.60 0.78
C GLU A 48 -11.58 1.04 1.91
N THR A 49 -12.04 -0.05 2.51
CA THR A 49 -11.31 -0.68 3.61
C THR A 49 -10.07 -1.40 3.10
N ALA A 50 -10.20 -2.05 1.95
CA ALA A 50 -9.09 -2.78 1.35
C ALA A 50 -8.14 -1.84 0.63
N ILE A 51 -6.84 -2.10 0.75
CA ILE A 51 -5.82 -1.27 0.11
C ILE A 51 -5.31 -1.94 -1.16
N SER A 52 -6.04 -1.76 -2.25
CA SER A 52 -5.66 -2.33 -3.54
C SER A 52 -4.34 -1.72 -4.04
N CYS A 53 -3.89 -2.19 -5.19
CA CYS A 53 -2.64 -1.70 -5.78
C CYS A 53 -2.83 -0.29 -6.34
N PRO A 54 -1.85 0.58 -6.07
CA PRO A 54 -1.88 1.98 -6.54
C PRO A 54 -1.71 2.09 -8.04
N ASP A 55 -1.65 0.95 -8.72
CA ASP A 55 -1.49 0.91 -10.16
C ASP A 55 -2.77 0.45 -10.84
N ALA A 56 -3.38 1.34 -11.62
CA ALA A 56 -4.62 1.02 -12.33
C ALA A 56 -4.36 0.05 -13.48
N ALA A 57 -3.09 -0.18 -13.77
CA ALA A 57 -2.71 -1.08 -14.85
C ALA A 57 -2.16 -2.39 -14.30
N CYS A 58 -2.63 -2.77 -13.12
CA CYS A 58 -2.20 -4.01 -12.48
C CYS A 58 -3.12 -5.17 -12.84
N PRO A 59 -2.62 -6.08 -13.70
CA PRO A 59 -3.38 -7.24 -14.15
C PRO A 59 -3.59 -8.26 -13.03
N LYS A 60 -2.84 -8.11 -11.95
CA LYS A 60 -2.94 -9.02 -10.81
C LYS A 60 -3.93 -8.48 -9.78
N GLN A 61 -4.06 -7.16 -9.72
CA GLN A 61 -4.97 -6.52 -8.78
C GLN A 61 -4.67 -6.97 -7.34
N GLY A 62 -3.39 -6.95 -6.99
CA GLY A 62 -2.99 -7.35 -5.65
C GLY A 62 -3.04 -6.21 -4.66
N HIS A 63 -3.50 -6.49 -3.45
CA HIS A 63 -3.61 -5.47 -2.41
C HIS A 63 -2.36 -5.47 -1.52
N LEU A 64 -2.34 -4.58 -0.54
CA LEU A 64 -1.20 -4.47 0.38
C LEU A 64 -1.45 -5.32 1.63
N GLN A 65 -0.36 -5.76 2.26
CA GLN A 65 -0.45 -6.58 3.45
C GLN A 65 -0.51 -5.70 4.70
N GLU A 66 -0.88 -6.30 5.83
CA GLU A 66 -0.96 -5.57 7.09
C GLU A 66 0.41 -5.07 7.52
N ASN A 67 1.32 -5.99 7.79
CA ASN A 67 2.67 -5.64 8.21
C ASN A 67 3.25 -4.53 7.34
N GLU A 68 3.02 -4.63 6.03
CA GLU A 68 3.51 -3.62 5.10
C GLU A 68 2.92 -2.25 5.41
N ILE A 69 1.64 -2.22 5.77
CA ILE A 69 0.98 -0.97 6.09
C ILE A 69 1.42 -0.45 7.45
N GLU A 70 1.30 -1.29 8.48
CA GLU A 70 1.69 -0.92 9.83
C GLU A 70 2.90 0.02 9.81
N CYS A 71 4.01 -0.47 9.28
CA CYS A 71 5.24 0.31 9.20
C CYS A 71 5.04 1.52 8.28
N MET A 72 4.31 1.32 7.19
CA MET A 72 4.06 2.40 6.24
C MET A 72 3.42 3.60 6.93
N VAL A 73 2.20 3.42 7.41
CA VAL A 73 1.49 4.50 8.11
C VAL A 73 1.83 4.52 9.60
N ALA A 74 1.33 5.53 10.29
CA ALA A 74 1.58 5.66 11.72
C ALA A 74 0.45 5.05 12.53
N ALA A 75 0.61 5.04 13.86
CA ALA A 75 -0.40 4.48 14.75
C ALA A 75 -1.74 5.20 14.58
N GLU A 76 -1.68 6.52 14.47
CA GLU A 76 -2.88 7.32 14.32
C GLU A 76 -3.73 6.82 13.15
N ILE A 77 -3.07 6.51 12.05
CA ILE A 77 -3.76 6.00 10.87
C ILE A 77 -4.06 4.51 10.99
N MET A 78 -3.01 3.73 11.18
CA MET A 78 -3.16 2.28 11.32
C MET A 78 -4.44 1.94 12.08
N GLN A 79 -4.69 2.63 13.17
CA GLN A 79 -5.88 2.41 13.97
C GLN A 79 -7.14 2.45 13.11
N ARG A 80 -7.27 3.51 12.33
CA ARG A 80 -8.43 3.68 11.45
C ARG A 80 -8.60 2.46 10.54
N TYR A 81 -7.51 1.76 10.30
CA TYR A 81 -7.53 0.58 9.44
C TYR A 81 -8.04 -0.64 10.21
N LYS A 82 -7.54 -0.81 11.43
CA LYS A 82 -7.95 -1.93 12.27
C LYS A 82 -9.46 -1.98 12.44
N LYS A 83 -10.05 -0.86 12.87
CA LYS A 83 -11.49 -0.78 13.06
C LYS A 83 -12.21 -0.88 11.73
N LEU A 84 -11.62 -0.32 10.69
CA LEU A 84 -12.21 -0.35 9.35
C LEU A 84 -12.39 -1.78 8.87
N GLN A 85 -11.42 -2.63 9.17
CA GLN A 85 -11.47 -4.03 8.76
C GLN A 85 -12.60 -4.76 9.49
N PHE A 86 -12.94 -4.29 10.67
CA PHE A 86 -14.00 -4.90 11.47
C PHE A 86 -15.37 -4.51 10.92
N GLU A 87 -15.41 -3.44 10.13
CA GLU A 87 -16.66 -2.96 9.55
C GLU A 87 -17.16 -3.93 8.48
N ARG A 88 -16.27 -4.32 7.57
CA ARG A 88 -16.62 -5.23 6.50
C ARG A 88 -16.61 -6.67 6.99
N SER A 89 -16.54 -6.85 8.30
CA SER A 89 -16.52 -8.18 8.90
C SER A 89 -17.86 -8.52 9.54
N GLY A 90 -18.34 -7.62 10.39
CA GLY A 90 -19.62 -7.84 11.06
C GLY A 90 -19.46 -8.25 12.51
N PRO A 91 -20.57 -8.25 13.25
CA PRO A 91 -20.58 -8.63 14.67
C PRO A 91 -20.31 -10.11 14.88
N SER A 92 -19.76 -10.45 16.04
CA SER A 92 -19.46 -11.84 16.36
C SER A 92 -19.55 -12.08 17.86
N SER A 93 -19.39 -13.34 18.27
CA SER A 93 -19.45 -13.70 19.68
C SER A 93 -18.54 -12.81 20.52
N GLY A 94 -19.11 -11.76 21.09
CA GLY A 94 -18.33 -10.85 21.91
C GLY A 94 -19.20 -9.89 22.70
N GLY A 1 16.09 -0.73 -15.62
CA GLY A 1 16.72 -0.16 -14.45
C GLY A 1 18.09 -0.76 -14.17
N SER A 2 18.92 -0.83 -15.21
CA SER A 2 20.25 -1.38 -15.07
C SER A 2 21.06 -0.63 -14.02
N SER A 3 21.12 0.69 -14.17
CA SER A 3 21.85 1.53 -13.22
C SER A 3 21.50 1.17 -11.79
N GLY A 4 20.21 1.12 -11.49
CA GLY A 4 19.77 0.79 -10.15
C GLY A 4 18.27 0.98 -9.96
N SER A 5 17.86 2.22 -9.67
CA SER A 5 16.45 2.53 -9.47
C SER A 5 15.58 1.76 -10.45
N SER A 6 14.36 1.45 -10.03
CA SER A 6 13.43 0.71 -10.87
C SER A 6 12.42 1.66 -11.52
N GLY A 7 12.33 2.87 -10.99
CA GLY A 7 11.40 3.84 -11.53
C GLY A 7 10.00 3.70 -10.96
N CYS A 8 9.41 4.82 -10.55
CA CYS A 8 8.07 4.81 -9.99
C CYS A 8 7.02 5.00 -11.07
N LYS A 9 5.76 4.74 -10.74
CA LYS A 9 4.66 4.89 -11.67
C LYS A 9 3.86 6.16 -11.40
N LEU A 10 3.71 6.49 -10.12
CA LEU A 10 2.97 7.68 -9.72
C LEU A 10 3.82 8.93 -9.89
N CYS A 11 4.80 9.10 -9.00
CA CYS A 11 5.69 10.26 -9.07
C CYS A 11 6.66 10.14 -10.24
N LEU A 12 6.77 8.94 -10.80
CA LEU A 12 7.66 8.70 -11.93
C LEU A 12 9.07 9.18 -11.62
N GLY A 13 9.56 8.86 -10.42
CA GLY A 13 10.89 9.27 -10.03
C GLY A 13 11.90 8.13 -10.12
N GLU A 14 13.02 8.29 -9.42
CA GLU A 14 14.06 7.27 -9.43
C GLU A 14 14.63 7.07 -8.02
N TYR A 15 14.29 5.93 -7.42
CA TYR A 15 14.75 5.61 -6.07
C TYR A 15 15.39 4.22 -6.03
N PRO A 16 16.32 4.04 -5.09
CA PRO A 16 17.03 2.75 -4.92
C PRO A 16 16.11 1.67 -4.36
N VAL A 17 16.00 0.57 -5.10
CA VAL A 17 15.16 -0.55 -4.69
C VAL A 17 15.20 -0.73 -3.18
N GLU A 18 16.38 -0.58 -2.60
CA GLU A 18 16.56 -0.73 -1.16
C GLU A 18 15.50 0.06 -0.40
N GLN A 19 15.34 1.32 -0.76
CA GLN A 19 14.35 2.18 -0.11
C GLN A 19 12.93 1.83 -0.56
N MET A 20 12.78 1.55 -1.86
CA MET A 20 11.48 1.19 -2.41
C MET A 20 10.89 0.00 -1.68
N THR A 21 9.61 -0.28 -1.94
CA THR A 21 8.93 -1.39 -1.30
C THR A 21 8.23 -2.27 -2.35
N THR A 22 8.69 -3.51 -2.46
CA THR A 22 8.12 -4.46 -3.40
C THR A 22 6.92 -5.19 -2.81
N ILE A 23 5.79 -5.13 -3.50
CA ILE A 23 4.57 -5.79 -3.04
C ILE A 23 4.63 -7.30 -3.30
N ALA A 24 4.40 -8.08 -2.25
CA ALA A 24 4.42 -9.54 -2.37
C ALA A 24 3.07 -10.06 -2.84
N GLN A 25 2.30 -9.21 -3.52
CA GLN A 25 0.99 -9.59 -4.02
C GLN A 25 0.95 -9.51 -5.54
N CYS A 26 1.45 -8.41 -6.08
CA CYS A 26 1.47 -8.21 -7.53
C CYS A 26 2.85 -7.76 -8.00
N GLN A 27 3.88 -8.25 -7.31
CA GLN A 27 5.26 -7.90 -7.67
C GLN A 27 5.35 -6.47 -8.18
N CYS A 28 4.73 -5.55 -7.45
CA CYS A 28 4.74 -4.14 -7.83
C CYS A 28 5.57 -3.32 -6.85
N ILE A 29 6.47 -2.50 -7.39
CA ILE A 29 7.34 -1.66 -6.57
C ILE A 29 6.85 -0.22 -6.57
N PHE A 30 6.98 0.44 -5.42
CA PHE A 30 6.55 1.83 -5.28
C PHE A 30 7.36 2.54 -4.19
N CYS A 31 7.84 3.74 -4.51
CA CYS A 31 8.62 4.52 -3.56
C CYS A 31 7.82 4.80 -2.30
N THR A 32 8.39 4.45 -1.15
CA THR A 32 7.73 4.66 0.13
C THR A 32 6.86 5.92 0.10
N LEU A 33 7.43 7.01 -0.36
CA LEU A 33 6.71 8.28 -0.44
C LEU A 33 5.28 8.05 -0.91
N CYS A 34 5.14 7.65 -2.18
CA CYS A 34 3.82 7.41 -2.76
C CYS A 34 3.12 6.27 -2.03
N LEU A 35 3.63 5.05 -2.20
CA LEU A 35 3.05 3.88 -1.56
C LEU A 35 2.52 4.21 -0.17
N LYS A 36 3.19 5.15 0.50
CA LYS A 36 2.79 5.57 1.83
C LYS A 36 1.51 6.41 1.77
N GLN A 37 1.60 7.55 1.08
CA GLN A 37 0.45 8.45 0.95
C GLN A 37 -0.75 7.71 0.36
N TYR A 38 -0.50 6.96 -0.72
CA TYR A 38 -1.57 6.22 -1.37
C TYR A 38 -2.44 5.49 -0.36
N VAL A 39 -1.86 4.49 0.31
CA VAL A 39 -2.58 3.71 1.31
C VAL A 39 -3.22 4.63 2.35
N GLU A 40 -2.57 5.76 2.61
CA GLU A 40 -3.09 6.71 3.59
C GLU A 40 -4.39 7.34 3.11
N LEU A 41 -4.33 8.06 1.99
CA LEU A 41 -5.50 8.71 1.43
C LEU A 41 -6.69 7.75 1.40
N LEU A 42 -6.43 6.51 1.04
CA LEU A 42 -7.47 5.48 0.97
C LEU A 42 -8.09 5.25 2.34
N ILE A 43 -7.27 4.84 3.30
CA ILE A 43 -7.73 4.58 4.65
C ILE A 43 -8.65 5.69 5.14
N LYS A 44 -8.22 6.93 4.94
CA LYS A 44 -9.02 8.09 5.34
C LYS A 44 -10.47 7.94 4.91
N GLU A 45 -10.67 7.40 3.72
CA GLU A 45 -12.02 7.21 3.19
C GLU A 45 -12.81 6.25 4.07
N GLY A 46 -12.45 4.97 4.02
CA GLY A 46 -13.14 3.98 4.82
C GLY A 46 -14.35 3.39 4.11
N LEU A 47 -14.17 3.04 2.84
CA LEU A 47 -15.26 2.49 2.04
C LEU A 47 -14.83 1.18 1.38
N GLU A 48 -13.55 1.06 1.10
CA GLU A 48 -13.01 -0.15 0.48
C GLU A 48 -12.60 -1.18 1.53
N THR A 49 -12.25 -0.69 2.71
CA THR A 49 -11.84 -1.57 3.81
C THR A 49 -10.71 -2.50 3.37
N ALA A 50 -9.89 -2.03 2.44
CA ALA A 50 -8.77 -2.81 1.94
C ALA A 50 -7.80 -1.94 1.14
N ILE A 51 -6.51 -2.21 1.29
CA ILE A 51 -5.48 -1.46 0.59
C ILE A 51 -5.01 -2.20 -0.66
N SER A 52 -5.68 -1.96 -1.78
CA SER A 52 -5.33 -2.62 -3.04
C SER A 52 -4.10 -1.96 -3.66
N CYS A 53 -3.75 -2.40 -4.87
CA CYS A 53 -2.59 -1.86 -5.57
C CYS A 53 -2.87 -0.44 -6.06
N PRO A 54 -1.89 0.46 -5.86
CA PRO A 54 -2.00 1.85 -6.28
C PRO A 54 -1.96 2.01 -7.79
N ASP A 55 -1.87 0.89 -8.49
CA ASP A 55 -1.83 0.90 -9.95
C ASP A 55 -3.20 0.59 -10.54
N ALA A 56 -3.58 1.32 -11.59
CA ALA A 56 -4.86 1.13 -12.24
C ALA A 56 -4.74 0.13 -13.40
N ALA A 57 -3.54 0.04 -13.96
CA ALA A 57 -3.30 -0.88 -15.07
C ALA A 57 -2.62 -2.16 -14.59
N CYS A 58 -3.00 -2.61 -13.39
CA CYS A 58 -2.42 -3.82 -12.82
C CYS A 58 -3.27 -5.04 -13.18
N PRO A 59 -2.68 -5.96 -13.96
CA PRO A 59 -3.36 -7.19 -14.39
C PRO A 59 -3.58 -8.16 -13.24
N LYS A 60 -2.74 -8.06 -12.20
CA LYS A 60 -2.85 -8.93 -11.04
C LYS A 60 -3.85 -8.37 -10.04
N GLN A 61 -3.86 -7.05 -9.89
CA GLN A 61 -4.78 -6.40 -8.96
C GLN A 61 -4.56 -6.90 -7.54
N GLY A 62 -3.30 -6.89 -7.10
CA GLY A 62 -2.98 -7.35 -5.75
C GLY A 62 -3.24 -6.30 -4.70
N HIS A 63 -2.77 -6.55 -3.48
CA HIS A 63 -2.95 -5.61 -2.39
C HIS A 63 -1.71 -5.56 -1.50
N LEU A 64 -1.75 -4.70 -0.48
CA LEU A 64 -0.63 -4.55 0.44
C LEU A 64 -0.84 -5.39 1.70
N GLN A 65 0.22 -6.06 2.14
CA GLN A 65 0.15 -6.90 3.33
C GLN A 65 0.01 -6.05 4.59
N GLU A 66 -0.85 -6.49 5.50
CA GLU A 66 -1.08 -5.77 6.75
C GLU A 66 0.24 -5.29 7.35
N ASN A 67 1.17 -6.22 7.53
CA ASN A 67 2.47 -5.91 8.11
C ASN A 67 3.04 -4.63 7.49
N GLU A 68 3.05 -4.58 6.16
CA GLU A 68 3.58 -3.42 5.45
C GLU A 68 2.91 -2.14 5.95
N ILE A 69 1.59 -2.09 5.84
CA ILE A 69 0.84 -0.91 6.28
C ILE A 69 1.19 -0.55 7.72
N GLU A 70 1.00 -1.50 8.63
CA GLU A 70 1.30 -1.29 10.04
C GLU A 70 2.51 -0.37 10.21
N CYS A 71 3.64 -0.79 9.66
CA CYS A 71 4.86 0.00 9.76
C CYS A 71 4.76 1.27 8.92
N MET A 72 4.26 1.13 7.69
CA MET A 72 4.11 2.27 6.79
C MET A 72 3.45 3.44 7.51
N VAL A 73 2.21 3.24 7.97
CA VAL A 73 1.48 4.28 8.67
C VAL A 73 1.64 4.14 10.18
N ALA A 74 1.80 5.28 10.86
CA ALA A 74 1.96 5.29 12.31
C ALA A 74 0.71 4.74 13.00
N ALA A 75 0.83 4.45 14.29
CA ALA A 75 -0.28 3.94 15.07
C ALA A 75 -1.53 4.79 14.88
N GLU A 76 -1.42 6.07 15.25
CA GLU A 76 -2.55 6.99 15.13
C GLU A 76 -3.33 6.73 13.85
N ILE A 77 -2.61 6.46 12.76
CA ILE A 77 -3.24 6.19 11.47
C ILE A 77 -3.73 4.76 11.40
N MET A 78 -2.82 3.81 11.49
CA MET A 78 -3.15 2.39 11.44
C MET A 78 -4.52 2.14 12.08
N GLN A 79 -4.74 2.76 13.23
CA GLN A 79 -6.00 2.61 13.95
C GLN A 79 -7.19 2.78 13.01
N ARG A 80 -7.18 3.88 12.25
CA ARG A 80 -8.26 4.17 11.32
C ARG A 80 -8.56 2.95 10.43
N TYR A 81 -7.52 2.41 9.81
CA TYR A 81 -7.67 1.26 8.93
C TYR A 81 -8.24 0.07 9.70
N LYS A 82 -7.56 -0.31 10.78
CA LYS A 82 -7.99 -1.43 11.61
C LYS A 82 -9.47 -1.30 11.96
N LYS A 83 -9.91 -0.07 12.23
CA LYS A 83 -11.30 0.18 12.58
C LYS A 83 -12.23 -0.29 11.47
N LEU A 84 -11.84 -0.06 10.22
CA LEU A 84 -12.64 -0.46 9.08
C LEU A 84 -12.81 -1.98 9.05
N GLN A 85 -11.74 -2.70 9.33
CA GLN A 85 -11.77 -4.15 9.32
C GLN A 85 -12.65 -4.68 10.46
N PHE A 86 -12.47 -4.12 11.64
CA PHE A 86 -13.25 -4.53 12.81
C PHE A 86 -14.75 -4.42 12.53
N GLU A 87 -15.15 -3.29 11.96
CA GLU A 87 -16.56 -3.06 11.63
C GLU A 87 -17.18 -4.29 11.00
N ARG A 88 -16.57 -4.76 9.92
CA ARG A 88 -17.07 -5.95 9.20
C ARG A 88 -16.21 -7.17 9.51
N SER A 89 -16.46 -7.79 10.67
CA SER A 89 -15.70 -8.97 11.08
C SER A 89 -16.31 -9.58 12.33
N GLY A 90 -16.15 -10.90 12.48
CA GLY A 90 -16.68 -11.58 13.63
C GLY A 90 -15.84 -12.78 14.03
N PRO A 91 -16.21 -13.96 13.51
CA PRO A 91 -15.51 -15.22 13.80
C PRO A 91 -14.12 -15.26 13.16
N SER A 92 -14.01 -14.68 11.96
CA SER A 92 -12.74 -14.66 11.24
C SER A 92 -11.62 -14.13 12.13
N SER A 93 -10.39 -14.49 11.79
CA SER A 93 -9.23 -14.04 12.57
C SER A 93 -9.18 -12.52 12.64
N GLY A 94 -8.71 -12.01 13.78
CA GLY A 94 -8.63 -10.57 13.97
C GLY A 94 -9.95 -9.96 14.39
#